data_4NKX
#
_entry.id   4NKX
#
_cell.length_a   85.934
_cell.length_b   153.036
_cell.length_c   173.243
_cell.angle_alpha   90.00
_cell.angle_beta   90.00
_cell.angle_gamma   90.00
#
_symmetry.space_group_name_H-M   'P 21 21 21'
#
loop_
_entity.id
_entity.type
_entity.pdbx_description
1 polymer 'Steroid 17-alpha-hydroxylase/17,20 lyase'
2 non-polymer 'PROTOPORPHYRIN IX CONTAINING FE'
3 non-polymer PROGESTERONE
4 water water
#
_entity_poly.entity_id   1
_entity_poly.type   'polypeptide(L)'
_entity_poly.pdbx_seq_one_letter_code
;MAKKTGAKYPKSLLSLPLVGSLPFLPRHGHMHNNFFKLQKKYGPIYSVRMGTKTTVIVGHHQLAKEVLIKKGKDFSGRPQ
MATLDILSNNRKGIAFADSGAHWQLHRRLAMATFALFKDGDQKLEKIICQEISTLCDMLATHNGQSIDISFPVFVAVTNV
ISLICFNTSYKNGDPELNVIQNYNEGIIDNLSKDSLVDLVPWLKIFPNKTLEKLKSHVKIRNDLLNKILENYKEKFRSDS
ITNMLDTLMQAKMNSDNGNAGPDQDSELLSDNHILTTIGDIFGAGVETTTSVVKWTLAFLLHNPQVKKKLYEEIDQNVGF
SRTPTISDRNRLLLLEATIREVLRLRPVAPMLIPHKANVDSSIGEFAVDKGTEVIINLWALHHNEKEWHQPDQFMPERFL
NPAGTQLISPSVSYLPFGAGPRSCIGEILARQELFLIMAWLLQRFDLEVPDDGQLPSLEGIPKVVFLIDSFKVKIKVRQA
WREAQAEGSTHHHH
;
_entity_poly.pdbx_strand_id   A,B,C,D
#
# COMPACT_ATOMS: atom_id res chain seq x y z
N LEU A 13 -10.19 23.83 41.08
CA LEU A 13 -10.55 23.34 39.75
C LEU A 13 -10.75 21.83 39.76
N LEU A 14 -11.89 21.38 39.23
CA LEU A 14 -12.32 19.99 39.36
C LEU A 14 -11.84 19.08 38.22
N SER A 15 -11.81 17.79 38.50
CA SER A 15 -11.44 16.79 37.51
C SER A 15 -12.68 16.25 36.85
N LEU A 16 -12.57 15.93 35.57
CA LEU A 16 -13.71 15.49 34.76
C LEU A 16 -14.26 14.12 35.17
N PRO A 17 -15.59 14.01 35.26
CA PRO A 17 -16.18 12.67 35.39
C PRO A 17 -15.68 11.71 34.30
N LEU A 18 -15.32 10.50 34.72
CA LEU A 18 -14.74 9.51 33.84
C LEU A 18 -15.72 8.35 33.67
N VAL A 19 -16.31 8.25 32.48
CA VAL A 19 -17.32 7.22 32.23
C VAL A 19 -16.70 5.87 31.82
N GLY A 20 -15.42 5.88 31.50
CA GLY A 20 -14.73 4.66 31.11
C GLY A 20 -13.25 4.91 30.99
N SER A 21 -12.45 3.88 31.25
CA SER A 21 -11.02 3.96 31.05
C SER A 21 -10.52 2.62 30.52
N LEU A 22 -9.59 2.69 29.58
CA LEU A 22 -8.86 1.52 29.10
C LEU A 22 -7.39 1.84 29.08
N PRO A 23 -6.55 0.88 29.47
CA PRO A 23 -5.11 1.10 29.72
C PRO A 23 -4.26 1.28 28.47
N PHE A 24 -4.78 0.94 27.29
CA PHE A 24 -4.05 1.25 26.06
C PHE A 24 -5.00 1.44 24.88
N LEU A 25 -4.46 1.90 23.75
CA LEU A 25 -5.31 2.18 22.59
C LEU A 25 -5.75 0.87 21.91
N PRO A 26 -7.05 0.77 21.57
CA PRO A 26 -7.48 -0.39 20.77
C PRO A 26 -6.98 -0.29 19.32
N ARG A 27 -6.75 -1.45 18.71
CA ARG A 27 -6.28 -1.53 17.33
C ARG A 27 -4.95 -0.81 17.13
N HIS A 28 -4.18 -0.70 18.20
CA HIS A 28 -2.86 -0.08 18.16
C HIS A 28 -1.85 -1.03 18.78
N GLY A 29 -1.01 -1.61 17.93
CA GLY A 29 -0.13 -2.70 18.33
C GLY A 29 -0.86 -4.04 18.47
N HIS A 30 -0.12 -5.12 18.67
CA HIS A 30 -0.74 -6.41 18.88
C HIS A 30 -1.21 -6.60 20.34
N MET A 31 -2.46 -7.02 20.48
CA MET A 31 -3.08 -7.25 21.80
C MET A 31 -2.20 -8.01 22.78
N HIS A 32 -1.64 -9.12 22.33
CA HIS A 32 -0.90 -9.96 23.26
C HIS A 32 0.33 -9.23 23.74
N ASN A 33 0.90 -8.39 22.88
CA ASN A 33 2.05 -7.62 23.33
C ASN A 33 1.63 -6.44 24.20
N ASN A 34 0.42 -5.92 23.98
CA ASN A 34 -0.02 -4.75 24.73
C ASN A 34 -0.30 -5.13 26.17
N PHE A 35 -0.89 -6.31 26.34
CA PHE A 35 -1.10 -6.86 27.67
C PHE A 35 0.23 -7.19 28.35
N PHE A 36 1.21 -7.63 27.58
CA PHE A 36 2.50 -8.01 28.14
C PHE A 36 3.15 -6.78 28.77
N LYS A 37 3.14 -5.68 28.04
CA LYS A 37 3.72 -4.42 28.46
C LYS A 37 3.10 -3.87 29.75
N LEU A 38 1.84 -4.19 30.01
CA LEU A 38 1.19 -3.66 31.20
C LEU A 38 1.74 -4.26 32.48
N GLN A 39 2.40 -5.42 32.37
CA GLN A 39 2.87 -6.13 33.56
C GLN A 39 3.95 -5.34 34.28
N LYS A 40 4.70 -4.51 33.56
CA LYS A 40 5.64 -3.60 34.21
C LYS A 40 4.94 -2.80 35.31
N LYS A 41 3.69 -2.43 35.07
CA LYS A 41 2.94 -1.58 36.00
C LYS A 41 2.17 -2.38 37.03
N TYR A 42 1.45 -3.41 36.57
CA TYR A 42 0.32 -3.97 37.31
C TYR A 42 0.52 -5.36 37.89
N GLY A 43 1.57 -6.06 37.44
CA GLY A 43 1.78 -7.45 37.82
C GLY A 43 1.45 -8.44 36.70
N PRO A 44 1.80 -9.71 36.91
CA PRO A 44 1.58 -10.74 35.88
C PRO A 44 0.12 -11.15 35.77
N ILE A 45 -0.74 -10.63 36.64
CA ILE A 45 -2.17 -10.93 36.56
C ILE A 45 -3.04 -9.71 36.87
N TYR A 46 -4.01 -9.44 36.01
CA TYR A 46 -4.92 -8.31 36.19
C TYR A 46 -6.23 -8.55 35.43
N SER A 47 -7.17 -7.63 35.65
CA SER A 47 -8.48 -7.76 35.02
C SER A 47 -8.91 -6.48 34.33
N VAL A 48 -9.81 -6.65 33.38
CA VAL A 48 -10.48 -5.56 32.70
C VAL A 48 -11.95 -5.94 32.71
N ARG A 49 -12.82 -4.95 32.60
CA ARG A 49 -14.26 -5.17 32.64
C ARG A 49 -14.95 -4.41 31.53
N MET A 50 -15.72 -5.12 30.72
CA MET A 50 -16.54 -4.51 29.68
C MET A 50 -17.99 -4.74 29.99
N GLY A 51 -18.75 -3.67 30.19
CA GLY A 51 -20.12 -3.79 30.64
C GLY A 51 -20.19 -4.57 31.94
N THR A 52 -20.69 -5.80 31.83
CA THR A 52 -20.88 -6.66 33.00
C THR A 52 -19.84 -7.79 33.03
N LYS A 53 -19.17 -8.00 31.90
CA LYS A 53 -18.22 -9.08 31.74
C LYS A 53 -16.79 -8.72 32.16
N THR A 54 -16.26 -9.45 33.12
CA THR A 54 -14.88 -9.28 33.58
C THR A 54 -13.98 -10.31 32.91
N THR A 55 -12.80 -9.88 32.50
CA THR A 55 -11.82 -10.77 31.86
C THR A 55 -10.55 -10.65 32.67
N VAL A 56 -9.90 -11.78 32.90
CA VAL A 56 -8.63 -11.79 33.62
C VAL A 56 -7.52 -12.22 32.64
N ILE A 57 -6.36 -11.57 32.74
CA ILE A 57 -5.24 -11.84 31.85
C ILE A 57 -3.99 -12.22 32.65
N VAL A 58 -3.59 -13.48 32.52
CA VAL A 58 -2.49 -14.07 33.27
C VAL A 58 -1.24 -14.09 32.38
N GLY A 59 -0.08 -13.69 32.90
CA GLY A 59 1.13 -13.61 32.10
C GLY A 59 2.41 -14.08 32.78
N HIS A 60 2.28 -15.01 33.74
CA HIS A 60 3.45 -15.70 34.31
C HIS A 60 3.18 -17.21 34.34
N HIS A 61 4.21 -18.01 34.13
CA HIS A 61 4.01 -19.45 33.92
C HIS A 61 3.41 -20.15 35.13
N GLN A 62 3.77 -19.68 36.32
CA GLN A 62 3.30 -20.26 37.57
C GLN A 62 1.79 -20.15 37.64
N LEU A 63 1.29 -18.94 37.49
CA LEU A 63 -0.15 -18.71 37.57
C LEU A 63 -0.85 -19.36 36.38
N ALA A 64 -0.14 -19.46 35.26
CA ALA A 64 -0.71 -20.06 34.07
C ALA A 64 -0.91 -21.55 34.32
N LYS A 65 0.14 -22.21 34.80
CA LYS A 65 0.07 -23.63 35.09
C LYS A 65 -0.97 -23.96 36.16
N GLU A 66 -1.34 -22.97 36.95
CA GLU A 66 -2.39 -23.13 37.93
C GLU A 66 -3.76 -23.14 37.23
N VAL A 67 -3.91 -22.28 36.23
CA VAL A 67 -5.15 -22.19 35.47
C VAL A 67 -5.29 -23.36 34.51
N LEU A 68 -4.16 -23.78 33.95
CA LEU A 68 -4.19 -24.81 32.92
C LEU A 68 -4.21 -26.19 33.54
N ILE A 69 -3.28 -26.45 34.45
CA ILE A 69 -3.09 -27.81 34.99
C ILE A 69 -3.71 -28.01 36.37
N LYS A 70 -3.05 -27.50 37.42
CA LYS A 70 -3.47 -27.71 38.81
C LYS A 70 -4.98 -27.55 39.04
N LYS A 71 -5.55 -26.41 38.63
CA LYS A 71 -6.98 -26.21 38.72
C LYS A 71 -7.62 -26.22 37.33
N GLY A 72 -7.11 -27.10 36.47
CA GLY A 72 -7.60 -27.24 35.11
C GLY A 72 -9.12 -27.33 34.95
N LYS A 73 -9.74 -28.25 35.67
CA LYS A 73 -11.18 -28.49 35.52
C LYS A 73 -12.05 -27.31 35.95
N ASP A 74 -11.48 -26.41 36.75
CA ASP A 74 -12.19 -25.23 37.21
C ASP A 74 -12.25 -24.19 36.10
N PHE A 75 -11.20 -24.17 35.28
CA PHE A 75 -11.05 -23.16 34.21
C PHE A 75 -11.08 -23.74 32.80
N SER A 76 -11.79 -24.84 32.62
CA SER A 76 -11.77 -25.55 31.35
C SER A 76 -12.89 -25.10 30.43
N GLY A 77 -13.59 -24.02 30.81
CA GLY A 77 -14.72 -23.54 30.04
C GLY A 77 -14.34 -22.65 28.85
N ARG A 78 -15.31 -22.39 27.97
CA ARG A 78 -15.11 -21.51 26.83
C ARG A 78 -16.16 -20.45 26.92
N PRO A 79 -15.78 -19.17 26.73
CA PRO A 79 -16.79 -18.11 26.78
C PRO A 79 -17.52 -18.06 25.46
N GLN A 80 -18.75 -17.55 25.47
CA GLN A 80 -19.54 -17.45 24.27
C GLN A 80 -19.15 -16.19 23.50
N MET A 81 -19.00 -16.34 22.18
CA MET A 81 -18.76 -15.20 21.28
C MET A 81 -19.70 -15.30 20.09
N ALA A 82 -20.32 -14.19 19.70
CA ALA A 82 -21.25 -14.15 18.56
C ALA A 82 -20.68 -14.80 17.29
N THR A 83 -19.38 -14.56 17.08
CA THR A 83 -18.68 -15.02 15.91
C THR A 83 -18.37 -16.53 15.98
N LEU A 84 -18.21 -17.05 17.19
CA LEU A 84 -17.84 -18.46 17.36
C LEU A 84 -19.09 -19.32 17.37
N ASP A 85 -20.20 -18.73 17.82
CA ASP A 85 -21.49 -19.40 17.76
C ASP A 85 -21.71 -19.93 16.35
N ILE A 86 -21.34 -19.13 15.38
CA ILE A 86 -21.61 -19.45 13.99
C ILE A 86 -20.71 -20.56 13.50
N LEU A 87 -19.42 -20.47 13.80
CA LEU A 87 -18.46 -21.43 13.31
C LEU A 87 -18.68 -22.79 13.95
N SER A 88 -19.02 -22.79 15.23
CA SER A 88 -19.13 -24.01 16.01
C SER A 88 -20.57 -24.50 16.09
N ASN A 89 -21.47 -23.84 15.36
CA ASN A 89 -22.88 -24.21 15.35
C ASN A 89 -23.40 -24.24 16.78
N ASN A 90 -23.38 -23.07 17.43
CA ASN A 90 -23.80 -22.92 18.83
C ASN A 90 -23.01 -23.80 19.80
N ARG A 91 -21.73 -23.48 19.94
CA ARG A 91 -20.83 -24.14 20.89
C ARG A 91 -20.91 -25.67 20.83
N LYS A 92 -20.88 -26.22 19.62
CA LYS A 92 -20.63 -27.65 19.45
C LYS A 92 -19.17 -27.83 19.09
N GLY A 93 -18.82 -29.05 18.68
CA GLY A 93 -17.44 -29.34 18.31
C GLY A 93 -16.57 -29.57 19.52
N ILE A 94 -15.33 -29.14 19.42
CA ILE A 94 -14.39 -29.34 20.50
C ILE A 94 -13.86 -27.98 20.96
N ALA A 95 -13.11 -27.32 20.09
CA ALA A 95 -12.33 -26.14 20.44
C ALA A 95 -13.15 -25.05 21.11
N PHE A 96 -14.37 -24.83 20.60
CA PHE A 96 -15.17 -23.69 21.05
C PHE A 96 -16.42 -24.14 21.79
N ALA A 97 -16.38 -25.38 22.28
CA ALA A 97 -17.47 -25.92 23.09
C ALA A 97 -17.18 -25.65 24.56
N ASP A 98 -18.23 -25.36 25.32
CA ASP A 98 -18.08 -25.19 26.74
C ASP A 98 -17.73 -26.56 27.27
N SER A 99 -17.04 -26.62 28.40
CA SER A 99 -16.74 -27.90 29.04
C SER A 99 -18.08 -28.54 29.38
N GLY A 100 -18.19 -29.84 29.15
CA GLY A 100 -19.46 -30.52 29.32
C GLY A 100 -19.42 -31.90 28.73
N ALA A 101 -20.58 -32.53 28.63
CA ALA A 101 -20.66 -33.92 28.19
C ALA A 101 -20.25 -33.98 26.73
N HIS A 102 -20.95 -33.19 25.90
CA HIS A 102 -20.65 -33.10 24.48
C HIS A 102 -19.15 -32.94 24.23
N TRP A 103 -18.57 -31.90 24.81
CA TRP A 103 -17.16 -31.61 24.62
C TRP A 103 -16.29 -32.80 24.99
N GLN A 104 -16.52 -33.35 26.16
CA GLN A 104 -15.65 -34.40 26.71
C GLN A 104 -15.76 -35.66 25.87
N LEU A 105 -16.99 -35.96 25.44
CA LEU A 105 -17.23 -37.14 24.63
C LEU A 105 -16.47 -37.09 23.30
N HIS A 106 -16.66 -36.00 22.56
CA HIS A 106 -15.98 -35.84 21.27
C HIS A 106 -14.47 -35.72 21.39
N ARG A 107 -13.99 -35.01 22.41
CA ARG A 107 -12.55 -34.85 22.57
C ARG A 107 -11.87 -36.20 22.69
N ARG A 108 -12.49 -37.12 23.41
CA ARG A 108 -11.87 -38.41 23.68
C ARG A 108 -11.91 -39.30 22.44
N LEU A 109 -13.03 -39.22 21.72
CA LEU A 109 -13.19 -39.99 20.50
C LEU A 109 -12.18 -39.54 19.44
N ALA A 110 -11.99 -38.23 19.32
CA ALA A 110 -10.95 -37.68 18.47
C ALA A 110 -9.58 -38.25 18.85
N MET A 111 -9.20 -38.09 20.11
CA MET A 111 -7.91 -38.59 20.61
C MET A 111 -7.78 -40.09 20.40
N ALA A 112 -8.90 -40.81 20.55
CA ALA A 112 -8.91 -42.25 20.40
C ALA A 112 -8.52 -42.64 18.98
N THR A 113 -9.06 -41.91 18.01
CA THR A 113 -8.79 -42.15 16.61
C THR A 113 -7.31 -42.16 16.28
N PHE A 114 -6.52 -41.33 16.93
CA PHE A 114 -5.09 -41.27 16.61
C PHE A 114 -4.34 -42.56 16.97
N ALA A 115 -5.05 -43.50 17.58
CA ALA A 115 -4.46 -44.80 17.93
C ALA A 115 -4.53 -45.74 16.74
N LEU A 116 -5.52 -45.53 15.88
CA LEU A 116 -5.72 -46.35 14.68
C LEU A 116 -4.66 -46.14 13.59
N PHE A 117 -3.73 -45.22 13.84
CA PHE A 117 -2.72 -44.84 12.86
C PHE A 117 -1.30 -45.02 13.42
N LYS A 118 -1.18 -45.84 14.46
CA LYS A 118 0.11 -46.00 15.16
C LYS A 118 0.98 -47.07 14.49
N ASP A 119 0.38 -47.88 13.62
CA ASP A 119 1.13 -48.88 12.88
C ASP A 119 0.31 -49.43 11.71
N GLY A 120 0.96 -50.23 10.87
CA GLY A 120 0.31 -50.88 9.76
C GLY A 120 0.51 -50.15 8.44
N ASP A 121 -0.40 -50.37 7.51
CA ASP A 121 -0.38 -49.66 6.23
C ASP A 121 -0.85 -48.22 6.42
N GLN A 122 -1.51 -47.96 7.55
CA GLN A 122 -2.00 -46.63 7.89
C GLN A 122 -1.15 -45.95 8.97
N LYS A 123 0.12 -46.34 9.07
CA LYS A 123 1.02 -45.67 10.01
C LYS A 123 1.09 -44.20 9.62
N LEU A 124 0.74 -43.35 10.57
CA LEU A 124 0.69 -41.90 10.36
C LEU A 124 1.86 -41.37 9.53
N GLU A 125 3.07 -41.79 9.88
CA GLU A 125 4.28 -41.37 9.21
C GLU A 125 4.26 -41.71 7.72
N LYS A 126 3.62 -42.82 7.38
CA LYS A 126 3.50 -43.28 5.99
C LYS A 126 2.48 -42.44 5.24
N ILE A 127 1.39 -42.11 5.92
CA ILE A 127 0.38 -41.23 5.35
C ILE A 127 0.96 -39.85 5.07
N ILE A 128 1.75 -39.34 6.01
CA ILE A 128 2.37 -38.03 5.87
C ILE A 128 3.38 -38.04 4.73
N CYS A 129 4.35 -38.96 4.80
CA CYS A 129 5.43 -38.97 3.82
C CYS A 129 4.90 -39.12 2.40
N GLN A 130 3.72 -39.72 2.28
CA GLN A 130 3.14 -39.93 0.97
C GLN A 130 2.78 -38.57 0.37
N GLU A 131 2.10 -37.74 1.14
CA GLU A 131 1.65 -36.44 0.65
C GLU A 131 2.81 -35.45 0.52
N ILE A 132 3.85 -35.60 1.34
CA ILE A 132 5.02 -34.78 1.20
C ILE A 132 5.72 -35.10 -0.11
N SER A 133 5.73 -36.37 -0.48
CA SER A 133 6.41 -36.78 -1.71
C SER A 133 5.68 -36.26 -2.95
N THR A 134 4.35 -36.20 -2.88
CA THR A 134 3.58 -35.51 -3.90
C THR A 134 3.94 -34.02 -3.90
N LEU A 135 4.11 -33.45 -2.71
CA LEU A 135 4.42 -32.03 -2.55
C LEU A 135 5.76 -31.70 -3.18
N CYS A 136 6.82 -32.38 -2.77
CA CYS A 136 8.15 -32.09 -3.29
C CYS A 136 8.19 -32.21 -4.82
N ASP A 137 7.43 -33.16 -5.34
CA ASP A 137 7.34 -33.35 -6.77
C ASP A 137 6.81 -32.09 -7.43
N MET A 138 5.64 -31.63 -6.97
CA MET A 138 5.01 -30.45 -7.53
C MET A 138 5.99 -29.28 -7.50
N LEU A 139 6.53 -28.97 -6.33
CA LEU A 139 7.45 -27.85 -6.18
C LEU A 139 8.63 -27.93 -7.16
N ALA A 140 9.09 -29.14 -7.45
CA ALA A 140 10.28 -29.33 -8.27
C ALA A 140 10.04 -28.88 -9.68
N THR A 141 8.77 -28.79 -10.07
CA THR A 141 8.43 -28.34 -11.41
C THR A 141 8.73 -26.84 -11.53
N HIS A 142 8.70 -26.13 -10.40
CA HIS A 142 8.98 -24.70 -10.36
C HIS A 142 10.48 -24.43 -10.17
N ASN A 143 11.32 -25.36 -10.59
CA ASN A 143 12.76 -25.18 -10.47
C ASN A 143 13.17 -23.85 -11.07
N GLY A 144 13.80 -23.01 -10.26
CA GLY A 144 14.34 -21.76 -10.73
C GLY A 144 13.33 -20.62 -10.76
N GLN A 145 12.17 -20.82 -10.15
CA GLN A 145 11.16 -19.77 -10.04
C GLN A 145 10.89 -19.38 -8.59
N SER A 146 10.37 -18.16 -8.40
CA SER A 146 9.98 -17.67 -7.09
C SER A 146 8.47 -17.84 -6.96
N ILE A 147 8.03 -18.46 -5.87
CA ILE A 147 6.62 -18.84 -5.69
C ILE A 147 6.14 -18.71 -4.26
N ASP A 148 4.81 -18.63 -4.07
CA ASP A 148 4.20 -18.75 -2.75
C ASP A 148 3.82 -20.23 -2.50
N ILE A 149 4.51 -20.88 -1.55
CA ILE A 149 4.30 -22.30 -1.26
C ILE A 149 3.10 -22.57 -0.37
N SER A 150 2.31 -21.55 -0.07
CA SER A 150 1.12 -21.73 0.77
C SER A 150 0.16 -22.82 0.30
N PHE A 151 -0.23 -22.76 -0.97
CA PHE A 151 -1.26 -23.67 -1.48
C PHE A 151 -0.77 -25.10 -1.75
N PRO A 152 0.47 -25.24 -2.28
CA PRO A 152 1.05 -26.59 -2.32
C PRO A 152 1.08 -27.29 -0.95
N VAL A 153 1.33 -26.53 0.11
CA VAL A 153 1.42 -27.10 1.46
C VAL A 153 0.04 -27.34 2.05
N PHE A 154 -0.83 -26.35 1.89
CA PHE A 154 -2.22 -26.45 2.31
C PHE A 154 -2.79 -27.78 1.81
N VAL A 155 -2.54 -28.07 0.53
CA VAL A 155 -3.06 -29.27 -0.12
C VAL A 155 -2.54 -30.56 0.53
N ALA A 156 -1.24 -30.56 0.85
CA ALA A 156 -0.58 -31.71 1.43
C ALA A 156 -1.20 -32.10 2.77
N VAL A 157 -1.30 -31.13 3.68
CA VAL A 157 -1.78 -31.40 5.04
C VAL A 157 -3.29 -31.56 5.06
N THR A 158 -4.00 -30.99 4.09
CA THR A 158 -5.43 -31.25 3.95
C THR A 158 -5.65 -32.71 3.63
N ASN A 159 -4.77 -33.26 2.79
CA ASN A 159 -4.89 -34.64 2.38
C ASN A 159 -4.68 -35.56 3.56
N VAL A 160 -3.67 -35.27 4.37
CA VAL A 160 -3.39 -36.06 5.58
C VAL A 160 -4.58 -36.09 6.54
N ILE A 161 -5.16 -34.94 6.82
CA ILE A 161 -6.33 -34.86 7.68
C ILE A 161 -7.56 -35.53 7.07
N SER A 162 -7.69 -35.45 5.75
CA SER A 162 -8.82 -36.06 5.04
C SER A 162 -8.69 -37.59 5.12
N LEU A 163 -7.47 -38.09 5.01
CA LEU A 163 -7.21 -39.51 5.16
C LEU A 163 -7.50 -39.99 6.59
N ILE A 164 -7.28 -39.13 7.57
CA ILE A 164 -7.56 -39.46 8.96
C ILE A 164 -9.07 -39.41 9.27
N CYS A 165 -9.81 -38.62 8.53
CA CYS A 165 -11.22 -38.43 8.79
C CYS A 165 -12.10 -39.32 7.92
N PHE A 166 -11.64 -39.65 6.72
CA PHE A 166 -12.50 -40.34 5.75
C PHE A 166 -11.79 -41.45 4.99
N ASN A 167 -10.50 -41.67 5.27
CA ASN A 167 -9.68 -42.57 4.47
C ASN A 167 -9.65 -42.16 2.99
N THR A 168 -9.84 -40.87 2.71
CA THR A 168 -9.78 -40.36 1.34
C THR A 168 -8.92 -39.13 1.23
N SER A 169 -8.55 -38.80 -0.01
CA SER A 169 -7.76 -37.62 -0.31
C SER A 169 -8.22 -36.99 -1.63
N TYR A 170 -7.76 -35.78 -1.89
CA TYR A 170 -8.13 -35.03 -3.09
C TYR A 170 -7.07 -35.27 -4.15
N LYS A 171 -7.52 -35.36 -5.41
CA LYS A 171 -6.61 -35.49 -6.54
C LYS A 171 -6.08 -34.11 -6.95
N ASN A 172 -4.85 -34.04 -7.45
CA ASN A 172 -4.28 -32.76 -7.88
C ASN A 172 -5.11 -32.09 -8.97
N GLY A 173 -5.43 -30.82 -8.75
CA GLY A 173 -6.26 -30.07 -9.67
C GLY A 173 -7.71 -30.00 -9.23
N ASP A 174 -8.11 -30.86 -8.31
CA ASP A 174 -9.47 -30.84 -7.79
C ASP A 174 -9.80 -29.43 -7.29
N PRO A 175 -10.83 -28.81 -7.87
CA PRO A 175 -11.10 -27.42 -7.48
C PRO A 175 -11.79 -27.32 -6.13
N GLU A 176 -12.08 -28.45 -5.51
CA GLU A 176 -12.70 -28.40 -4.19
C GLU A 176 -11.72 -27.79 -3.17
N LEU A 177 -10.43 -28.06 -3.37
CA LEU A 177 -9.37 -27.50 -2.55
C LEU A 177 -9.40 -25.99 -2.60
N ASN A 178 -9.68 -25.46 -3.79
CA ASN A 178 -9.77 -24.02 -3.95
C ASN A 178 -10.98 -23.48 -3.21
N VAL A 179 -12.11 -24.16 -3.33
CA VAL A 179 -13.32 -23.78 -2.62
C VAL A 179 -13.07 -23.73 -1.13
N ILE A 180 -12.34 -24.75 -0.63
CA ILE A 180 -11.97 -24.83 0.78
C ILE A 180 -11.08 -23.65 1.20
N GLN A 181 -10.02 -23.40 0.45
CA GLN A 181 -9.10 -22.32 0.79
C GLN A 181 -9.82 -20.98 0.83
N ASN A 182 -10.79 -20.79 -0.05
CA ASN A 182 -11.53 -19.54 -0.11
C ASN A 182 -12.35 -19.29 1.14
N TYR A 183 -13.07 -20.32 1.60
CA TYR A 183 -13.88 -20.16 2.81
C TYR A 183 -13.04 -20.24 4.08
N ASN A 184 -11.95 -20.98 4.02
CA ASN A 184 -11.00 -20.99 5.13
C ASN A 184 -10.47 -19.57 5.37
N GLU A 185 -10.12 -18.91 4.27
CA GLU A 185 -9.52 -17.60 4.33
C GLU A 185 -10.60 -16.64 4.81
N GLY A 186 -11.83 -16.91 4.41
CA GLY A 186 -12.94 -16.02 4.69
C GLY A 186 -13.43 -16.13 6.10
N ILE A 187 -13.42 -17.35 6.63
CA ILE A 187 -13.80 -17.57 8.02
C ILE A 187 -12.79 -16.91 8.93
N ILE A 188 -11.51 -17.18 8.68
CA ILE A 188 -10.46 -16.55 9.46
C ILE A 188 -10.53 -15.04 9.42
N ASP A 189 -10.68 -14.43 8.25
CA ASP A 189 -10.71 -12.98 8.18
C ASP A 189 -11.89 -12.35 8.95
N ASN A 190 -13.03 -13.03 8.95
CA ASN A 190 -14.24 -12.51 9.59
C ASN A 190 -14.47 -13.07 10.99
N LEU A 191 -13.61 -13.97 11.44
CA LEU A 191 -13.80 -14.53 12.75
C LEU A 191 -13.51 -13.47 13.80
N SER A 192 -12.58 -12.57 13.49
CA SER A 192 -12.23 -11.46 14.37
C SER A 192 -11.29 -10.56 13.61
N LYS A 193 -11.40 -9.25 13.84
CA LYS A 193 -10.57 -8.29 13.11
C LYS A 193 -9.13 -8.65 13.37
N ASP A 194 -8.81 -8.84 14.64
CA ASP A 194 -7.46 -9.24 15.01
C ASP A 194 -7.52 -10.48 15.91
N SER A 195 -6.95 -10.42 17.11
CA SER A 195 -7.00 -11.58 17.99
C SER A 195 -8.45 -11.84 18.42
N LEU A 196 -8.71 -13.05 18.94
CA LEU A 196 -10.02 -13.41 19.47
C LEU A 196 -10.38 -12.52 20.63
N VAL A 197 -9.35 -12.16 21.40
CA VAL A 197 -9.51 -11.23 22.49
C VAL A 197 -9.79 -9.86 21.91
N ASP A 198 -11.01 -9.42 22.12
CA ASP A 198 -11.44 -8.09 21.74
C ASP A 198 -11.68 -7.38 23.05
N LEU A 199 -11.14 -6.17 23.16
CA LEU A 199 -11.45 -5.35 24.32
C LEU A 199 -12.90 -4.86 24.14
N VAL A 200 -13.12 -3.98 23.16
CA VAL A 200 -14.42 -3.39 22.91
C VAL A 200 -15.25 -4.22 21.91
N PRO A 201 -16.47 -4.64 22.29
CA PRO A 201 -17.31 -5.47 21.40
C PRO A 201 -17.87 -4.69 20.23
N TRP A 202 -16.98 -4.20 19.37
CA TRP A 202 -17.36 -3.35 18.24
C TRP A 202 -18.58 -3.87 17.49
N LEU A 203 -18.60 -5.16 17.17
CA LEU A 203 -19.60 -5.65 16.23
C LEU A 203 -21.03 -5.49 16.77
N LYS A 204 -21.16 -5.16 18.05
CA LYS A 204 -22.48 -4.92 18.65
C LYS A 204 -22.79 -3.42 18.80
N ILE A 205 -21.85 -2.59 18.36
CA ILE A 205 -21.93 -1.14 18.55
C ILE A 205 -22.27 -0.40 17.25
N PHE A 206 -21.58 -0.76 16.18
CA PHE A 206 -21.80 -0.13 14.88
C PHE A 206 -22.47 -1.07 13.87
N PRO A 207 -23.19 -0.49 12.88
CA PRO A 207 -23.77 -1.36 11.86
C PRO A 207 -22.64 -1.99 11.04
N ASN A 208 -22.67 -3.31 10.88
CA ASN A 208 -21.65 -4.01 10.11
C ASN A 208 -22.17 -5.34 9.51
N LYS A 209 -21.45 -5.84 8.51
CA LYS A 209 -21.84 -7.02 7.76
C LYS A 209 -20.92 -8.19 8.11
N THR A 210 -20.26 -8.12 9.25
CA THR A 210 -19.26 -9.11 9.64
C THR A 210 -19.90 -10.48 9.79
N LEU A 211 -21.05 -10.52 10.46
CA LEU A 211 -21.69 -11.78 10.76
C LEU A 211 -22.34 -12.41 9.54
N GLU A 212 -22.93 -11.58 8.69
CA GLU A 212 -23.52 -12.03 7.43
C GLU A 212 -22.46 -12.72 6.56
N LYS A 213 -21.27 -12.14 6.54
CA LYS A 213 -20.16 -12.68 5.78
C LYS A 213 -19.72 -14.03 6.33
N LEU A 214 -19.60 -14.11 7.64
CA LEU A 214 -19.12 -15.32 8.26
C LEU A 214 -20.12 -16.47 8.06
N LYS A 215 -21.41 -16.13 8.08
CA LYS A 215 -22.46 -17.13 7.92
C LYS A 215 -22.38 -17.71 6.54
N SER A 216 -22.14 -16.85 5.56
CA SER A 216 -22.20 -17.26 4.18
C SER A 216 -20.97 -18.09 3.78
N HIS A 217 -19.84 -17.86 4.43
CA HIS A 217 -18.67 -18.74 4.27
C HIS A 217 -18.87 -20.08 4.96
N VAL A 218 -19.39 -20.03 6.18
CA VAL A 218 -19.51 -21.22 6.99
C VAL A 218 -20.63 -22.07 6.45
N LYS A 219 -21.58 -21.44 5.77
CA LYS A 219 -22.65 -22.17 5.11
C LYS A 219 -22.04 -23.06 4.04
N ILE A 220 -21.18 -22.47 3.22
CA ILE A 220 -20.54 -23.23 2.17
C ILE A 220 -19.88 -24.45 2.78
N ARG A 221 -19.14 -24.26 3.86
CA ARG A 221 -18.31 -25.33 4.39
C ARG A 221 -19.20 -26.40 4.98
N ASN A 222 -20.25 -25.99 5.68
CA ASN A 222 -21.19 -26.93 6.27
C ASN A 222 -21.96 -27.71 5.21
N ASP A 223 -22.18 -27.10 4.04
CA ASP A 223 -22.76 -27.80 2.92
C ASP A 223 -21.81 -28.92 2.53
N LEU A 224 -20.56 -28.56 2.28
CA LEU A 224 -19.58 -29.52 1.80
C LEU A 224 -19.44 -30.68 2.78
N LEU A 225 -19.48 -30.40 4.07
CA LEU A 225 -19.33 -31.45 5.06
C LEU A 225 -20.51 -32.40 5.05
N ASN A 226 -21.72 -31.83 5.11
CA ASN A 226 -22.96 -32.61 5.07
C ASN A 226 -23.04 -33.50 3.82
N LYS A 227 -22.43 -33.05 2.73
CA LYS A 227 -22.43 -33.78 1.48
C LYS A 227 -21.56 -35.04 1.64
N ILE A 228 -20.40 -34.88 2.24
CA ILE A 228 -19.51 -35.99 2.56
C ILE A 228 -20.16 -36.95 3.53
N LEU A 229 -20.94 -36.39 4.45
CA LEU A 229 -21.55 -37.17 5.51
C LEU A 229 -22.53 -38.16 4.91
N GLU A 230 -23.36 -37.69 3.98
CA GLU A 230 -24.34 -38.55 3.31
C GLU A 230 -23.66 -39.64 2.48
N ASN A 231 -22.68 -39.25 1.67
CA ASN A 231 -21.96 -40.20 0.84
C ASN A 231 -20.93 -41.01 1.62
N TYR A 232 -21.18 -41.17 2.92
CA TYR A 232 -20.39 -42.04 3.78
C TYR A 232 -21.29 -42.89 4.67
N LYS A 233 -22.53 -42.44 4.87
CA LYS A 233 -23.50 -43.20 5.64
C LYS A 233 -23.77 -44.56 4.98
N GLU A 234 -23.50 -44.66 3.68
CA GLU A 234 -23.65 -45.91 2.96
C GLU A 234 -22.38 -46.74 3.02
N LYS A 235 -21.23 -46.07 3.00
CA LYS A 235 -19.94 -46.76 2.95
C LYS A 235 -19.46 -47.25 4.31
N PHE A 236 -20.28 -47.02 5.34
CA PHE A 236 -19.89 -47.33 6.71
C PHE A 236 -20.30 -48.73 7.12
N ARG A 237 -19.41 -49.40 7.84
CA ARG A 237 -19.66 -50.75 8.32
C ARG A 237 -18.89 -50.99 9.63
N SER A 238 -19.60 -51.42 10.68
CA SER A 238 -19.00 -51.67 11.98
C SER A 238 -17.80 -52.63 11.94
N ASP A 239 -17.73 -53.47 10.91
CA ASP A 239 -16.61 -54.40 10.73
C ASP A 239 -15.31 -53.65 10.49
N SER A 240 -15.42 -52.44 9.95
CA SER A 240 -14.25 -51.61 9.60
C SER A 240 -14.31 -50.26 10.29
N ILE A 241 -13.46 -50.10 11.30
CA ILE A 241 -13.25 -48.81 11.96
C ILE A 241 -11.80 -48.40 11.72
N THR A 242 -11.61 -47.50 10.76
CA THR A 242 -10.28 -47.13 10.29
C THR A 242 -9.98 -45.64 10.36
N ASN A 243 -11.02 -44.82 10.51
CA ASN A 243 -10.86 -43.38 10.49
C ASN A 243 -11.77 -42.67 11.49
N MET A 244 -11.56 -41.37 11.66
CA MET A 244 -12.26 -40.61 12.68
C MET A 244 -13.77 -40.67 12.53
N LEU A 245 -14.25 -40.66 11.30
CA LEU A 245 -15.69 -40.63 11.07
C LEU A 245 -16.33 -41.97 11.41
N ASP A 246 -15.55 -43.03 11.36
CA ASP A 246 -16.03 -44.35 11.76
C ASP A 246 -16.20 -44.35 13.27
N THR A 247 -15.17 -43.87 13.96
CA THR A 247 -15.12 -43.84 15.41
C THR A 247 -16.33 -43.12 15.99
N LEU A 248 -16.74 -42.05 15.34
CA LEU A 248 -17.84 -41.23 15.83
C LEU A 248 -19.20 -41.91 15.63
N MET A 249 -19.31 -42.66 14.54
CA MET A 249 -20.54 -43.38 14.20
C MET A 249 -20.65 -44.67 15.00
N GLN A 250 -19.52 -45.32 15.22
CA GLN A 250 -19.47 -46.49 16.09
C GLN A 250 -20.07 -46.11 17.44
N ALA A 251 -19.48 -45.11 18.07
CA ALA A 251 -19.92 -44.64 19.38
C ALA A 251 -21.38 -44.12 19.43
N LYS A 252 -21.95 -43.79 18.27
CA LYS A 252 -23.32 -43.26 18.21
C LYS A 252 -24.41 -44.33 18.25
N MET A 253 -24.20 -45.45 17.56
CA MET A 253 -25.21 -46.50 17.49
C MET A 253 -25.19 -47.34 18.77
N ASN A 254 -24.03 -47.46 19.38
CA ASN A 254 -23.90 -48.10 20.69
C ASN A 254 -24.77 -47.44 21.76
N SER A 255 -25.25 -46.24 21.46
CA SER A 255 -26.19 -45.52 22.31
C SER A 255 -27.62 -45.74 21.81
N GLN A 264 -28.55 -42.34 25.94
CA GLN A 264 -28.03 -41.28 26.82
C GLN A 264 -27.15 -40.33 26.02
N ASP A 265 -26.48 -40.87 25.00
CA ASP A 265 -25.54 -40.11 24.18
C ASP A 265 -26.06 -39.84 22.76
N SER A 266 -27.26 -40.31 22.44
CA SER A 266 -27.80 -40.19 21.09
C SER A 266 -27.97 -38.72 20.67
N GLU A 267 -28.09 -37.85 21.67
CA GLU A 267 -28.23 -36.40 21.42
C GLU A 267 -26.86 -35.75 21.24
N LEU A 268 -25.85 -36.31 21.91
CA LEU A 268 -24.50 -35.74 21.90
C LEU A 268 -23.71 -36.11 20.66
N LEU A 269 -24.36 -36.84 19.75
CA LEU A 269 -23.70 -37.31 18.54
C LEU A 269 -24.64 -37.19 17.36
N SER A 270 -25.44 -36.13 17.34
CA SER A 270 -26.30 -35.86 16.18
C SER A 270 -25.43 -35.57 14.96
N ASP A 271 -26.08 -35.26 13.84
CA ASP A 271 -25.34 -34.95 12.63
C ASP A 271 -24.52 -33.68 12.83
N ASN A 272 -25.19 -32.63 13.33
CA ASN A 272 -24.53 -31.37 13.59
C ASN A 272 -23.33 -31.51 14.54
N HIS A 273 -23.41 -32.47 15.47
CA HIS A 273 -22.35 -32.65 16.45
C HIS A 273 -21.08 -33.25 15.85
N ILE A 274 -21.25 -34.19 14.93
CA ILE A 274 -20.13 -34.83 14.25
C ILE A 274 -19.59 -33.92 13.15
N LEU A 275 -20.50 -33.22 12.49
CA LEU A 275 -20.16 -32.19 11.52
C LEU A 275 -19.13 -31.25 12.13
N THR A 276 -19.60 -30.51 13.12
CA THR A 276 -18.83 -29.46 13.76
C THR A 276 -17.51 -29.98 14.36
N THR A 277 -17.50 -31.23 14.81
CA THR A 277 -16.28 -31.80 15.35
C THR A 277 -15.29 -32.05 14.22
N ILE A 278 -15.76 -32.67 13.15
CA ILE A 278 -14.92 -32.85 11.97
C ILE A 278 -14.43 -31.48 11.52
N GLY A 279 -15.31 -30.48 11.61
CA GLY A 279 -14.96 -29.12 11.25
C GLY A 279 -13.71 -28.59 11.94
N ASP A 280 -13.70 -28.68 13.27
CA ASP A 280 -12.56 -28.21 14.06
C ASP A 280 -11.31 -29.04 13.74
N ILE A 281 -11.48 -30.32 13.47
CA ILE A 281 -10.34 -31.17 13.19
C ILE A 281 -9.70 -30.78 11.87
N PHE A 282 -10.55 -30.49 10.89
CA PHE A 282 -10.09 -30.09 9.55
C PHE A 282 -9.40 -28.74 9.58
N GLY A 283 -10.01 -27.80 10.30
CA GLY A 283 -9.46 -26.47 10.39
C GLY A 283 -8.16 -26.47 11.14
N ALA A 284 -8.17 -27.06 12.32
CA ALA A 284 -7.01 -26.98 13.17
C ALA A 284 -5.85 -27.66 12.48
N GLY A 285 -6.14 -28.79 11.84
CA GLY A 285 -5.13 -29.64 11.27
C GLY A 285 -4.35 -28.92 10.20
N VAL A 286 -5.08 -28.22 9.35
CA VAL A 286 -4.51 -27.60 8.15
C VAL A 286 -3.91 -26.21 8.42
N GLU A 287 -4.67 -25.35 9.08
CA GLU A 287 -4.29 -23.94 9.21
C GLU A 287 -3.10 -23.72 10.15
N THR A 288 -3.11 -24.40 11.29
CA THR A 288 -2.03 -24.23 12.25
C THR A 288 -0.72 -24.68 11.63
N THR A 289 -0.76 -25.85 11.01
CA THR A 289 0.44 -26.50 10.52
C THR A 289 1.00 -25.79 9.27
N THR A 290 0.12 -25.29 8.41
CA THR A 290 0.56 -24.55 7.24
C THR A 290 1.17 -23.20 7.66
N SER A 291 0.51 -22.51 8.58
CA SER A 291 1.07 -21.29 9.15
C SER A 291 2.51 -21.48 9.67
N VAL A 292 2.72 -22.50 10.51
CA VAL A 292 4.03 -22.73 11.12
C VAL A 292 5.12 -23.04 10.09
N VAL A 293 4.78 -23.80 9.06
CA VAL A 293 5.72 -24.06 7.98
C VAL A 293 6.20 -22.76 7.39
N LYS A 294 5.24 -21.91 7.03
CA LYS A 294 5.54 -20.61 6.45
C LYS A 294 6.44 -19.76 7.36
N TRP A 295 6.09 -19.72 8.65
CA TRP A 295 6.90 -19.00 9.64
C TRP A 295 8.31 -19.55 9.71
N THR A 296 8.42 -20.86 9.50
CA THR A 296 9.70 -21.54 9.60
C THR A 296 10.58 -21.13 8.42
N LEU A 297 10.00 -21.14 7.22
CA LEU A 297 10.72 -20.80 6.01
C LEU A 297 11.13 -19.34 6.07
N ALA A 298 10.22 -18.52 6.58
CA ALA A 298 10.44 -17.10 6.68
C ALA A 298 11.65 -16.81 7.54
N PHE A 299 11.73 -17.45 8.70
CA PHE A 299 12.84 -17.24 9.62
C PHE A 299 14.17 -17.68 9.00
N LEU A 300 14.16 -18.82 8.31
CA LEU A 300 15.38 -19.34 7.70
C LEU A 300 15.90 -18.43 6.59
N LEU A 301 15.01 -17.70 5.93
CA LEU A 301 15.46 -16.77 4.92
C LEU A 301 16.14 -15.57 5.56
N HIS A 302 15.74 -15.28 6.80
CA HIS A 302 16.34 -14.16 7.54
C HIS A 302 17.67 -14.57 8.17
N ASN A 303 17.89 -15.87 8.29
CA ASN A 303 19.02 -16.42 9.03
C ASN A 303 19.70 -17.52 8.21
N PRO A 304 20.42 -17.12 7.16
CA PRO A 304 21.16 -18.08 6.32
C PRO A 304 22.09 -18.99 7.13
N GLN A 305 22.80 -18.44 8.10
CA GLN A 305 23.80 -19.19 8.86
C GLN A 305 23.16 -20.45 9.43
N VAL A 306 21.97 -20.28 10.00
CA VAL A 306 21.22 -21.41 10.55
C VAL A 306 20.85 -22.38 9.43
N LYS A 307 20.43 -21.84 8.29
CA LYS A 307 20.00 -22.64 7.16
C LYS A 307 21.13 -23.52 6.66
N LYS A 308 22.33 -22.94 6.59
CA LYS A 308 23.52 -23.67 6.16
C LYS A 308 23.74 -24.88 7.06
N LYS A 309 23.71 -24.66 8.37
CA LYS A 309 23.92 -25.75 9.34
C LYS A 309 22.86 -26.85 9.23
N LEU A 310 21.63 -26.48 8.89
CA LEU A 310 20.55 -27.44 8.70
C LEU A 310 20.80 -28.26 7.44
N TYR A 311 21.36 -27.60 6.42
CA TYR A 311 21.75 -28.31 5.22
C TYR A 311 22.90 -29.24 5.57
N GLU A 312 23.91 -28.69 6.23
CA GLU A 312 25.09 -29.45 6.59
C GLU A 312 24.69 -30.67 7.41
N GLU A 313 23.75 -30.47 8.33
CA GLU A 313 23.33 -31.51 9.25
C GLU A 313 22.58 -32.63 8.51
N ILE A 314 21.72 -32.26 7.58
CA ILE A 314 20.87 -33.24 6.90
C ILE A 314 21.70 -34.13 5.98
N ASP A 315 22.77 -33.58 5.44
CA ASP A 315 23.62 -34.30 4.50
C ASP A 315 24.46 -35.32 5.23
N GLN A 316 24.82 -35.02 6.47
CA GLN A 316 25.63 -35.93 7.27
C GLN A 316 24.83 -37.14 7.75
N ASN A 317 23.62 -36.90 8.24
CA ASN A 317 22.84 -37.91 8.95
C ASN A 317 21.80 -38.66 8.10
N VAL A 318 21.45 -38.13 6.93
CA VAL A 318 20.47 -38.78 6.07
C VAL A 318 21.01 -38.94 4.64
N GLY A 319 21.88 -38.02 4.24
CA GLY A 319 22.46 -38.04 2.91
C GLY A 319 21.42 -37.98 1.82
N PHE A 320 21.58 -38.82 0.80
CA PHE A 320 20.69 -38.83 -0.35
C PHE A 320 20.33 -40.27 -0.73
N SER A 321 20.73 -41.22 0.10
CA SER A 321 20.42 -42.62 -0.13
C SER A 321 18.94 -42.94 0.11
N ARG A 322 18.23 -42.05 0.78
CA ARG A 322 16.84 -42.31 1.13
C ARG A 322 16.19 -41.00 1.56
N THR A 323 14.88 -41.04 1.78
CA THR A 323 14.16 -39.88 2.27
C THR A 323 14.07 -39.90 3.80
N PRO A 324 13.90 -38.71 4.43
CA PRO A 324 13.88 -38.60 5.89
C PRO A 324 12.70 -39.31 6.50
N THR A 325 12.85 -39.64 7.79
CA THR A 325 11.86 -40.42 8.51
C THR A 325 11.85 -39.93 9.95
N ILE A 326 10.80 -40.28 10.69
CA ILE A 326 10.66 -39.85 12.08
C ILE A 326 11.95 -40.16 12.85
N SER A 327 12.43 -41.39 12.75
CA SER A 327 13.61 -41.85 13.46
C SER A 327 14.80 -40.88 13.35
N ASP A 328 14.74 -39.96 12.39
CA ASP A 328 15.83 -39.01 12.15
C ASP A 328 15.75 -37.81 13.07
N ARG A 329 14.60 -37.63 13.70
CA ARG A 329 14.46 -36.54 14.66
C ARG A 329 15.36 -36.81 15.87
N ASN A 330 15.86 -38.03 15.97
CA ASN A 330 16.85 -38.39 16.98
C ASN A 330 18.26 -37.94 16.61
N ARG A 331 18.47 -37.50 15.37
CA ARG A 331 19.79 -37.02 14.94
C ARG A 331 19.77 -35.65 14.27
N LEU A 332 18.69 -35.34 13.57
CA LEU A 332 18.51 -34.00 13.00
C LEU A 332 18.08 -32.98 14.06
N LEU A 333 18.92 -32.75 15.07
CA LEU A 333 18.50 -32.04 16.27
C LEU A 333 18.28 -30.55 16.02
N LEU A 334 19.17 -29.96 15.23
CA LEU A 334 19.09 -28.54 14.93
C LEU A 334 17.76 -28.23 14.25
N LEU A 335 17.25 -29.16 13.44
CA LEU A 335 15.96 -28.96 12.81
C LEU A 335 14.87 -28.92 13.86
N GLU A 336 14.96 -29.83 14.83
CA GLU A 336 13.99 -29.88 15.92
C GLU A 336 14.00 -28.62 16.78
N ALA A 337 15.20 -28.09 17.02
CA ALA A 337 15.34 -26.88 17.82
C ALA A 337 14.70 -25.74 17.05
N THR A 338 14.99 -25.69 15.75
CA THR A 338 14.46 -24.65 14.87
C THR A 338 12.93 -24.61 14.96
N ILE A 339 12.29 -25.77 14.84
CA ILE A 339 10.84 -25.85 14.95
C ILE A 339 10.39 -25.39 16.34
N ARG A 340 11.17 -25.73 17.36
CA ARG A 340 10.84 -25.35 18.72
C ARG A 340 10.92 -23.84 18.92
N GLU A 341 11.87 -23.23 18.23
CA GLU A 341 12.10 -21.81 18.41
C GLU A 341 11.05 -21.02 17.65
N VAL A 342 10.60 -21.56 16.52
CA VAL A 342 9.57 -20.90 15.75
C VAL A 342 8.30 -20.87 16.57
N LEU A 343 8.02 -21.97 17.27
CA LEU A 343 6.80 -22.03 18.08
C LEU A 343 6.94 -21.21 19.35
N ARG A 344 8.17 -20.87 19.72
CA ARG A 344 8.38 -20.00 20.86
C ARG A 344 8.14 -18.55 20.46
N LEU A 345 8.89 -18.06 19.47
CA LEU A 345 8.79 -16.68 19.01
C LEU A 345 7.43 -16.30 18.42
N ARG A 346 6.83 -17.23 17.69
CA ARG A 346 5.59 -16.99 16.98
C ARG A 346 4.60 -18.11 17.27
N PRO A 347 4.06 -18.16 18.49
CA PRO A 347 3.03 -19.16 18.78
C PRO A 347 1.83 -19.04 17.83
N VAL A 348 1.28 -20.17 17.43
CA VAL A 348 0.07 -20.20 16.64
C VAL A 348 -1.05 -19.45 17.36
N ALA A 349 -1.15 -19.66 18.66
CA ALA A 349 -2.17 -19.01 19.48
C ALA A 349 -1.47 -18.22 20.62
N PRO A 350 -1.01 -16.99 20.30
CA PRO A 350 -0.28 -16.14 21.26
C PRO A 350 -1.00 -15.96 22.58
N MET A 351 -2.32 -16.16 22.58
CA MET A 351 -3.08 -16.14 23.82
C MET A 351 -4.04 -17.33 23.93
N LEU A 352 -3.58 -18.48 23.41
CA LEU A 352 -4.38 -19.68 23.34
C LEU A 352 -5.78 -19.36 22.86
N ILE A 353 -6.74 -20.15 23.32
CA ILE A 353 -8.15 -19.83 23.18
C ILE A 353 -8.64 -19.36 24.56
N PRO A 354 -9.58 -18.41 24.59
CA PRO A 354 -9.99 -17.91 25.90
C PRO A 354 -10.60 -18.99 26.78
N HIS A 355 -10.28 -18.96 28.06
CA HIS A 355 -10.88 -19.91 29.01
C HIS A 355 -11.97 -19.22 29.79
N LYS A 356 -12.71 -20.03 30.55
CA LYS A 356 -13.75 -19.55 31.43
C LYS A 356 -13.75 -20.32 32.74
N ALA A 357 -14.10 -19.65 33.83
CA ALA A 357 -14.22 -20.30 35.13
C ALA A 357 -15.58 -20.97 35.27
N ASN A 358 -15.58 -22.28 35.44
CA ASN A 358 -16.84 -23.03 35.58
C ASN A 358 -17.48 -22.84 36.95
N VAL A 359 -16.63 -22.66 37.96
CA VAL A 359 -17.06 -22.44 39.34
C VAL A 359 -16.30 -21.26 39.89
N ASP A 360 -16.68 -20.80 41.08
CA ASP A 360 -15.86 -19.84 41.79
C ASP A 360 -14.58 -20.56 42.15
N SER A 361 -13.46 -19.88 41.92
CA SER A 361 -12.15 -20.47 42.19
C SER A 361 -11.16 -19.36 42.45
N SER A 362 -9.87 -19.66 42.30
CA SER A 362 -8.85 -18.66 42.57
C SER A 362 -7.66 -18.82 41.64
N ILE A 363 -6.94 -17.73 41.45
CA ILE A 363 -5.67 -17.74 40.73
C ILE A 363 -4.67 -16.90 41.51
N GLY A 364 -3.57 -17.51 41.95
CA GLY A 364 -2.59 -16.83 42.78
C GLY A 364 -3.24 -16.28 44.03
N GLU A 365 -4.19 -17.03 44.58
CA GLU A 365 -4.92 -16.65 45.78
C GLU A 365 -5.89 -15.48 45.56
N PHE A 366 -6.06 -15.04 44.31
CA PHE A 366 -7.06 -14.04 44.00
C PHE A 366 -8.37 -14.70 43.64
N ALA A 367 -9.46 -14.19 44.18
CA ALA A 367 -10.77 -14.74 43.89
C ALA A 367 -11.13 -14.51 42.42
N VAL A 368 -11.74 -15.52 41.81
CA VAL A 368 -12.23 -15.41 40.45
C VAL A 368 -13.62 -16.02 40.44
N ASP A 369 -14.60 -15.19 40.10
CA ASP A 369 -15.98 -15.64 40.12
C ASP A 369 -16.33 -16.51 38.90
N LYS A 370 -17.36 -17.35 39.09
CA LYS A 370 -17.92 -18.17 38.04
C LYS A 370 -18.31 -17.31 36.84
N GLY A 371 -17.89 -17.74 35.66
CA GLY A 371 -18.24 -17.08 34.42
C GLY A 371 -17.21 -16.08 33.95
N THR A 372 -16.14 -15.92 34.73
CA THR A 372 -15.06 -14.99 34.39
C THR A 372 -14.23 -15.56 33.27
N GLU A 373 -14.03 -14.75 32.23
CA GLU A 373 -13.15 -15.13 31.15
C GLU A 373 -11.71 -15.04 31.63
N VAL A 374 -10.94 -16.10 31.39
CA VAL A 374 -9.55 -16.12 31.78
C VAL A 374 -8.67 -16.31 30.55
N ILE A 375 -7.65 -15.46 30.43
CA ILE A 375 -6.80 -15.45 29.24
C ILE A 375 -5.36 -15.66 29.63
N ILE A 376 -4.70 -16.61 28.97
CA ILE A 376 -3.31 -16.90 29.23
C ILE A 376 -2.55 -16.23 28.15
N ASN A 377 -1.70 -15.31 28.54
CA ASN A 377 -0.88 -14.56 27.58
C ASN A 377 0.39 -15.32 27.34
N LEU A 378 0.32 -16.29 26.43
CA LEU A 378 1.46 -17.15 26.12
C LEU A 378 2.62 -16.34 25.54
N TRP A 379 2.31 -15.22 24.89
CA TRP A 379 3.35 -14.35 24.35
C TRP A 379 4.25 -13.90 25.48
N ALA A 380 3.65 -13.49 26.60
CA ALA A 380 4.40 -13.06 27.78
C ALA A 380 5.29 -14.17 28.34
N LEU A 381 4.78 -15.41 28.32
CA LEU A 381 5.54 -16.57 28.80
C LEU A 381 6.75 -16.92 27.92
N HIS A 382 6.64 -16.68 26.62
CA HIS A 382 7.73 -17.01 25.73
C HIS A 382 8.75 -15.88 25.60
N HIS A 383 8.40 -14.69 26.07
CA HIS A 383 9.26 -13.50 25.92
C HIS A 383 9.70 -12.89 27.26
N ASN A 384 9.34 -13.56 28.35
CA ASN A 384 9.80 -13.21 29.70
C ASN A 384 11.34 -13.19 29.78
N GLU A 385 11.94 -12.07 30.17
CA GLU A 385 13.41 -11.95 30.19
C GLU A 385 14.12 -12.83 31.23
N LYS A 386 13.48 -13.03 32.38
CA LYS A 386 14.06 -13.81 33.48
C LYS A 386 14.10 -15.30 33.14
N GLU A 387 13.36 -15.69 32.11
CA GLU A 387 13.23 -17.10 31.76
C GLU A 387 14.03 -17.47 30.53
N TRP A 388 14.21 -16.49 29.64
CA TRP A 388 14.84 -16.74 28.35
C TRP A 388 15.96 -15.72 28.14
N HIS A 389 17.02 -16.15 27.46
CA HIS A 389 18.11 -15.24 27.13
C HIS A 389 17.89 -14.57 25.77
N GLN A 390 17.82 -13.23 25.74
CA GLN A 390 17.57 -12.51 24.49
C GLN A 390 16.34 -13.06 23.75
N PRO A 391 15.19 -13.11 24.45
CA PRO A 391 14.00 -13.81 23.98
C PRO A 391 13.45 -13.27 22.66
N ASP A 392 13.86 -12.06 22.29
CA ASP A 392 13.38 -11.42 21.06
C ASP A 392 14.13 -11.94 19.83
N GLN A 393 15.27 -12.60 20.07
CA GLN A 393 16.12 -13.16 19.02
C GLN A 393 15.72 -14.59 18.64
N PHE A 394 16.00 -14.92 17.39
CA PHE A 394 15.78 -16.26 16.86
C PHE A 394 17.09 -17.05 17.07
N MET A 395 17.11 -17.83 18.13
CA MET A 395 18.29 -18.61 18.51
C MET A 395 17.88 -20.04 18.79
N PRO A 396 17.88 -20.91 17.77
CA PRO A 396 17.54 -22.31 18.02
C PRO A 396 18.56 -23.01 18.91
N GLU A 397 19.74 -22.41 19.04
CA GLU A 397 20.78 -22.94 19.92
C GLU A 397 20.25 -23.05 21.35
N ARG A 398 19.31 -22.18 21.70
CA ARG A 398 18.79 -22.12 23.06
C ARG A 398 18.22 -23.48 23.48
N PHE A 399 17.76 -24.26 22.49
CA PHE A 399 17.15 -25.57 22.76
C PHE A 399 18.12 -26.74 22.64
N LEU A 400 19.40 -26.44 22.45
CA LEU A 400 20.45 -27.45 22.41
C LEU A 400 21.42 -27.25 23.56
N ASN A 401 22.09 -28.33 23.96
CA ASN A 401 23.15 -28.20 24.95
C ASN A 401 24.38 -27.55 24.31
N PRO A 402 25.35 -27.12 25.13
CA PRO A 402 26.46 -26.34 24.58
C PRO A 402 27.29 -27.09 23.54
N ALA A 403 27.17 -28.41 23.50
CA ALA A 403 27.88 -29.21 22.51
C ALA A 403 27.06 -29.33 21.23
N GLY A 404 25.75 -29.45 21.39
CA GLY A 404 24.84 -29.60 20.28
C GLY A 404 24.53 -31.04 20.01
N THR A 405 24.69 -31.88 21.03
CA THR A 405 24.57 -33.33 20.90
C THR A 405 23.25 -33.86 21.46
N GLN A 406 22.52 -33.02 22.18
CA GLN A 406 21.18 -33.38 22.62
C GLN A 406 20.32 -32.15 22.83
N LEU A 407 19.01 -32.36 22.93
CA LEU A 407 18.06 -31.28 23.14
C LEU A 407 17.79 -31.02 24.62
N ILE A 408 17.49 -29.77 24.94
CA ILE A 408 17.19 -29.36 26.30
C ILE A 408 15.84 -28.65 26.34
N SER A 409 15.39 -28.35 27.55
CA SER A 409 14.22 -27.52 27.77
C SER A 409 14.64 -26.40 28.72
N PRO A 410 15.25 -25.32 28.17
CA PRO A 410 15.95 -24.31 28.98
C PRO A 410 15.03 -23.43 29.82
N SER A 411 13.73 -23.72 29.78
CA SER A 411 12.73 -22.97 30.51
C SER A 411 11.46 -23.79 30.59
N VAL A 412 10.71 -23.54 31.66
CA VAL A 412 9.40 -24.14 31.87
C VAL A 412 8.31 -23.17 31.45
N SER A 413 8.70 -21.96 31.11
CA SER A 413 7.76 -20.96 30.60
C SER A 413 7.64 -21.15 29.07
N TYR A 414 7.07 -22.26 28.67
CA TYR A 414 6.97 -22.66 27.27
C TYR A 414 5.77 -23.61 27.09
N LEU A 415 4.77 -23.17 26.34
CA LEU A 415 3.52 -23.91 26.19
C LEU A 415 2.87 -23.66 24.86
N PRO A 416 3.54 -24.03 23.76
CA PRO A 416 2.96 -23.87 22.44
C PRO A 416 1.60 -24.56 22.31
N PHE A 417 1.50 -25.75 22.87
CA PHE A 417 0.30 -26.57 22.71
C PHE A 417 -0.66 -26.49 23.89
N GLY A 418 -0.33 -25.65 24.86
CA GLY A 418 -1.14 -25.49 26.06
C GLY A 418 -0.84 -26.58 27.06
N ALA A 419 -1.83 -26.90 27.89
CA ALA A 419 -1.70 -27.97 28.90
C ALA A 419 -3.03 -28.18 29.59
N GLY A 420 -3.23 -29.39 30.10
CA GLY A 420 -4.42 -29.69 30.89
C GLY A 420 -5.65 -29.99 30.04
N PRO A 421 -6.83 -29.94 30.66
CA PRO A 421 -8.11 -30.30 30.02
C PRO A 421 -8.35 -29.77 28.60
N ARG A 422 -7.98 -28.53 28.26
CA ARG A 422 -8.27 -27.98 26.93
C ARG A 422 -7.04 -27.93 26.01
N SER A 423 -6.00 -28.70 26.34
CA SER A 423 -4.74 -28.68 25.59
C SER A 423 -4.94 -29.21 24.19
N CYS A 424 -3.89 -29.10 23.37
CA CYS A 424 -3.92 -29.58 21.99
C CYS A 424 -4.00 -31.12 21.87
N ILE A 425 -4.97 -31.62 21.10
CA ILE A 425 -5.11 -33.06 20.89
C ILE A 425 -4.26 -33.56 19.73
N GLY A 426 -3.86 -32.65 18.84
CA GLY A 426 -3.13 -33.01 17.64
C GLY A 426 -1.67 -32.60 17.66
N GLU A 427 -1.07 -32.51 18.83
CA GLU A 427 0.32 -32.10 18.97
C GLU A 427 1.24 -33.11 18.28
N ILE A 428 0.91 -34.40 18.40
CA ILE A 428 1.77 -35.45 17.90
C ILE A 428 1.71 -35.48 16.37
N LEU A 429 0.52 -35.26 15.83
CA LEU A 429 0.38 -35.15 14.39
C LEU A 429 1.17 -33.94 13.90
N ALA A 430 1.01 -32.82 14.60
CA ALA A 430 1.62 -31.56 14.19
C ALA A 430 3.13 -31.59 14.24
N ARG A 431 3.69 -32.10 15.32
CA ARG A 431 5.13 -32.11 15.47
C ARG A 431 5.80 -32.93 14.39
N GLN A 432 5.13 -34.00 13.95
CA GLN A 432 5.68 -34.91 12.95
C GLN A 432 5.57 -34.28 11.57
N GLU A 433 4.34 -33.91 11.19
CA GLU A 433 4.09 -33.18 9.94
C GLU A 433 5.14 -32.09 9.71
N LEU A 434 5.35 -31.24 10.71
CA LEU A 434 6.32 -30.16 10.61
C LEU A 434 7.74 -30.67 10.41
N PHE A 435 8.15 -31.65 11.20
CA PHE A 435 9.52 -32.15 11.10
C PHE A 435 9.80 -32.73 9.72
N LEU A 436 8.85 -33.49 9.19
CA LEU A 436 9.00 -34.15 7.91
C LEU A 436 9.01 -33.17 6.73
N ILE A 437 8.07 -32.22 6.76
CA ILE A 437 7.99 -31.22 5.70
C ILE A 437 9.29 -30.47 5.55
N MET A 438 9.88 -30.03 6.66
CA MET A 438 11.11 -29.27 6.56
C MET A 438 12.26 -30.13 6.09
N ALA A 439 12.34 -31.36 6.62
CA ALA A 439 13.45 -32.26 6.34
C ALA A 439 13.48 -32.65 4.86
N TRP A 440 12.32 -32.94 4.32
CA TRP A 440 12.22 -33.25 2.91
C TRP A 440 12.60 -32.03 2.11
N LEU A 441 11.95 -30.90 2.41
CA LEU A 441 12.26 -29.64 1.72
C LEU A 441 13.73 -29.30 1.76
N LEU A 442 14.36 -29.54 2.91
CA LEU A 442 15.78 -29.23 3.04
C LEU A 442 16.68 -30.21 2.25
N GLN A 443 16.26 -31.47 2.13
CA GLN A 443 17.05 -32.49 1.44
C GLN A 443 17.07 -32.25 -0.05
N ARG A 444 15.90 -31.89 -0.60
CA ARG A 444 15.70 -31.78 -2.05
C ARG A 444 15.96 -30.36 -2.60
N PHE A 445 15.66 -29.32 -1.81
CA PHE A 445 15.58 -27.95 -2.33
C PHE A 445 16.53 -26.93 -1.75
N ASP A 446 17.11 -26.09 -2.62
CA ASP A 446 17.73 -24.83 -2.22
C ASP A 446 16.64 -23.77 -2.12
N LEU A 447 16.37 -23.28 -0.92
CA LEU A 447 15.35 -22.27 -0.72
C LEU A 447 16.04 -20.93 -0.49
N GLU A 448 15.78 -19.96 -1.36
CA GLU A 448 16.51 -18.70 -1.32
C GLU A 448 15.59 -17.48 -1.47
N VAL A 449 16.19 -16.30 -1.34
CA VAL A 449 15.43 -15.06 -1.49
C VAL A 449 15.15 -14.85 -2.97
N PRO A 450 13.94 -14.40 -3.32
CA PRO A 450 13.62 -14.12 -4.72
C PRO A 450 14.51 -13.04 -5.33
N ASP A 451 14.53 -12.95 -6.66
CA ASP A 451 15.53 -12.15 -7.36
C ASP A 451 15.50 -10.65 -7.04
N ASP A 452 14.33 -10.15 -6.64
CA ASP A 452 14.20 -8.73 -6.30
C ASP A 452 14.50 -8.40 -4.82
N GLY A 453 15.04 -9.37 -4.08
CA GLY A 453 15.63 -9.10 -2.78
C GLY A 453 14.68 -9.09 -1.60
N GLN A 454 13.37 -9.01 -1.87
CA GLN A 454 12.36 -8.92 -0.81
C GLN A 454 12.37 -10.12 0.16
N LEU A 455 12.49 -9.80 1.46
CA LEU A 455 12.30 -10.77 2.53
C LEU A 455 10.89 -10.62 3.10
N PRO A 456 10.37 -11.65 3.78
CA PRO A 456 9.04 -11.51 4.38
C PRO A 456 9.09 -10.81 5.75
N SER A 457 7.98 -10.18 6.14
CA SER A 457 7.92 -9.46 7.41
C SER A 457 7.54 -10.39 8.55
N LEU A 458 8.45 -10.50 9.52
CA LEU A 458 8.25 -11.35 10.68
C LEU A 458 7.38 -10.67 11.76
N GLU A 459 6.70 -9.59 11.39
CA GLU A 459 5.82 -8.90 12.34
C GLU A 459 4.57 -9.72 12.56
N GLY A 460 4.02 -10.26 11.46
CA GLY A 460 2.88 -11.15 11.54
C GLY A 460 1.55 -10.44 11.68
N ILE A 461 0.50 -11.18 11.37
CA ILE A 461 -0.86 -10.67 11.38
C ILE A 461 -1.67 -11.51 12.37
N PRO A 462 -1.86 -10.98 13.59
CA PRO A 462 -2.66 -11.75 14.55
C PRO A 462 -4.14 -11.80 14.19
N LYS A 463 -4.60 -13.01 13.90
CA LYS A 463 -6.01 -13.35 13.81
C LYS A 463 -6.22 -14.48 14.82
N VAL A 464 -7.20 -15.34 14.59
CA VAL A 464 -7.42 -16.47 15.51
C VAL A 464 -6.21 -17.39 15.44
N VAL A 465 -5.48 -17.27 14.35
CA VAL A 465 -4.17 -17.89 14.22
C VAL A 465 -3.19 -16.79 13.88
N PHE A 466 -2.01 -16.85 14.48
CA PHE A 466 -0.98 -15.86 14.26
C PHE A 466 -0.37 -16.09 12.88
N LEU A 467 -0.94 -15.46 11.85
CA LEU A 467 -0.48 -15.64 10.46
C LEU A 467 0.74 -14.79 10.10
N ILE A 468 1.45 -15.18 9.06
CA ILE A 468 2.43 -14.30 8.45
C ILE A 468 1.92 -13.85 7.07
N ASP A 469 2.28 -12.63 6.66
CA ASP A 469 1.96 -12.11 5.32
C ASP A 469 2.44 -13.07 4.23
N SER A 470 1.75 -13.11 3.10
CA SER A 470 2.21 -13.91 1.96
C SER A 470 3.63 -13.51 1.56
N PHE A 471 4.42 -14.46 1.06
CA PHE A 471 5.74 -14.13 0.51
C PHE A 471 6.21 -15.20 -0.43
N LYS A 472 7.26 -14.90 -1.20
CA LYS A 472 7.77 -15.81 -2.20
C LYS A 472 9.13 -16.40 -1.82
N VAL A 473 9.41 -17.60 -2.32
CA VAL A 473 10.71 -18.23 -2.15
C VAL A 473 11.19 -18.65 -3.52
N LYS A 474 12.42 -18.30 -3.86
CA LYS A 474 13.05 -18.86 -5.04
C LYS A 474 13.50 -20.27 -4.68
N ILE A 475 13.07 -21.24 -5.48
CA ILE A 475 13.25 -22.63 -5.15
C ILE A 475 13.96 -23.39 -6.28
N LYS A 476 15.11 -23.95 -5.95
CA LYS A 476 15.88 -24.77 -6.88
C LYS A 476 16.10 -26.16 -6.29
N VAL A 477 16.23 -27.15 -7.17
CA VAL A 477 16.56 -28.51 -6.76
C VAL A 477 18.04 -28.52 -6.51
N ARG A 478 18.46 -29.03 -5.36
CA ARG A 478 19.88 -29.02 -5.02
C ARG A 478 20.68 -29.85 -6.01
N GLN A 479 21.90 -29.40 -6.29
CA GLN A 479 22.81 -30.15 -7.15
C GLN A 479 23.09 -31.52 -6.53
N ALA A 480 23.37 -31.55 -5.24
CA ALA A 480 23.70 -32.79 -4.54
C ALA A 480 22.58 -33.82 -4.63
N TRP A 481 21.34 -33.36 -4.77
CA TRP A 481 20.22 -34.27 -4.97
C TRP A 481 20.16 -34.74 -6.41
N ARG A 482 20.43 -33.83 -7.34
CA ARG A 482 20.51 -34.21 -8.75
C ARG A 482 21.71 -35.15 -8.97
N GLU A 483 22.89 -34.71 -8.56
CA GLU A 483 24.12 -35.47 -8.75
C GLU A 483 24.22 -36.67 -7.77
N ALA A 484 23.07 -37.23 -7.43
CA ALA A 484 22.97 -38.43 -6.62
C ALA A 484 21.76 -39.24 -7.11
N GLN A 485 21.35 -38.98 -8.34
CA GLN A 485 20.32 -39.78 -8.99
C GLN A 485 20.96 -40.62 -10.10
N ALA A 486 22.26 -40.39 -10.34
CA ALA A 486 23.02 -41.08 -11.38
C ALA A 486 23.70 -42.34 -10.83
N LEU B 13 22.40 39.45 -16.90
CA LEU B 13 21.95 38.09 -16.61
C LEU B 13 21.52 37.34 -17.86
N LEU B 14 22.07 36.14 -18.03
CA LEU B 14 21.85 35.34 -19.22
C LEU B 14 21.07 34.09 -18.91
N SER B 15 20.48 33.50 -19.95
CA SER B 15 19.78 32.23 -19.82
C SER B 15 20.76 31.10 -19.52
N LEU B 16 20.31 30.16 -18.71
CA LEU B 16 21.08 28.97 -18.42
C LEU B 16 21.36 28.15 -19.68
N PRO B 17 22.59 27.67 -19.85
CA PRO B 17 22.84 26.71 -20.92
C PRO B 17 22.00 25.45 -20.69
N LEU B 18 21.40 24.94 -21.75
CA LEU B 18 20.46 23.84 -21.66
C LEU B 18 21.07 22.65 -22.40
N VAL B 19 21.36 21.58 -21.66
CA VAL B 19 21.99 20.39 -22.24
C VAL B 19 20.95 19.30 -22.59
N GLY B 20 19.71 19.51 -22.15
CA GLY B 20 18.64 18.57 -22.45
C GLY B 20 17.27 19.08 -22.01
N SER B 21 16.26 18.78 -22.81
CA SER B 21 14.87 19.12 -22.50
C SER B 21 13.98 17.92 -22.80
N LEU B 22 12.97 17.69 -21.97
CA LEU B 22 11.90 16.72 -22.26
C LEU B 22 10.54 17.39 -22.00
N PRO B 23 9.54 17.13 -22.85
CA PRO B 23 8.25 17.83 -22.79
C PRO B 23 7.48 17.63 -21.50
N PHE B 24 7.79 16.57 -20.77
CA PHE B 24 7.10 16.28 -19.51
C PHE B 24 7.94 15.41 -18.59
N LEU B 25 7.39 15.01 -17.45
CA LEU B 25 8.13 14.21 -16.49
C LEU B 25 8.09 12.73 -16.86
N PRO B 26 9.25 12.04 -16.82
CA PRO B 26 9.20 10.59 -16.96
C PRO B 26 8.55 9.95 -15.73
N ARG B 27 7.95 8.78 -15.91
CA ARG B 27 7.31 8.03 -14.83
C ARG B 27 6.29 8.86 -14.07
N HIS B 28 5.75 9.87 -14.75
CA HIS B 28 4.66 10.66 -14.21
C HIS B 28 3.51 10.63 -15.19
N GLY B 29 2.53 9.78 -14.90
CA GLY B 29 1.36 9.61 -15.75
C GLY B 29 1.61 8.46 -16.71
N HIS B 30 0.55 8.02 -17.40
CA HIS B 30 0.72 7.06 -18.47
C HIS B 30 1.29 7.74 -19.72
N MET B 31 2.35 7.16 -20.27
CA MET B 31 3.02 7.67 -21.48
C MET B 31 2.07 7.98 -22.63
N HIS B 32 1.22 7.01 -22.96
CA HIS B 32 0.35 7.19 -24.09
C HIS B 32 -0.50 8.41 -23.86
N ASN B 33 -0.86 8.67 -22.60
CA ASN B 33 -1.74 9.79 -22.35
C ASN B 33 -0.97 11.10 -22.28
N ASN B 34 0.30 11.03 -21.93
CA ASN B 34 1.11 12.24 -21.90
C ASN B 34 1.35 12.73 -23.31
N PHE B 35 1.61 11.79 -24.21
CA PHE B 35 1.86 12.12 -25.59
C PHE B 35 0.61 12.73 -26.21
N PHE B 36 -0.54 12.25 -25.76
CA PHE B 36 -1.82 12.77 -26.23
C PHE B 36 -2.00 14.24 -25.83
N LYS B 37 -1.82 14.52 -24.55
CA LYS B 37 -1.93 15.87 -24.00
C LYS B 37 -1.04 16.90 -24.70
N LEU B 38 0.12 16.46 -25.21
CA LEU B 38 1.01 17.39 -25.92
C LEU B 38 0.42 17.90 -27.22
N GLN B 39 -0.58 17.19 -27.74
CA GLN B 39 -1.13 17.51 -29.06
C GLN B 39 -1.82 18.86 -29.11
N LYS B 40 -2.44 19.29 -28.01
CA LYS B 40 -3.03 20.63 -27.89
C LYS B 40 -1.99 21.69 -28.21
N LYS B 41 -0.75 21.39 -27.90
CA LYS B 41 0.36 22.33 -28.01
C LYS B 41 1.05 22.21 -29.37
N TYR B 42 1.53 21.01 -29.68
CA TYR B 42 2.47 20.83 -30.79
C TYR B 42 1.85 20.26 -32.08
N GLY B 43 0.62 19.75 -32.01
CA GLY B 43 -0.03 19.15 -33.16
C GLY B 43 -0.12 17.63 -33.04
N PRO B 44 -0.63 16.96 -34.09
CA PRO B 44 -0.84 15.50 -34.07
C PRO B 44 0.42 14.71 -34.38
N ILE B 45 1.49 15.39 -34.75
CA ILE B 45 2.72 14.67 -35.08
C ILE B 45 3.96 15.47 -34.72
N TYR B 46 4.79 14.86 -33.90
CA TYR B 46 6.02 15.46 -33.43
C TYR B 46 7.11 14.43 -33.14
N SER B 47 8.31 14.92 -32.87
CA SER B 47 9.47 14.07 -32.65
C SER B 47 10.24 14.38 -31.36
N VAL B 48 11.01 13.40 -30.93
CA VAL B 48 11.89 13.50 -29.78
C VAL B 48 13.16 12.78 -30.15
N ARG B 49 14.27 13.18 -29.52
CA ARG B 49 15.59 12.61 -29.83
C ARG B 49 16.27 12.17 -28.54
N MET B 50 16.70 10.90 -28.51
CA MET B 50 17.46 10.35 -27.39
C MET B 50 18.89 10.13 -27.84
N GLY B 51 19.73 11.11 -27.59
CA GLY B 51 21.08 11.08 -28.11
C GLY B 51 21.08 11.24 -29.62
N THR B 52 21.02 10.12 -30.31
CA THR B 52 21.10 10.10 -31.77
C THR B 52 19.85 9.41 -32.35
N LYS B 53 19.14 8.66 -31.51
CA LYS B 53 17.91 7.98 -31.91
C LYS B 53 16.68 8.88 -31.84
N THR B 54 16.05 9.06 -32.99
CA THR B 54 14.87 9.90 -33.11
C THR B 54 13.58 9.06 -33.20
N THR B 55 12.55 9.53 -32.52
CA THR B 55 11.28 8.84 -32.44
C THR B 55 10.19 9.82 -32.85
N VAL B 56 9.23 9.35 -33.64
CA VAL B 56 8.12 10.16 -34.10
C VAL B 56 6.84 9.61 -33.51
N ILE B 57 5.99 10.50 -33.01
CA ILE B 57 4.74 10.11 -32.34
C ILE B 57 3.56 10.68 -33.12
N VAL B 58 2.68 9.78 -33.57
CA VAL B 58 1.56 10.11 -34.44
C VAL B 58 0.25 9.92 -33.68
N GLY B 59 -0.63 10.93 -33.73
CA GLY B 59 -1.84 10.91 -32.93
C GLY B 59 -3.06 11.43 -33.66
N HIS B 60 -3.19 11.09 -34.94
CA HIS B 60 -4.41 11.35 -35.71
C HIS B 60 -4.63 10.22 -36.69
N HIS B 61 -5.90 9.83 -36.88
CA HIS B 61 -6.22 8.58 -37.61
C HIS B 61 -5.76 8.59 -39.08
N GLN B 62 -5.72 9.78 -39.69
CA GLN B 62 -5.34 9.89 -41.09
C GLN B 62 -3.84 9.58 -41.29
N LEU B 63 -2.99 10.30 -40.58
CA LEU B 63 -1.54 10.06 -40.58
C LEU B 63 -1.25 8.64 -40.10
N ALA B 64 -2.08 8.13 -39.19
CA ALA B 64 -1.90 6.78 -38.71
C ALA B 64 -2.06 5.79 -39.87
N LYS B 65 -3.01 6.07 -40.74
CA LYS B 65 -3.30 5.19 -41.86
C LYS B 65 -2.26 5.33 -42.99
N GLU B 66 -1.59 6.47 -43.05
CA GLU B 66 -0.48 6.61 -43.96
C GLU B 66 0.68 5.70 -43.52
N VAL B 67 0.91 5.60 -42.22
CA VAL B 67 2.00 4.78 -41.70
C VAL B 67 1.67 3.27 -41.73
N LEU B 68 0.45 2.93 -41.36
CA LEU B 68 0.08 1.53 -41.28
C LEU B 68 -0.37 0.96 -42.63
N ILE B 69 -1.01 1.76 -43.47
CA ILE B 69 -1.61 1.24 -44.70
C ILE B 69 -0.98 1.78 -45.98
N LYS B 70 -1.34 3.00 -46.37
CA LYS B 70 -0.90 3.59 -47.64
C LYS B 70 0.60 3.50 -47.88
N LYS B 71 1.40 3.73 -46.85
CA LYS B 71 2.85 3.59 -46.98
C LYS B 71 3.33 2.54 -46.00
N GLY B 72 2.52 1.49 -45.85
CA GLY B 72 2.77 0.43 -44.90
C GLY B 72 4.17 -0.14 -44.96
N LYS B 73 4.55 -0.65 -46.12
CA LYS B 73 5.82 -1.33 -46.28
C LYS B 73 7.00 -0.44 -45.88
N ASP B 74 6.82 0.87 -45.97
CA ASP B 74 7.90 1.82 -45.66
C ASP B 74 8.16 1.87 -44.15
N PHE B 75 7.09 1.72 -43.37
CA PHE B 75 7.16 1.74 -41.90
C PHE B 75 6.74 0.42 -41.24
N SER B 76 7.38 -0.68 -41.62
CA SER B 76 6.94 -2.00 -41.15
C SER B 76 8.06 -2.68 -40.40
N GLY B 77 9.16 -1.96 -40.20
CA GLY B 77 10.27 -2.44 -39.39
C GLY B 77 10.00 -2.41 -37.88
N ARG B 78 10.92 -2.96 -37.10
CA ARG B 78 10.79 -2.96 -35.64
C ARG B 78 12.08 -2.43 -35.08
N PRO B 79 11.99 -1.48 -34.15
CA PRO B 79 13.27 -1.02 -33.59
C PRO B 79 13.94 -2.10 -32.73
N GLN B 80 15.27 -2.07 -32.63
CA GLN B 80 15.98 -2.99 -31.76
C GLN B 80 15.95 -2.51 -30.31
N MET B 81 15.51 -3.38 -29.40
CA MET B 81 15.50 -3.07 -27.97
C MET B 81 16.22 -4.15 -27.20
N ALA B 82 16.92 -3.78 -26.13
CA ALA B 82 17.71 -4.74 -25.36
C ALA B 82 16.83 -5.83 -24.79
N THR B 83 15.69 -5.47 -24.25
CA THR B 83 14.79 -6.48 -23.67
C THR B 83 14.16 -7.35 -24.75
N LEU B 84 13.75 -6.73 -25.85
CA LEU B 84 13.12 -7.49 -26.92
C LEU B 84 14.11 -8.49 -27.52
N ASP B 85 15.38 -8.11 -27.61
CA ASP B 85 16.41 -9.00 -28.16
C ASP B 85 16.39 -10.35 -27.46
N ILE B 86 16.28 -10.32 -26.15
CA ILE B 86 16.29 -11.50 -25.32
C ILE B 86 15.04 -12.37 -25.54
N LEU B 87 13.88 -11.74 -25.54
CA LEU B 87 12.62 -12.48 -25.65
C LEU B 87 12.46 -13.09 -27.03
N SER B 88 12.90 -12.37 -28.05
CA SER B 88 12.75 -12.80 -29.41
C SER B 88 13.92 -13.64 -29.88
N ASN B 89 14.89 -13.86 -29.00
CA ASN B 89 16.10 -14.57 -29.36
C ASN B 89 16.77 -13.87 -30.55
N ASN B 90 17.00 -12.57 -30.39
CA ASN B 90 17.64 -11.69 -31.39
C ASN B 90 16.79 -11.37 -32.64
N ARG B 91 15.58 -10.87 -32.39
CA ARG B 91 14.69 -10.41 -33.45
C ARG B 91 14.29 -11.54 -34.41
N LYS B 92 13.92 -12.69 -33.85
CA LYS B 92 13.27 -13.74 -34.60
C LYS B 92 11.78 -13.67 -34.29
N GLY B 93 11.04 -14.74 -34.54
CA GLY B 93 9.60 -14.76 -34.34
C GLY B 93 8.89 -13.89 -35.36
N ILE B 94 7.75 -13.34 -34.98
CA ILE B 94 7.00 -12.43 -35.84
C ILE B 94 6.95 -11.01 -35.26
N ALA B 95 6.47 -10.90 -34.03
CA ALA B 95 6.05 -9.63 -33.45
C ALA B 95 7.16 -8.59 -33.30
N PHE B 96 8.36 -9.02 -32.94
CA PHE B 96 9.47 -8.09 -32.69
C PHE B 96 10.60 -8.36 -33.65
N ALA B 97 10.28 -8.94 -34.80
CA ALA B 97 11.26 -9.17 -35.85
C ALA B 97 11.22 -8.01 -36.86
N ASP B 98 12.39 -7.66 -37.38
CA ASP B 98 12.47 -6.61 -38.40
C ASP B 98 11.78 -7.10 -39.67
N SER B 99 11.45 -6.18 -40.57
CA SER B 99 10.99 -6.57 -41.90
C SER B 99 12.12 -7.35 -42.57
N GLY B 100 11.79 -8.50 -43.10
CA GLY B 100 12.80 -9.35 -43.72
C GLY B 100 12.20 -10.67 -44.13
N ALA B 101 13.02 -11.51 -44.74
CA ALA B 101 12.60 -12.82 -45.16
C ALA B 101 11.98 -13.57 -44.00
N HIS B 102 12.74 -13.72 -42.92
CA HIS B 102 12.31 -14.53 -41.78
C HIS B 102 10.96 -14.09 -41.25
N TRP B 103 10.78 -12.78 -41.07
CA TRP B 103 9.49 -12.26 -40.60
C TRP B 103 8.35 -12.63 -41.54
N GLN B 104 8.50 -12.34 -42.82
CA GLN B 104 7.43 -12.52 -43.80
C GLN B 104 7.03 -13.99 -43.92
N LEU B 105 8.03 -14.87 -43.87
CA LEU B 105 7.81 -16.31 -43.99
C LEU B 105 6.98 -16.85 -42.84
N HIS B 106 7.38 -16.55 -41.62
CA HIS B 106 6.72 -17.10 -40.45
C HIS B 106 5.33 -16.52 -40.27
N ARG B 107 5.21 -15.23 -40.58
CA ARG B 107 3.92 -14.57 -40.52
C ARG B 107 2.94 -15.26 -41.46
N ARG B 108 3.44 -15.62 -42.64
CA ARG B 108 2.60 -16.20 -43.67
C ARG B 108 2.14 -17.57 -43.21
N LEU B 109 3.09 -18.37 -42.72
CA LEU B 109 2.83 -19.73 -42.30
C LEU B 109 1.86 -19.79 -41.13
N ALA B 110 2.02 -18.85 -40.21
CA ALA B 110 1.13 -18.73 -39.07
C ALA B 110 -0.30 -18.46 -39.55
N MET B 111 -0.46 -17.43 -40.37
CA MET B 111 -1.78 -17.10 -40.94
C MET B 111 -2.37 -18.30 -41.67
N ALA B 112 -1.52 -19.02 -42.40
CA ALA B 112 -1.91 -20.20 -43.18
C ALA B 112 -2.43 -21.32 -42.30
N THR B 113 -1.93 -21.37 -41.07
CA THR B 113 -2.32 -22.38 -40.12
C THR B 113 -3.78 -22.22 -39.71
N PHE B 114 -4.26 -21.00 -39.60
CA PHE B 114 -5.64 -20.76 -39.20
C PHE B 114 -6.64 -21.33 -40.19
N ALA B 115 -6.17 -21.63 -41.40
CA ALA B 115 -7.02 -22.22 -42.42
C ALA B 115 -7.29 -23.70 -42.11
N LEU B 116 -6.37 -24.32 -41.38
CA LEU B 116 -6.58 -25.70 -40.94
C LEU B 116 -7.68 -25.82 -39.86
N PHE B 117 -8.31 -24.69 -39.52
CA PHE B 117 -9.34 -24.65 -38.48
C PHE B 117 -10.58 -23.91 -38.99
N LYS B 118 -10.82 -24.01 -40.30
CA LYS B 118 -11.95 -23.34 -40.93
C LYS B 118 -13.22 -24.16 -40.78
N ASP B 119 -13.06 -25.48 -40.87
CA ASP B 119 -14.16 -26.42 -40.77
C ASP B 119 -13.66 -27.77 -40.24
N GLY B 120 -14.57 -28.74 -40.20
CA GLY B 120 -14.22 -30.09 -39.83
C GLY B 120 -14.44 -30.37 -38.36
N ASP B 121 -13.73 -31.38 -37.85
CA ASP B 121 -13.84 -31.79 -36.46
C ASP B 121 -13.14 -30.78 -35.54
N GLN B 122 -12.08 -30.17 -36.05
CA GLN B 122 -11.31 -29.17 -35.31
C GLN B 122 -11.65 -27.75 -35.77
N LYS B 123 -12.94 -27.51 -35.99
CA LYS B 123 -13.44 -26.18 -36.29
C LYS B 123 -13.16 -25.30 -35.07
N LEU B 124 -12.64 -24.11 -35.32
CA LEU B 124 -12.16 -23.24 -34.26
C LEU B 124 -13.19 -23.07 -33.16
N GLU B 125 -14.45 -22.94 -33.54
CA GLU B 125 -15.51 -22.72 -32.58
C GLU B 125 -15.63 -23.92 -31.64
N LYS B 126 -15.47 -25.11 -32.20
CA LYS B 126 -15.61 -26.35 -31.45
C LYS B 126 -14.49 -26.45 -30.42
N ILE B 127 -13.27 -26.13 -30.82
CA ILE B 127 -12.15 -26.16 -29.89
C ILE B 127 -12.33 -25.15 -28.76
N ILE B 128 -12.77 -23.95 -29.10
CA ILE B 128 -12.92 -22.90 -28.12
C ILE B 128 -14.04 -23.25 -27.17
N CYS B 129 -15.14 -23.74 -27.71
CA CYS B 129 -16.30 -24.03 -26.87
C CYS B 129 -15.99 -25.18 -25.89
N GLN B 130 -15.12 -26.08 -26.31
CA GLN B 130 -14.73 -27.22 -25.49
C GLN B 130 -14.12 -26.72 -24.19
N GLU B 131 -13.12 -25.84 -24.34
CA GLU B 131 -12.37 -25.31 -23.19
C GLU B 131 -13.21 -24.38 -22.32
N ILE B 132 -14.00 -23.51 -22.96
CA ILE B 132 -14.93 -22.65 -22.26
C ILE B 132 -15.89 -23.46 -21.39
N SER B 133 -16.26 -24.66 -21.84
CA SER B 133 -17.18 -25.48 -21.07
C SER B 133 -16.52 -25.96 -19.78
N THR B 134 -15.23 -26.29 -19.87
CA THR B 134 -14.47 -26.68 -18.70
C THR B 134 -14.38 -25.47 -17.76
N LEU B 135 -14.02 -24.31 -18.31
CA LEU B 135 -13.97 -23.07 -17.57
C LEU B 135 -15.24 -22.79 -16.79
N CYS B 136 -16.38 -22.98 -17.43
CA CYS B 136 -17.66 -22.73 -16.78
C CYS B 136 -17.94 -23.77 -15.71
N ASP B 137 -17.41 -24.98 -15.90
CA ASP B 137 -17.65 -26.05 -14.91
C ASP B 137 -16.78 -25.86 -13.67
N MET B 138 -15.52 -25.50 -13.86
CA MET B 138 -14.63 -25.20 -12.74
C MET B 138 -15.19 -24.02 -11.94
N LEU B 139 -15.50 -22.92 -12.60
CA LEU B 139 -15.98 -21.73 -11.90
C LEU B 139 -17.22 -22.05 -11.08
N ALA B 140 -17.97 -23.07 -11.49
CA ALA B 140 -19.25 -23.36 -10.84
C ALA B 140 -19.03 -23.90 -9.44
N THR B 141 -17.91 -24.60 -9.28
CA THR B 141 -17.53 -25.10 -7.96
C THR B 141 -17.40 -23.95 -6.97
N HIS B 142 -17.05 -22.76 -7.45
CA HIS B 142 -16.86 -21.58 -6.58
C HIS B 142 -18.17 -20.84 -6.35
N ASN B 143 -19.29 -21.54 -6.53
CA ASN B 143 -20.60 -20.91 -6.42
C ASN B 143 -20.79 -20.25 -5.08
N GLY B 144 -20.96 -18.93 -5.11
CA GLY B 144 -21.31 -18.17 -3.92
C GLY B 144 -20.10 -17.54 -3.25
N GLN B 145 -18.93 -17.75 -3.84
CA GLN B 145 -17.68 -17.22 -3.34
C GLN B 145 -17.18 -16.06 -4.20
N SER B 146 -16.28 -15.24 -3.64
CA SER B 146 -15.56 -14.25 -4.45
C SER B 146 -14.17 -14.80 -4.83
N ILE B 147 -13.88 -14.76 -6.13
CA ILE B 147 -12.63 -15.30 -6.66
C ILE B 147 -11.98 -14.35 -7.67
N ASP B 148 -10.70 -14.57 -7.96
CA ASP B 148 -10.00 -13.95 -9.09
C ASP B 148 -10.03 -14.94 -10.24
N ILE B 149 -10.73 -14.59 -11.32
CA ILE B 149 -10.87 -15.47 -12.50
C ILE B 149 -9.70 -15.42 -13.48
N SER B 150 -8.61 -14.77 -13.11
CA SER B 150 -7.46 -14.71 -14.00
C SER B 150 -6.93 -16.08 -14.46
N PHE B 151 -6.80 -17.03 -13.52
CA PHE B 151 -6.12 -18.30 -13.82
C PHE B 151 -7.00 -19.33 -14.54
N PRO B 152 -8.26 -19.47 -14.12
CA PRO B 152 -9.16 -20.31 -14.93
C PRO B 152 -9.19 -19.88 -16.41
N VAL B 153 -9.23 -18.57 -16.64
CA VAL B 153 -9.29 -18.04 -18.00
C VAL B 153 -7.97 -18.28 -18.71
N PHE B 154 -6.87 -18.07 -17.97
CA PHE B 154 -5.53 -18.32 -18.47
C PHE B 154 -5.41 -19.76 -18.98
N VAL B 155 -5.89 -20.68 -18.15
CA VAL B 155 -5.86 -22.10 -18.48
C VAL B 155 -6.67 -22.38 -19.75
N ALA B 156 -7.82 -21.72 -19.89
CA ALA B 156 -8.70 -21.98 -21.02
C ALA B 156 -8.03 -21.58 -22.34
N VAL B 157 -7.57 -20.34 -22.42
CA VAL B 157 -7.01 -19.82 -23.67
C VAL B 157 -5.65 -20.46 -24.00
N THR B 158 -4.91 -20.88 -22.98
CA THR B 158 -3.66 -21.63 -23.17
C THR B 158 -3.95 -22.97 -23.85
N ASN B 159 -5.04 -23.59 -23.47
CA ASN B 159 -5.42 -24.84 -24.07
C ASN B 159 -5.74 -24.64 -25.54
N VAL B 160 -6.59 -23.64 -25.82
CA VAL B 160 -6.97 -23.32 -27.19
C VAL B 160 -5.76 -23.10 -28.11
N ILE B 161 -4.85 -22.23 -27.71
CA ILE B 161 -3.66 -21.97 -28.52
C ILE B 161 -2.78 -23.22 -28.59
N SER B 162 -2.76 -24.01 -27.52
CA SER B 162 -1.93 -25.20 -27.46
C SER B 162 -2.48 -26.29 -28.39
N LEU B 163 -3.81 -26.32 -28.55
CA LEU B 163 -4.41 -27.23 -29.52
C LEU B 163 -4.10 -26.78 -30.96
N ILE B 164 -4.12 -25.46 -31.18
CA ILE B 164 -3.81 -24.89 -32.49
C ILE B 164 -2.36 -25.12 -32.85
N CYS B 165 -1.50 -25.16 -31.85
CA CYS B 165 -0.06 -25.31 -32.09
C CYS B 165 0.42 -26.75 -32.10
N PHE B 166 -0.21 -27.60 -31.31
CA PHE B 166 0.32 -28.94 -31.08
C PHE B 166 -0.74 -30.03 -31.18
N ASN B 167 -2.02 -29.64 -31.26
CA ASN B 167 -3.12 -30.58 -31.06
C ASN B 167 -3.07 -31.24 -29.68
N THR B 168 -2.56 -30.52 -28.67
CA THR B 168 -2.49 -31.03 -27.29
C THR B 168 -3.11 -30.02 -26.35
N SER B 169 -3.40 -30.43 -25.12
CA SER B 169 -3.98 -29.53 -24.14
C SER B 169 -3.67 -30.05 -22.74
N TYR B 170 -3.74 -29.16 -21.76
CA TYR B 170 -3.37 -29.50 -20.40
C TYR B 170 -4.57 -29.99 -19.60
N LYS B 171 -4.37 -31.07 -18.84
CA LYS B 171 -5.38 -31.55 -17.91
C LYS B 171 -5.28 -30.68 -16.68
N ASN B 172 -6.39 -30.53 -15.94
CA ASN B 172 -6.41 -29.65 -14.76
C ASN B 172 -5.45 -30.15 -13.70
N GLY B 173 -4.71 -29.23 -13.10
CA GLY B 173 -3.77 -29.58 -12.06
C GLY B 173 -2.37 -29.81 -12.57
N ASP B 174 -2.18 -29.74 -13.88
CA ASP B 174 -0.83 -29.86 -14.42
C ASP B 174 -0.05 -28.62 -13.97
N PRO B 175 0.90 -28.80 -13.06
CA PRO B 175 1.62 -27.62 -12.55
C PRO B 175 2.43 -26.91 -13.62
N GLU B 176 2.48 -27.46 -14.82
CA GLU B 176 3.21 -26.80 -15.88
C GLU B 176 2.48 -25.50 -16.20
N LEU B 177 1.15 -25.55 -16.14
CA LEU B 177 0.35 -24.35 -16.34
C LEU B 177 0.75 -23.25 -15.35
N ASN B 178 0.94 -23.63 -14.10
CA ASN B 178 1.41 -22.73 -13.06
C ASN B 178 2.80 -22.18 -13.39
N VAL B 179 3.65 -23.04 -13.95
CA VAL B 179 4.99 -22.64 -14.35
C VAL B 179 4.97 -21.57 -15.42
N ILE B 180 4.08 -21.75 -16.40
CA ILE B 180 3.96 -20.84 -17.52
C ILE B 180 3.44 -19.50 -17.04
N GLN B 181 2.40 -19.54 -16.22
CA GLN B 181 1.79 -18.35 -15.67
C GLN B 181 2.86 -17.55 -14.92
N ASN B 182 3.75 -18.28 -14.25
CA ASN B 182 4.85 -17.67 -13.51
C ASN B 182 5.83 -16.90 -14.41
N TYR B 183 6.35 -17.54 -15.47
CA TYR B 183 7.31 -16.86 -16.36
C TYR B 183 6.64 -15.86 -17.28
N ASN B 184 5.34 -16.01 -17.52
CA ASN B 184 4.64 -15.00 -18.24
C ASN B 184 4.65 -13.75 -17.42
N GLU B 185 4.34 -13.89 -16.13
CA GLU B 185 4.18 -12.75 -15.24
C GLU B 185 5.54 -12.06 -15.17
N GLY B 186 6.59 -12.88 -15.10
CA GLY B 186 7.93 -12.38 -14.92
C GLY B 186 8.49 -11.70 -16.13
N ILE B 187 8.10 -12.17 -17.32
CA ILE B 187 8.55 -11.59 -18.58
C ILE B 187 7.84 -10.25 -18.83
N ILE B 188 6.52 -10.26 -18.71
CA ILE B 188 5.76 -9.02 -18.83
C ILE B 188 6.29 -7.93 -17.89
N ASP B 189 6.62 -8.28 -16.67
CA ASP B 189 7.03 -7.27 -15.72
C ASP B 189 8.51 -6.87 -15.83
N ASN B 190 9.30 -7.62 -16.57
CA ASN B 190 10.70 -7.24 -16.80
C ASN B 190 10.97 -6.77 -18.24
N LEU B 191 9.98 -6.94 -19.11
CA LEU B 191 10.15 -6.56 -20.50
C LEU B 191 10.27 -5.05 -20.61
N SER B 192 9.64 -4.34 -19.67
CA SER B 192 9.68 -2.89 -19.59
C SER B 192 9.04 -2.46 -18.29
N LYS B 193 9.44 -1.31 -17.76
CA LYS B 193 8.90 -0.86 -16.48
C LYS B 193 7.43 -0.51 -16.67
N ASP B 194 7.17 0.36 -17.64
CA ASP B 194 5.82 0.68 -18.03
C ASP B 194 5.60 0.26 -19.49
N SER B 195 5.30 1.21 -20.37
CA SER B 195 5.13 0.90 -21.77
C SER B 195 6.48 0.52 -22.41
N LEU B 196 6.41 -0.11 -23.59
CA LEU B 196 7.61 -0.37 -24.38
C LEU B 196 8.28 0.93 -24.79
N VAL B 197 7.45 1.93 -25.08
CA VAL B 197 7.96 3.26 -25.33
C VAL B 197 8.49 3.83 -24.01
N ASP B 198 9.81 3.98 -23.99
CA ASP B 198 10.53 4.52 -22.85
C ASP B 198 11.35 5.71 -23.33
N LEU B 199 10.96 6.89 -22.88
CA LEU B 199 11.65 8.13 -23.20
C LEU B 199 13.14 7.99 -22.89
N VAL B 200 13.50 8.00 -21.61
CA VAL B 200 14.90 7.82 -21.20
C VAL B 200 15.24 6.34 -21.11
N PRO B 201 16.45 5.95 -21.54
CA PRO B 201 16.86 4.55 -21.46
C PRO B 201 17.54 4.19 -20.12
N TRP B 202 16.81 4.36 -19.02
CA TRP B 202 17.34 4.12 -17.68
C TRP B 202 18.10 2.81 -17.60
N LEU B 203 17.58 1.79 -18.27
CA LEU B 203 18.17 0.47 -18.23
C LEU B 203 19.68 0.49 -18.51
N LYS B 204 20.14 1.50 -19.25
CA LYS B 204 21.54 1.56 -19.68
C LYS B 204 22.33 2.60 -18.90
N ILE B 205 21.64 3.32 -18.03
CA ILE B 205 22.23 4.47 -17.32
C ILE B 205 22.65 4.13 -15.89
N PHE B 206 21.83 3.33 -15.21
CA PHE B 206 22.12 2.94 -13.83
C PHE B 206 22.30 1.44 -13.75
N PRO B 207 23.08 0.97 -12.78
CA PRO B 207 23.19 -0.48 -12.57
C PRO B 207 21.87 -1.07 -12.09
N ASN B 208 21.42 -2.12 -12.78
CA ASN B 208 20.18 -2.82 -12.44
C ASN B 208 20.27 -4.29 -12.82
N LYS B 209 19.31 -5.10 -12.37
CA LYS B 209 19.31 -6.54 -12.63
C LYS B 209 18.28 -6.97 -13.69
N THR B 210 17.75 -6.03 -14.44
CA THR B 210 16.59 -6.30 -15.29
C THR B 210 16.79 -7.38 -16.35
N LEU B 211 17.87 -7.28 -17.11
CA LEU B 211 18.13 -8.24 -18.16
C LEU B 211 18.44 -9.63 -17.58
N GLU B 212 19.11 -9.67 -16.44
CA GLU B 212 19.39 -10.93 -15.76
C GLU B 212 18.09 -11.65 -15.40
N LYS B 213 17.15 -10.90 -14.83
CA LYS B 213 15.85 -11.45 -14.45
C LYS B 213 15.08 -11.92 -15.68
N LEU B 214 15.04 -11.07 -16.69
CA LEU B 214 14.34 -11.39 -17.92
C LEU B 214 14.93 -12.65 -18.53
N LYS B 215 16.26 -12.70 -18.59
CA LYS B 215 16.95 -13.86 -19.15
C LYS B 215 16.56 -15.15 -18.46
N SER B 216 16.38 -15.07 -17.13
CA SER B 216 16.07 -16.23 -16.30
C SER B 216 14.68 -16.74 -16.58
N HIS B 217 13.75 -15.81 -16.75
CA HIS B 217 12.40 -16.16 -17.13
C HIS B 217 12.36 -16.74 -18.54
N VAL B 218 13.11 -16.10 -19.45
CA VAL B 218 13.07 -16.49 -20.85
C VAL B 218 13.72 -17.87 -21.00
N LYS B 219 14.69 -18.16 -20.15
CA LYS B 219 15.41 -19.41 -20.20
C LYS B 219 14.49 -20.57 -19.87
N ILE B 220 13.53 -20.34 -18.98
CA ILE B 220 12.65 -21.40 -18.55
C ILE B 220 11.63 -21.65 -19.64
N ARG B 221 11.21 -20.57 -20.29
CA ARG B 221 10.29 -20.63 -21.41
C ARG B 221 10.93 -21.46 -22.50
N ASN B 222 12.14 -21.05 -22.86
CA ASN B 222 12.90 -21.70 -23.92
C ASN B 222 13.12 -23.17 -23.67
N ASP B 223 13.59 -23.51 -22.46
CA ASP B 223 13.79 -24.91 -22.09
C ASP B 223 12.49 -25.69 -22.26
N LEU B 224 11.37 -25.06 -21.89
CA LEU B 224 10.08 -25.71 -21.98
C LEU B 224 9.65 -25.95 -23.43
N LEU B 225 9.91 -24.98 -24.30
CA LEU B 225 9.56 -25.09 -25.71
C LEU B 225 10.47 -26.05 -26.45
N ASN B 226 11.75 -26.03 -26.10
CA ASN B 226 12.68 -27.01 -26.65
C ASN B 226 12.23 -28.43 -26.34
N LYS B 227 11.68 -28.62 -25.15
CA LYS B 227 11.24 -29.94 -24.71
C LYS B 227 10.16 -30.44 -25.65
N ILE B 228 9.21 -29.56 -25.99
CA ILE B 228 8.08 -29.95 -26.83
C ILE B 228 8.51 -30.25 -28.27
N LEU B 229 9.47 -29.47 -28.78
CA LEU B 229 9.95 -29.64 -30.15
C LEU B 229 10.65 -30.97 -30.35
N GLU B 230 11.50 -31.36 -29.39
CA GLU B 230 12.25 -32.60 -29.52
C GLU B 230 11.34 -33.83 -29.41
N ASN B 231 10.24 -33.69 -28.69
CA ASN B 231 9.27 -34.76 -28.62
C ASN B 231 8.40 -34.82 -29.86
N TYR B 232 8.22 -33.70 -30.54
CA TYR B 232 7.33 -33.63 -31.69
C TYR B 232 8.01 -34.15 -32.96
N LYS B 233 9.32 -33.99 -33.04
CA LYS B 233 10.09 -34.51 -34.17
C LYS B 233 9.78 -35.99 -34.37
N GLU B 234 9.48 -36.67 -33.27
CA GLU B 234 9.17 -38.10 -33.27
C GLU B 234 7.67 -38.35 -33.44
N LYS B 235 6.91 -37.28 -33.63
CA LYS B 235 5.46 -37.38 -33.79
C LYS B 235 5.01 -36.78 -35.13
N PHE B 236 5.95 -36.17 -35.84
CA PHE B 236 5.63 -35.43 -37.05
C PHE B 236 5.47 -36.32 -38.27
N ARG B 237 4.29 -36.25 -38.89
CA ARG B 237 4.00 -36.98 -40.12
C ARG B 237 3.77 -36.03 -41.29
N SER B 238 4.47 -36.29 -42.39
CA SER B 238 4.32 -35.50 -43.61
C SER B 238 2.89 -35.51 -44.14
N ASP B 239 2.15 -36.57 -43.83
CA ASP B 239 0.81 -36.74 -44.37
C ASP B 239 -0.28 -36.30 -43.40
N SER B 240 0.14 -35.67 -42.31
CA SER B 240 -0.80 -35.10 -41.35
C SER B 240 -0.36 -33.70 -40.96
N ILE B 241 -0.94 -32.71 -41.63
CA ILE B 241 -0.66 -31.30 -41.36
C ILE B 241 -1.87 -30.63 -40.73
N THR B 242 -1.89 -30.62 -39.39
CA THR B 242 -3.10 -30.33 -38.62
C THR B 242 -2.96 -29.15 -37.63
N ASN B 243 -1.72 -28.67 -37.47
CA ASN B 243 -1.41 -27.61 -36.52
C ASN B 243 -0.23 -26.76 -36.97
N MET B 244 0.06 -25.71 -36.19
CA MET B 244 1.04 -24.72 -36.59
C MET B 244 2.46 -25.25 -36.60
N LEU B 245 2.73 -26.25 -35.77
CA LEU B 245 4.06 -26.81 -35.77
C LEU B 245 4.23 -27.65 -37.04
N ASP B 246 3.19 -28.39 -37.42
CA ASP B 246 3.21 -29.19 -38.66
C ASP B 246 3.50 -28.33 -39.88
N THR B 247 2.83 -27.18 -39.93
CA THR B 247 2.97 -26.23 -41.01
C THR B 247 4.42 -25.72 -41.13
N LEU B 248 5.06 -25.48 -39.99
CA LEU B 248 6.42 -24.95 -39.96
C LEU B 248 7.40 -26.02 -40.34
N MET B 249 7.13 -27.26 -39.93
CA MET B 249 8.02 -28.38 -40.16
C MET B 249 7.87 -28.91 -41.59
N GLN B 250 6.63 -28.89 -42.10
CA GLN B 250 6.39 -29.23 -43.50
C GLN B 250 7.22 -28.33 -44.41
N ALA B 251 7.52 -27.13 -43.92
CA ALA B 251 8.11 -26.10 -44.75
C ALA B 251 9.62 -26.15 -44.70
N LYS B 252 10.17 -26.73 -43.63
CA LYS B 252 11.60 -26.95 -43.57
C LYS B 252 11.92 -28.22 -44.34
N MET B 253 10.96 -29.14 -44.39
CA MET B 253 11.08 -30.37 -45.15
C MET B 253 11.19 -30.02 -46.63
N ASN B 254 10.28 -29.17 -47.10
CA ASN B 254 10.24 -28.76 -48.50
C ASN B 254 11.37 -27.81 -48.87
N SER B 255 12.24 -27.54 -47.90
CA SER B 255 13.33 -26.58 -48.08
C SER B 255 14.71 -27.24 -48.07
N ASP B 256 14.78 -28.43 -47.46
CA ASP B 256 16.03 -29.17 -47.34
C ASP B 256 16.29 -30.06 -48.55
N ASN B 257 15.34 -30.07 -49.49
CA ASN B 257 15.54 -30.74 -50.77
C ASN B 257 14.62 -30.19 -51.87
N GLY B 258 13.40 -29.81 -51.50
CA GLY B 258 12.46 -29.24 -52.44
C GLY B 258 12.71 -27.76 -52.68
N GLN B 264 18.33 -21.41 -49.40
CA GLN B 264 18.02 -20.06 -48.91
C GLN B 264 16.86 -20.10 -47.94
N ASP B 265 15.91 -21.00 -48.21
CA ASP B 265 14.67 -21.07 -47.45
C ASP B 265 14.77 -21.97 -46.21
N SER B 266 15.92 -22.60 -46.00
CA SER B 266 16.12 -23.55 -44.88
C SER B 266 16.78 -22.92 -43.67
N GLU B 267 17.61 -21.90 -43.88
CA GLU B 267 18.28 -21.20 -42.78
C GLU B 267 17.27 -20.36 -41.96
N LEU B 268 16.13 -20.06 -42.57
CA LEU B 268 15.08 -19.26 -41.95
C LEU B 268 14.13 -20.10 -41.09
N LEU B 269 14.45 -21.38 -40.97
CA LEU B 269 13.58 -22.31 -40.27
C LEU B 269 14.40 -23.18 -39.32
N SER B 270 15.43 -22.58 -38.74
CA SER B 270 16.20 -23.26 -37.71
C SER B 270 15.29 -23.59 -36.53
N ASP B 271 15.83 -24.33 -35.57
CA ASP B 271 15.07 -24.69 -34.38
C ASP B 271 14.60 -23.41 -33.69
N ASN B 272 15.51 -22.45 -33.49
CA ASN B 272 15.19 -21.22 -32.76
C ASN B 272 14.12 -20.36 -33.42
N HIS B 273 14.13 -20.31 -34.75
CA HIS B 273 13.10 -19.58 -35.50
C HIS B 273 11.71 -20.16 -35.21
N ILE B 274 11.61 -21.49 -35.27
CA ILE B 274 10.35 -22.16 -35.08
C ILE B 274 9.91 -21.97 -33.64
N LEU B 275 10.87 -22.06 -32.72
CA LEU B 275 10.63 -21.90 -31.30
C LEU B 275 10.02 -20.52 -31.04
N THR B 276 10.81 -19.50 -31.37
CA THR B 276 10.44 -18.12 -31.16
C THR B 276 9.07 -17.79 -31.74
N THR B 277 8.81 -18.29 -32.94
CA THR B 277 7.55 -18.02 -33.60
C THR B 277 6.42 -18.60 -32.75
N ILE B 278 6.54 -19.87 -32.35
CA ILE B 278 5.54 -20.48 -31.48
C ILE B 278 5.44 -19.70 -30.19
N GLY B 279 6.59 -19.23 -29.70
CA GLY B 279 6.67 -18.35 -28.54
C GLY B 279 5.73 -17.15 -28.64
N ASP B 280 5.89 -16.32 -29.67
CA ASP B 280 5.06 -15.15 -29.87
C ASP B 280 3.57 -15.55 -29.95
N ILE B 281 3.28 -16.68 -30.58
CA ILE B 281 1.89 -17.13 -30.71
C ILE B 281 1.28 -17.49 -29.35
N PHE B 282 2.04 -18.25 -28.55
CA PHE B 282 1.61 -18.63 -27.21
C PHE B 282 1.42 -17.42 -26.31
N GLY B 283 2.31 -16.45 -26.48
CA GLY B 283 2.24 -15.23 -25.69
C GLY B 283 1.03 -14.41 -26.05
N ALA B 284 0.89 -14.10 -27.33
CA ALA B 284 -0.13 -13.16 -27.74
C ALA B 284 -1.52 -13.76 -27.56
N GLY B 285 -1.63 -15.07 -27.75
CA GLY B 285 -2.93 -15.71 -27.67
C GLY B 285 -3.51 -15.73 -26.27
N VAL B 286 -2.63 -15.82 -25.28
CA VAL B 286 -3.07 -16.02 -23.91
C VAL B 286 -3.15 -14.70 -23.16
N GLU B 287 -2.15 -13.85 -23.29
CA GLU B 287 -2.06 -12.68 -22.44
C GLU B 287 -2.98 -11.55 -22.88
N THR B 288 -3.20 -11.40 -24.18
CA THR B 288 -4.07 -10.35 -24.68
C THR B 288 -5.52 -10.67 -24.36
N THR B 289 -5.91 -11.91 -24.66
CA THR B 289 -7.30 -12.35 -24.53
C THR B 289 -7.75 -12.41 -23.07
N THR B 290 -6.83 -12.76 -22.18
CA THR B 290 -7.16 -12.85 -20.78
C THR B 290 -7.27 -11.44 -20.21
N SER B 291 -6.36 -10.57 -20.63
CA SER B 291 -6.42 -9.18 -20.24
C SER B 291 -7.79 -8.59 -20.60
N VAL B 292 -8.21 -8.77 -21.86
CA VAL B 292 -9.45 -8.15 -22.32
C VAL B 292 -10.70 -8.71 -21.65
N VAL B 293 -10.69 -9.97 -21.26
CA VAL B 293 -11.85 -10.54 -20.58
C VAL B 293 -12.00 -9.85 -19.25
N LYS B 294 -10.89 -9.72 -18.52
CA LYS B 294 -10.90 -9.11 -17.20
C LYS B 294 -11.40 -7.67 -17.29
N TRP B 295 -10.85 -6.92 -18.23
CA TRP B 295 -11.31 -5.56 -18.49
C TRP B 295 -12.80 -5.46 -18.77
N THR B 296 -13.32 -6.44 -19.49
CA THR B 296 -14.74 -6.46 -19.80
C THR B 296 -15.54 -6.69 -18.53
N LEU B 297 -15.16 -7.72 -17.77
CA LEU B 297 -15.78 -7.99 -16.47
C LEU B 297 -15.76 -6.76 -15.58
N ALA B 298 -14.61 -6.09 -15.56
CA ALA B 298 -14.42 -4.88 -14.78
C ALA B 298 -15.46 -3.80 -15.13
N PHE B 299 -15.54 -3.44 -16.40
CA PHE B 299 -16.49 -2.42 -16.82
C PHE B 299 -17.95 -2.80 -16.50
N LEU B 300 -18.27 -4.08 -16.58
CA LEU B 300 -19.63 -4.52 -16.30
C LEU B 300 -20.00 -4.40 -14.81
N LEU B 301 -19.02 -4.57 -13.93
CA LEU B 301 -19.23 -4.40 -12.49
C LEU B 301 -19.48 -2.94 -12.14
N HIS B 302 -18.85 -2.06 -12.91
CA HIS B 302 -19.06 -0.63 -12.74
C HIS B 302 -20.35 -0.17 -13.42
N ASN B 303 -20.88 -0.99 -14.33
CA ASN B 303 -22.02 -0.59 -15.16
C ASN B 303 -23.13 -1.63 -15.16
N PRO B 304 -23.80 -1.80 -14.00
CA PRO B 304 -24.81 -2.85 -13.80
C PRO B 304 -25.99 -2.79 -14.79
N GLN B 305 -26.30 -1.61 -15.31
CA GLN B 305 -27.43 -1.39 -16.20
C GLN B 305 -27.12 -2.03 -17.56
N VAL B 306 -25.89 -1.84 -18.02
CA VAL B 306 -25.43 -2.47 -19.23
C VAL B 306 -25.40 -3.97 -19.00
N LYS B 307 -25.11 -4.37 -17.76
CA LYS B 307 -25.03 -5.78 -17.42
C LYS B 307 -26.45 -6.41 -17.39
N LYS B 308 -27.42 -5.65 -16.91
CA LYS B 308 -28.81 -6.09 -16.94
C LYS B 308 -29.26 -6.33 -18.38
N LYS B 309 -28.96 -5.38 -19.26
CA LYS B 309 -29.40 -5.46 -20.65
C LYS B 309 -28.78 -6.67 -21.37
N LEU B 310 -27.54 -7.01 -21.01
CA LEU B 310 -26.84 -8.14 -21.63
C LEU B 310 -27.51 -9.43 -21.25
N TYR B 311 -27.84 -9.54 -19.97
CA TYR B 311 -28.58 -10.69 -19.47
C TYR B 311 -29.92 -10.82 -20.20
N GLU B 312 -30.64 -9.71 -20.35
CA GLU B 312 -31.92 -9.72 -21.05
C GLU B 312 -31.72 -10.12 -22.51
N GLU B 313 -30.60 -9.67 -23.09
CA GLU B 313 -30.33 -9.92 -24.50
C GLU B 313 -30.03 -11.39 -24.77
N ILE B 314 -29.25 -12.02 -23.89
CA ILE B 314 -28.86 -13.40 -24.14
C ILE B 314 -30.01 -14.36 -23.85
N ASP B 315 -30.91 -13.94 -22.96
CA ASP B 315 -32.01 -14.81 -22.56
C ASP B 315 -33.16 -14.83 -23.58
N GLN B 316 -33.34 -13.72 -24.30
CA GLN B 316 -34.39 -13.61 -25.32
C GLN B 316 -33.91 -14.14 -26.68
N ASN B 317 -32.59 -14.33 -26.83
CA ASN B 317 -31.99 -14.70 -28.11
C ASN B 317 -31.30 -16.07 -28.12
N VAL B 318 -30.98 -16.61 -26.93
CA VAL B 318 -30.31 -17.91 -26.84
C VAL B 318 -31.05 -18.84 -25.88
N GLY B 319 -31.48 -18.32 -24.75
CA GLY B 319 -32.14 -19.14 -23.74
C GLY B 319 -31.21 -20.21 -23.20
N PHE B 320 -31.80 -21.17 -22.50
CA PHE B 320 -31.00 -22.17 -21.81
C PHE B 320 -31.17 -23.55 -22.44
N SER B 321 -31.87 -23.61 -23.56
CA SER B 321 -32.04 -24.84 -24.31
C SER B 321 -30.71 -25.31 -24.90
N ARG B 322 -29.79 -24.37 -25.08
CA ARG B 322 -28.50 -24.69 -25.68
C ARG B 322 -27.42 -23.72 -25.19
N THR B 323 -26.18 -23.96 -25.61
CA THR B 323 -25.07 -23.05 -25.33
C THR B 323 -24.84 -22.14 -26.53
N PRO B 324 -24.30 -20.92 -26.30
CA PRO B 324 -24.06 -19.98 -27.39
C PRO B 324 -23.06 -20.48 -28.43
N THR B 325 -23.16 -19.93 -29.62
CA THR B 325 -22.30 -20.32 -30.75
C THR B 325 -21.97 -19.07 -31.56
N ILE B 326 -20.91 -19.14 -32.36
CA ILE B 326 -20.47 -18.04 -33.23
C ILE B 326 -21.63 -17.38 -33.95
N SER B 327 -22.58 -18.18 -34.43
CA SER B 327 -23.70 -17.65 -35.16
C SER B 327 -24.55 -16.67 -34.34
N ASP B 328 -24.36 -16.66 -33.01
CA ASP B 328 -25.22 -15.87 -32.13
C ASP B 328 -24.80 -14.42 -32.01
N ARG B 329 -23.71 -14.07 -32.68
CA ARG B 329 -23.23 -12.70 -32.69
C ARG B 329 -23.98 -11.85 -33.73
N ASN B 330 -24.83 -12.51 -34.53
CA ASN B 330 -25.71 -11.80 -35.45
C ASN B 330 -26.95 -11.26 -34.70
N ARG B 331 -27.15 -11.74 -33.47
CA ARG B 331 -28.33 -11.36 -32.68
C ARG B 331 -27.98 -10.90 -31.26
N LEU B 332 -26.81 -11.28 -30.75
CA LEU B 332 -26.29 -10.72 -29.50
C LEU B 332 -25.45 -9.44 -29.76
N LEU B 333 -26.13 -8.38 -30.20
CA LEU B 333 -25.44 -7.19 -30.74
C LEU B 333 -24.82 -6.31 -29.65
N LEU B 334 -25.47 -6.25 -28.48
CA LEU B 334 -24.98 -5.44 -27.38
C LEU B 334 -23.71 -6.03 -26.80
N LEU B 335 -23.64 -7.35 -26.74
CA LEU B 335 -22.43 -8.01 -26.27
C LEU B 335 -21.26 -7.64 -27.19
N GLU B 336 -21.49 -7.67 -28.50
CA GLU B 336 -20.46 -7.31 -29.47
C GLU B 336 -20.08 -5.82 -29.38
N ALA B 337 -21.06 -4.98 -29.05
CA ALA B 337 -20.81 -3.54 -28.88
C ALA B 337 -20.01 -3.25 -27.62
N THR B 338 -20.21 -4.09 -26.60
CA THR B 338 -19.47 -3.97 -25.35
C THR B 338 -18.01 -4.33 -25.58
N ILE B 339 -17.76 -5.41 -26.32
CA ILE B 339 -16.38 -5.81 -26.58
C ILE B 339 -15.69 -4.76 -27.41
N ARG B 340 -16.40 -4.18 -28.39
CA ARG B 340 -15.83 -3.14 -29.25
C ARG B 340 -15.41 -1.95 -28.42
N GLU B 341 -16.29 -1.55 -27.49
CA GLU B 341 -16.07 -0.38 -26.65
C GLU B 341 -14.93 -0.55 -25.65
N VAL B 342 -14.74 -1.78 -25.18
CA VAL B 342 -13.65 -2.09 -24.26
C VAL B 342 -12.34 -1.99 -25.00
N LEU B 343 -12.30 -2.48 -26.23
CA LEU B 343 -11.09 -2.42 -27.03
C LEU B 343 -10.79 -0.99 -27.45
N ARG B 344 -11.74 -0.09 -27.22
CA ARG B 344 -11.55 1.32 -27.53
C ARG B 344 -11.02 2.07 -26.31
N LEU B 345 -11.73 1.95 -25.20
CA LEU B 345 -11.32 2.63 -23.98
C LEU B 345 -9.98 2.10 -23.49
N ARG B 346 -9.75 0.80 -23.68
CA ARG B 346 -8.60 0.10 -23.11
C ARG B 346 -8.03 -0.85 -24.16
N PRO B 347 -7.42 -0.28 -25.18
CA PRO B 347 -6.80 -1.15 -26.17
C PRO B 347 -5.65 -1.93 -25.56
N VAL B 348 -5.56 -3.20 -25.91
CA VAL B 348 -4.50 -4.07 -25.42
C VAL B 348 -3.13 -3.41 -25.58
N ALA B 349 -2.96 -2.71 -26.69
CA ALA B 349 -1.70 -2.09 -27.05
C ALA B 349 -1.98 -0.63 -27.38
N PRO B 350 -2.04 0.23 -26.34
CA PRO B 350 -2.40 1.65 -26.50
C PRO B 350 -1.51 2.39 -27.48
N MET B 351 -0.31 1.86 -27.73
CA MET B 351 0.59 2.48 -28.70
C MET B 351 1.10 1.46 -29.71
N LEU B 352 0.27 0.43 -29.96
CA LEU B 352 0.66 -0.69 -30.80
C LEU B 352 2.03 -1.21 -30.35
N ILE B 353 2.83 -1.64 -31.31
CA ILE B 353 4.22 -1.94 -31.07
C ILE B 353 5.02 -0.95 -31.92
N PRO B 354 6.13 -0.45 -31.39
CA PRO B 354 6.91 0.49 -32.19
C PRO B 354 7.16 0.05 -33.65
N HIS B 355 7.03 0.98 -34.59
CA HIS B 355 7.41 0.71 -35.97
C HIS B 355 8.78 1.31 -36.26
N LYS B 356 9.26 1.08 -37.47
CA LYS B 356 10.49 1.72 -37.91
C LYS B 356 10.44 1.99 -39.41
N ALA B 357 11.00 3.11 -39.82
CA ALA B 357 11.12 3.46 -41.23
C ALA B 357 12.19 2.57 -41.83
N ASN B 358 11.76 1.67 -42.72
CA ASN B 358 12.70 0.84 -43.47
C ASN B 358 13.54 1.67 -44.45
N VAL B 359 12.90 2.72 -44.98
CA VAL B 359 13.50 3.60 -45.98
C VAL B 359 13.20 5.05 -45.66
N ASP B 360 13.91 5.98 -46.30
CA ASP B 360 13.58 7.39 -46.22
C ASP B 360 12.18 7.52 -46.79
N SER B 361 11.34 8.30 -46.12
CA SER B 361 9.96 8.45 -46.53
C SER B 361 9.36 9.71 -45.91
N SER B 362 8.05 9.70 -45.67
CA SER B 362 7.39 10.89 -45.18
C SER B 362 6.06 10.51 -44.54
N ILE B 363 5.60 11.36 -43.63
CA ILE B 363 4.30 11.21 -43.01
C ILE B 363 3.71 12.60 -42.99
N GLY B 364 2.51 12.77 -43.52
CA GLY B 364 1.87 14.09 -43.61
C GLY B 364 2.71 15.13 -44.34
N GLU B 365 3.50 14.66 -45.31
CA GLU B 365 4.43 15.50 -46.08
C GLU B 365 5.60 16.06 -45.25
N PHE B 366 5.79 15.53 -44.03
CA PHE B 366 7.02 15.75 -43.25
C PHE B 366 7.97 14.62 -43.55
N ALA B 367 9.25 14.92 -43.70
CA ALA B 367 10.23 13.88 -44.01
C ALA B 367 10.46 12.95 -42.80
N VAL B 368 10.79 11.70 -43.09
CA VAL B 368 11.19 10.76 -42.06
C VAL B 368 12.31 9.90 -42.64
N ASP B 369 13.42 9.84 -41.91
CA ASP B 369 14.57 9.12 -42.39
C ASP B 369 14.49 7.65 -42.07
N LYS B 370 15.25 6.88 -42.85
CA LYS B 370 15.46 5.47 -42.57
C LYS B 370 15.92 5.35 -41.14
N GLY B 371 15.39 4.36 -40.42
CA GLY B 371 15.86 4.04 -39.08
C GLY B 371 15.15 4.77 -37.93
N THR B 372 14.18 5.60 -38.28
CA THR B 372 13.45 6.42 -37.32
C THR B 372 12.32 5.60 -36.73
N GLU B 373 12.17 5.66 -35.42
CA GLU B 373 11.09 4.96 -34.73
C GLU B 373 9.78 5.72 -34.91
N VAL B 374 8.68 4.99 -35.04
CA VAL B 374 7.38 5.64 -35.23
C VAL B 374 6.32 4.95 -34.38
N ILE B 375 5.69 5.70 -33.49
CA ILE B 375 4.69 5.15 -32.60
C ILE B 375 3.33 5.67 -33.00
N ILE B 376 2.36 4.79 -33.05
CA ILE B 376 0.98 5.18 -33.32
C ILE B 376 0.29 5.24 -31.97
N ASN B 377 -0.21 6.41 -31.61
CA ASN B 377 -0.93 6.54 -30.36
C ASN B 377 -2.39 6.17 -30.53
N LEU B 378 -2.69 4.90 -30.35
CA LEU B 378 -4.08 4.46 -30.45
C LEU B 378 -4.94 5.18 -29.45
N TRP B 379 -4.33 5.50 -28.30
CA TRP B 379 -5.05 6.06 -27.17
C TRP B 379 -5.63 7.38 -27.62
N ALA B 380 -4.82 8.12 -28.38
CA ALA B 380 -5.22 9.40 -28.92
C ALA B 380 -6.38 9.22 -29.90
N LEU B 381 -6.23 8.25 -30.81
CA LEU B 381 -7.24 7.96 -31.84
C LEU B 381 -8.58 7.56 -31.26
N HIS B 382 -8.54 6.81 -30.17
CA HIS B 382 -9.74 6.28 -29.55
C HIS B 382 -10.45 7.30 -28.68
N HIS B 383 -9.71 8.31 -28.25
CA HIS B 383 -10.22 9.30 -27.31
C HIS B 383 -10.36 10.70 -27.93
N ASN B 384 -9.90 10.86 -29.17
CA ASN B 384 -10.08 12.09 -29.95
C ASN B 384 -11.47 12.67 -29.77
N GLU B 385 -11.54 13.93 -29.37
CA GLU B 385 -12.79 14.58 -29.01
C GLU B 385 -13.74 14.76 -30.20
N LYS B 386 -13.16 14.90 -31.38
CA LYS B 386 -13.89 15.28 -32.58
C LYS B 386 -14.41 14.05 -33.30
N GLU B 387 -13.87 12.88 -32.95
CA GLU B 387 -14.22 11.65 -33.64
C GLU B 387 -15.19 10.81 -32.83
N TRP B 388 -15.24 11.05 -31.52
CA TRP B 388 -16.13 10.31 -30.64
C TRP B 388 -16.87 11.27 -29.74
N HIS B 389 -18.12 10.92 -29.45
CA HIS B 389 -18.91 11.61 -28.46
C HIS B 389 -18.51 11.10 -27.07
N GLN B 390 -18.12 12.00 -26.17
CA GLN B 390 -17.83 11.65 -24.77
C GLN B 390 -16.95 10.39 -24.64
N PRO B 391 -15.73 10.45 -25.22
CA PRO B 391 -14.84 9.28 -25.33
C PRO B 391 -14.34 8.79 -23.98
N ASP B 392 -14.43 9.67 -22.99
CA ASP B 392 -14.04 9.35 -21.62
C ASP B 392 -15.01 8.32 -21.04
N GLN B 393 -16.19 8.22 -21.66
CA GLN B 393 -17.28 7.39 -21.14
C GLN B 393 -17.37 5.97 -21.73
N PHE B 394 -17.82 5.04 -20.91
CA PHE B 394 -18.10 3.68 -21.35
C PHE B 394 -19.53 3.68 -21.88
N MET B 395 -19.67 3.68 -23.20
CA MET B 395 -20.97 3.74 -23.87
C MET B 395 -21.02 2.77 -25.05
N PRO B 396 -21.26 1.48 -24.77
CA PRO B 396 -21.40 0.48 -25.83
C PRO B 396 -22.44 0.89 -26.88
N GLU B 397 -23.43 1.65 -26.45
CA GLU B 397 -24.51 2.12 -27.33
C GLU B 397 -23.99 2.95 -28.52
N ARG B 398 -22.75 3.43 -28.44
CA ARG B 398 -22.15 4.22 -29.51
C ARG B 398 -21.90 3.38 -30.75
N PHE B 399 -21.89 2.05 -30.58
CA PHE B 399 -21.64 1.10 -31.66
C PHE B 399 -22.92 0.45 -32.22
N LEU B 400 -24.06 0.98 -31.80
CA LEU B 400 -25.36 0.57 -32.31
C LEU B 400 -26.06 1.75 -32.93
N ASN B 401 -26.89 1.48 -33.94
CA ASN B 401 -27.79 2.49 -34.47
C ASN B 401 -28.79 2.90 -33.39
N PRO B 402 -29.44 4.07 -33.58
CA PRO B 402 -30.38 4.56 -32.57
C PRO B 402 -31.35 3.48 -32.09
N ALA B 403 -31.81 2.64 -33.01
CA ALA B 403 -32.73 1.56 -32.67
C ALA B 403 -32.08 0.59 -31.69
N GLY B 404 -31.00 -0.02 -32.13
CA GLY B 404 -30.27 -1.01 -31.36
C GLY B 404 -30.39 -2.33 -32.07
N THR B 405 -30.41 -2.26 -33.41
CA THR B 405 -30.73 -3.41 -34.23
C THR B 405 -29.67 -3.72 -35.30
N GLN B 406 -28.70 -2.82 -35.45
CA GLN B 406 -27.54 -3.06 -36.33
C GLN B 406 -26.27 -2.51 -35.68
N LEU B 407 -25.14 -3.13 -35.98
CA LEU B 407 -23.84 -2.67 -35.52
C LEU B 407 -23.19 -1.68 -36.50
N ILE B 408 -23.12 -0.43 -36.10
CA ILE B 408 -22.47 0.58 -36.91
C ILE B 408 -20.97 0.63 -36.60
N SER B 409 -20.24 1.41 -37.39
CA SER B 409 -18.88 1.79 -37.09
C SER B 409 -18.87 3.33 -37.03
N PRO B 410 -19.21 3.91 -35.85
CA PRO B 410 -19.45 5.35 -35.79
C PRO B 410 -18.26 6.19 -36.23
N SER B 411 -17.05 5.69 -35.99
CA SER B 411 -15.82 6.43 -36.31
C SER B 411 -14.77 5.58 -36.99
N VAL B 412 -13.95 6.25 -37.77
CA VAL B 412 -12.87 5.59 -38.50
C VAL B 412 -11.59 5.64 -37.68
N SER B 413 -11.61 6.47 -36.62
CA SER B 413 -10.47 6.60 -35.72
C SER B 413 -10.46 5.43 -34.71
N TYR B 414 -10.34 4.20 -35.23
CA TYR B 414 -10.50 3.00 -34.40
C TYR B 414 -9.74 1.82 -35.00
N LEU B 415 -8.71 1.37 -34.29
CA LEU B 415 -7.81 0.35 -34.82
C LEU B 415 -7.20 -0.53 -33.75
N PRO B 416 -8.03 -1.17 -32.92
CA PRO B 416 -7.51 -2.03 -31.85
C PRO B 416 -6.49 -3.08 -32.34
N PHE B 417 -6.79 -3.72 -33.45
CA PHE B 417 -5.93 -4.77 -33.97
C PHE B 417 -4.88 -4.27 -34.95
N GLY B 418 -4.74 -2.95 -35.04
CA GLY B 418 -3.75 -2.37 -35.92
C GLY B 418 -4.22 -2.35 -37.36
N ALA B 419 -3.26 -2.34 -38.29
CA ALA B 419 -3.56 -2.31 -39.71
C ALA B 419 -2.32 -2.49 -40.59
N GLY B 420 -2.52 -3.07 -41.77
CA GLY B 420 -1.46 -3.22 -42.73
C GLY B 420 -0.51 -4.36 -42.42
N PRO B 421 0.69 -4.33 -43.05
CA PRO B 421 1.74 -5.34 -42.91
C PRO B 421 2.07 -5.87 -41.50
N ARG B 422 2.00 -5.07 -40.44
CA ARG B 422 2.28 -5.56 -39.08
C ARG B 422 1.01 -5.70 -38.24
N SER B 423 -0.13 -5.81 -38.90
CA SER B 423 -1.40 -5.92 -38.18
C SER B 423 -1.55 -7.27 -37.54
N CYS B 424 -2.44 -7.31 -36.56
CA CYS B 424 -2.72 -8.52 -35.82
C CYS B 424 -3.12 -9.66 -36.78
N ILE B 425 -2.54 -10.84 -36.54
CA ILE B 425 -2.86 -12.06 -37.29
C ILE B 425 -3.77 -12.99 -36.51
N GLY B 426 -4.27 -12.55 -35.36
CA GLY B 426 -5.15 -13.37 -34.54
C GLY B 426 -6.51 -12.73 -34.32
N GLU B 427 -6.83 -11.71 -35.12
CA GLU B 427 -8.03 -10.92 -34.86
C GLU B 427 -9.31 -11.75 -34.89
N ILE B 428 -9.41 -12.69 -35.83
CA ILE B 428 -10.62 -13.49 -35.95
C ILE B 428 -10.72 -14.47 -34.78
N LEU B 429 -9.58 -15.01 -34.38
CA LEU B 429 -9.52 -15.89 -33.21
C LEU B 429 -9.88 -15.17 -31.90
N ALA B 430 -9.25 -14.02 -31.68
CA ALA B 430 -9.44 -13.26 -30.47
C ALA B 430 -10.91 -12.84 -30.34
N ARG B 431 -11.47 -12.31 -31.41
CA ARG B 431 -12.87 -11.86 -31.41
C ARG B 431 -13.85 -12.98 -31.07
N GLN B 432 -13.53 -14.20 -31.48
CA GLN B 432 -14.39 -15.33 -31.24
C GLN B 432 -14.17 -15.89 -29.82
N GLU B 433 -12.92 -15.97 -29.39
CA GLU B 433 -12.62 -16.36 -28.01
C GLU B 433 -13.36 -15.45 -27.06
N LEU B 434 -13.35 -14.15 -27.37
CA LEU B 434 -13.95 -13.15 -26.50
C LEU B 434 -15.46 -13.28 -26.47
N PHE B 435 -16.08 -13.31 -27.64
CA PHE B 435 -17.54 -13.34 -27.72
C PHE B 435 -18.11 -14.56 -27.03
N LEU B 436 -17.42 -15.68 -27.20
CA LEU B 436 -17.90 -16.93 -26.66
C LEU B 436 -17.76 -16.96 -25.14
N ILE B 437 -16.59 -16.53 -24.65
CA ILE B 437 -16.31 -16.54 -23.22
C ILE B 437 -17.34 -15.71 -22.48
N MET B 438 -17.67 -14.54 -23.03
CA MET B 438 -18.59 -13.65 -22.34
C MET B 438 -20.01 -14.20 -22.44
N ALA B 439 -20.30 -14.88 -23.55
CA ALA B 439 -21.64 -15.37 -23.85
C ALA B 439 -22.01 -16.52 -22.92
N TRP B 440 -21.11 -17.49 -22.82
CA TRP B 440 -21.30 -18.59 -21.89
C TRP B 440 -21.43 -18.08 -20.45
N LEU B 441 -20.49 -17.23 -20.04
CA LEU B 441 -20.46 -16.65 -18.70
C LEU B 441 -21.76 -15.94 -18.34
N LEU B 442 -22.18 -15.02 -19.21
CA LEU B 442 -23.41 -14.29 -18.95
C LEU B 442 -24.60 -15.24 -18.94
N GLN B 443 -24.49 -16.38 -19.61
CA GLN B 443 -25.61 -17.30 -19.66
C GLN B 443 -25.84 -17.97 -18.33
N ARG B 444 -24.74 -18.45 -17.74
CA ARG B 444 -24.78 -19.34 -16.58
C ARG B 444 -24.56 -18.64 -15.25
N PHE B 445 -23.87 -17.49 -15.27
CA PHE B 445 -23.38 -16.88 -14.05
C PHE B 445 -23.92 -15.48 -13.76
N ASP B 446 -24.28 -15.26 -12.49
CA ASP B 446 -24.39 -13.92 -11.94
C ASP B 446 -22.98 -13.45 -11.51
N LEU B 447 -22.47 -12.41 -12.15
CA LEU B 447 -21.16 -11.87 -11.86
C LEU B 447 -21.38 -10.57 -11.14
N GLU B 448 -21.16 -10.56 -9.82
CA GLU B 448 -21.54 -9.41 -8.99
C GLU B 448 -20.37 -8.87 -8.16
N VAL B 449 -20.62 -7.78 -7.44
CA VAL B 449 -19.60 -7.20 -6.60
C VAL B 449 -19.39 -8.10 -5.37
N PRO B 450 -18.14 -8.22 -4.89
CA PRO B 450 -17.93 -8.98 -3.65
C PRO B 450 -18.53 -8.29 -2.41
N ASP B 451 -18.85 -9.06 -1.37
CA ASP B 451 -19.58 -8.54 -0.21
C ASP B 451 -18.91 -7.34 0.47
N ASP B 452 -17.60 -7.22 0.31
CA ASP B 452 -16.87 -6.07 0.86
C ASP B 452 -17.04 -4.79 0.04
N GLY B 453 -17.75 -4.88 -1.09
CA GLY B 453 -18.10 -3.70 -1.87
C GLY B 453 -17.02 -3.13 -2.79
N GLN B 454 -15.81 -3.68 -2.72
CA GLN B 454 -14.70 -3.22 -3.55
C GLN B 454 -14.91 -3.46 -5.04
N LEU B 455 -14.57 -2.45 -5.84
CA LEU B 455 -14.61 -2.52 -7.30
C LEU B 455 -13.21 -2.39 -7.84
N PRO B 456 -12.97 -2.92 -9.04
CA PRO B 456 -11.62 -2.81 -9.61
C PRO B 456 -11.30 -1.40 -10.14
N SER B 457 -10.03 -1.01 -10.10
CA SER B 457 -9.62 0.26 -10.66
C SER B 457 -9.51 0.10 -12.15
N LEU B 458 -10.10 1.04 -12.88
CA LEU B 458 -10.07 1.04 -14.34
C LEU B 458 -8.91 1.90 -14.88
N GLU B 459 -8.03 2.36 -13.99
CA GLU B 459 -6.90 3.19 -14.38
C GLU B 459 -5.93 2.39 -15.25
N GLY B 460 -5.75 1.14 -14.87
CA GLY B 460 -4.87 0.24 -15.57
C GLY B 460 -3.40 0.38 -15.23
N ILE B 461 -2.64 -0.60 -15.71
CA ILE B 461 -1.22 -0.69 -15.52
C ILE B 461 -0.54 -0.87 -16.89
N PRO B 462 -0.08 0.23 -17.49
CA PRO B 462 0.63 0.16 -18.76
C PRO B 462 1.88 -0.73 -18.70
N LYS B 463 1.81 -1.84 -19.43
CA LYS B 463 2.99 -2.64 -19.71
C LYS B 463 3.02 -2.83 -21.21
N VAL B 464 3.64 -3.91 -21.67
CA VAL B 464 3.64 -4.26 -23.07
C VAL B 464 2.20 -4.59 -23.44
N VAL B 465 1.46 -5.05 -22.45
CA VAL B 465 0.01 -5.17 -22.55
C VAL B 465 -0.59 -4.24 -21.50
N PHE B 466 -1.75 -3.67 -21.81
CA PHE B 466 -2.41 -2.74 -20.90
C PHE B 466 -3.22 -3.53 -19.84
N LEU B 467 -2.55 -3.95 -18.78
CA LEU B 467 -3.15 -4.81 -17.77
C LEU B 467 -4.08 -4.04 -16.85
N ILE B 468 -4.99 -4.77 -16.21
CA ILE B 468 -5.83 -4.20 -15.16
C ILE B 468 -5.34 -4.81 -13.83
N ASP B 469 -5.46 -4.06 -12.74
CA ASP B 469 -5.17 -4.59 -11.40
C ASP B 469 -6.04 -5.83 -11.16
N SER B 470 -5.46 -6.82 -10.50
CA SER B 470 -6.22 -7.99 -10.12
C SER B 470 -7.36 -7.60 -9.16
N PHE B 471 -8.51 -8.22 -9.36
CA PHE B 471 -9.69 -7.99 -8.54
C PHE B 471 -10.49 -9.26 -8.41
N LYS B 472 -11.52 -9.23 -7.58
CA LYS B 472 -12.35 -10.39 -7.33
C LYS B 472 -13.78 -10.22 -7.83
N VAL B 473 -14.47 -11.34 -8.00
CA VAL B 473 -15.87 -11.34 -8.42
C VAL B 473 -16.64 -12.36 -7.64
N LYS B 474 -17.77 -11.95 -7.08
CA LYS B 474 -18.71 -12.89 -6.50
C LYS B 474 -19.46 -13.52 -7.65
N ILE B 475 -19.30 -14.82 -7.79
CA ILE B 475 -19.82 -15.55 -8.93
C ILE B 475 -20.88 -16.56 -8.48
N LYS B 476 -22.09 -16.42 -8.99
CA LYS B 476 -23.22 -17.30 -8.63
C LYS B 476 -23.89 -17.88 -9.87
N VAL B 477 -24.14 -19.19 -9.83
CA VAL B 477 -24.89 -19.85 -10.88
C VAL B 477 -26.26 -19.19 -10.91
N ARG B 478 -26.73 -18.90 -12.11
CA ARG B 478 -28.03 -18.26 -12.26
C ARG B 478 -29.14 -19.24 -11.95
N GLN B 479 -30.13 -18.78 -11.18
CA GLN B 479 -31.29 -19.60 -10.85
C GLN B 479 -31.88 -20.18 -12.15
N ALA B 480 -32.06 -19.32 -13.15
CA ALA B 480 -32.68 -19.69 -14.42
C ALA B 480 -31.95 -20.82 -15.14
N TRP B 481 -30.63 -20.80 -15.06
CA TRP B 481 -29.84 -21.80 -15.75
C TRP B 481 -29.94 -23.15 -15.05
N ARG B 482 -30.16 -23.13 -13.75
CA ARG B 482 -30.13 -24.39 -13.00
C ARG B 482 -31.45 -25.13 -13.16
N GLU B 483 -32.53 -24.37 -13.31
CA GLU B 483 -33.87 -24.93 -13.47
C GLU B 483 -33.99 -25.73 -14.76
N ALA B 484 -33.22 -25.32 -15.77
CA ALA B 484 -33.29 -25.92 -17.10
C ALA B 484 -32.50 -27.23 -17.19
N GLN B 485 -32.45 -27.96 -16.08
CA GLN B 485 -31.77 -29.24 -16.01
C GLN B 485 -32.67 -30.26 -15.32
N LEU C 13 10.64 17.81 -47.74
CA LEU C 13 11.14 19.20 -47.69
C LEU C 13 10.82 19.91 -46.38
N LEU C 14 9.71 19.52 -45.76
CA LEU C 14 9.30 20.02 -44.44
C LEU C 14 10.08 19.32 -43.29
N SER C 15 10.07 19.94 -42.10
CA SER C 15 10.69 19.36 -40.91
C SER C 15 9.65 19.19 -39.83
N LEU C 16 9.65 18.03 -39.21
CA LEU C 16 8.82 17.83 -38.04
C LEU C 16 9.31 18.68 -36.88
N PRO C 17 8.40 19.12 -36.01
CA PRO C 17 8.82 19.76 -34.77
C PRO C 17 9.54 18.77 -33.81
N LEU C 18 10.72 19.17 -33.35
CA LEU C 18 11.46 18.43 -32.36
C LEU C 18 11.12 19.03 -31.02
N VAL C 19 10.30 18.33 -30.23
CA VAL C 19 9.80 18.86 -28.95
C VAL C 19 10.50 18.31 -27.71
N GLY C 20 11.45 17.39 -27.91
CA GLY C 20 12.28 16.89 -26.83
C GLY C 20 13.63 16.54 -27.39
N SER C 21 14.68 16.64 -26.59
CA SER C 21 16.01 16.28 -27.04
C SER C 21 16.98 16.10 -25.89
N LEU C 22 17.68 14.98 -25.93
CA LEU C 22 18.80 14.70 -25.04
C LEU C 22 20.00 14.36 -25.93
N PRO C 23 20.64 15.38 -26.50
CA PRO C 23 21.73 15.16 -27.47
C PRO C 23 22.82 14.21 -26.95
N PHE C 24 23.02 14.18 -25.64
CA PHE C 24 24.14 13.43 -25.08
C PHE C 24 23.63 12.55 -23.97
N LEU C 25 23.84 11.24 -24.13
CA LEU C 25 23.47 10.28 -23.11
C LEU C 25 24.74 9.68 -22.50
N PRO C 26 24.68 9.33 -21.21
CA PRO C 26 25.90 8.85 -20.54
C PRO C 26 26.20 7.37 -20.80
N ARG C 27 27.44 7.07 -21.19
CA ARG C 27 27.90 5.68 -21.24
C ARG C 27 27.97 5.22 -19.79
N HIS C 28 27.62 3.94 -19.55
CA HIS C 28 27.57 3.36 -18.21
C HIS C 28 28.70 3.92 -17.35
N GLY C 29 28.37 4.48 -16.18
CA GLY C 29 29.36 5.08 -15.32
C GLY C 29 28.79 5.84 -14.15
N HIS C 30 29.66 6.32 -13.27
CA HIS C 30 29.26 7.11 -12.12
C HIS C 30 28.72 8.41 -12.64
N MET C 31 27.71 8.94 -11.96
CA MET C 31 27.00 10.12 -12.45
C MET C 31 27.81 11.39 -12.30
N HIS C 32 28.49 11.54 -11.16
CA HIS C 32 29.28 12.73 -10.93
C HIS C 32 30.41 12.80 -11.94
N ASN C 33 30.90 11.64 -12.34
CA ASN C 33 31.94 11.65 -13.35
C ASN C 33 31.36 12.07 -14.71
N ASN C 34 30.19 11.56 -15.06
CA ASN C 34 29.55 11.93 -16.31
C ASN C 34 29.28 13.42 -16.35
N PHE C 35 28.70 13.95 -15.28
CA PHE C 35 28.40 15.37 -15.21
C PHE C 35 29.66 16.18 -15.40
N PHE C 36 30.77 15.65 -14.90
CA PHE C 36 32.06 16.33 -14.95
C PHE C 36 32.57 16.35 -16.38
N LYS C 37 32.54 15.19 -17.04
CA LYS C 37 33.03 15.08 -18.41
C LYS C 37 32.21 15.97 -19.32
N LEU C 38 30.95 16.14 -18.97
CA LEU C 38 30.05 16.98 -19.75
C LEU C 38 30.49 18.43 -19.71
N GLN C 39 31.40 18.77 -18.79
CA GLN C 39 31.82 20.16 -18.63
C GLN C 39 32.76 20.58 -19.76
N LYS C 40 33.24 19.62 -20.55
CA LYS C 40 34.14 19.93 -21.66
C LYS C 40 33.40 20.66 -22.77
N LYS C 41 32.13 20.33 -22.99
CA LYS C 41 31.35 20.98 -24.04
C LYS C 41 30.54 22.17 -23.54
N TYR C 42 30.01 22.09 -22.32
CA TYR C 42 29.04 23.07 -21.81
C TYR C 42 29.57 23.98 -20.70
N GLY C 43 30.79 23.74 -20.24
CA GLY C 43 31.37 24.57 -19.22
C GLY C 43 30.95 24.12 -17.83
N PRO C 44 31.24 24.94 -16.81
CA PRO C 44 31.09 24.58 -15.40
C PRO C 44 29.67 24.76 -14.86
N ILE C 45 28.73 25.11 -15.72
CA ILE C 45 27.34 25.24 -15.29
C ILE C 45 26.40 25.09 -16.47
N TYR C 46 25.42 24.22 -16.32
CA TYR C 46 24.41 23.98 -17.34
C TYR C 46 23.12 23.52 -16.68
N SER C 47 22.07 23.34 -17.48
CA SER C 47 20.76 22.99 -16.94
C SER C 47 20.09 21.87 -17.72
N VAL C 48 19.17 21.19 -17.06
CA VAL C 48 18.36 20.15 -17.69
C VAL C 48 16.93 20.46 -17.32
N ARG C 49 16.03 20.25 -18.27
CA ARG C 49 14.62 20.59 -18.11
C ARG C 49 13.78 19.35 -18.39
N MET C 50 12.80 19.09 -17.53
CA MET C 50 11.86 17.99 -17.74
C MET C 50 10.47 18.44 -17.29
N GLY C 51 9.58 18.66 -18.25
CA GLY C 51 8.34 19.35 -17.96
C GLY C 51 8.64 20.72 -17.38
N THR C 52 8.11 20.94 -16.17
CA THR C 52 8.29 22.21 -15.47
C THR C 52 9.52 22.19 -14.55
N LYS C 53 10.03 21.01 -14.22
CA LYS C 53 11.24 20.90 -13.41
C LYS C 53 12.51 21.34 -14.17
N THR C 54 13.30 22.20 -13.52
CA THR C 54 14.62 22.59 -14.01
C THR C 54 15.68 22.20 -12.96
N THR C 55 16.79 21.66 -13.42
CA THR C 55 17.89 21.27 -12.54
C THR C 55 19.20 21.88 -13.05
N VAL C 56 19.97 22.47 -12.14
CA VAL C 56 21.26 23.07 -12.46
C VAL C 56 22.38 22.27 -11.82
N ILE C 57 23.48 22.10 -12.54
CA ILE C 57 24.65 21.37 -12.05
C ILE C 57 25.87 22.31 -12.09
N VAL C 58 26.48 22.54 -10.93
CA VAL C 58 27.63 23.44 -10.82
C VAL C 58 28.90 22.65 -10.58
N GLY C 59 29.97 23.05 -11.27
CA GLY C 59 31.20 22.28 -11.28
C GLY C 59 32.49 23.08 -11.22
N HIS C 60 32.39 24.34 -10.85
CA HIS C 60 33.57 25.16 -10.54
C HIS C 60 33.39 25.75 -9.14
N HIS C 61 34.48 25.77 -8.37
CA HIS C 61 34.45 26.22 -6.97
C HIS C 61 33.91 27.64 -6.77
N GLN C 62 34.19 28.54 -7.71
CA GLN C 62 33.76 29.93 -7.58
C GLN C 62 32.24 30.02 -7.56
N LEU C 63 31.62 29.31 -8.50
CA LEU C 63 30.16 29.29 -8.60
C LEU C 63 29.52 28.50 -7.45
N ALA C 64 30.20 27.45 -7.03
CA ALA C 64 29.74 26.68 -5.89
C ALA C 64 29.61 27.58 -4.67
N LYS C 65 30.67 28.35 -4.39
CA LYS C 65 30.71 29.17 -3.19
C LYS C 65 29.66 30.27 -3.22
N GLU C 66 29.25 30.67 -4.41
CA GLU C 66 28.17 31.63 -4.59
C GLU C 66 26.83 31.01 -4.16
N VAL C 67 26.64 29.74 -4.50
CA VAL C 67 25.42 28.99 -4.15
C VAL C 67 25.40 28.68 -2.68
N LEU C 68 26.53 28.26 -2.15
CA LEU C 68 26.61 27.83 -0.75
C LEU C 68 26.85 28.99 0.23
N ILE C 69 27.68 29.96 -0.14
CA ILE C 69 28.14 30.98 0.80
C ILE C 69 27.60 32.41 0.51
N LYS C 70 28.01 33.02 -0.59
CA LYS C 70 27.57 34.39 -0.86
C LYS C 70 26.05 34.48 -0.95
N LYS C 71 25.41 33.45 -1.49
CA LYS C 71 23.94 33.47 -1.59
C LYS C 71 23.31 32.26 -0.90
N GLY C 72 23.88 31.84 0.22
CA GLY C 72 23.44 30.65 0.92
C GLY C 72 21.95 30.62 1.19
N LYS C 73 21.38 31.73 1.68
CA LYS C 73 19.97 31.79 2.05
C LYS C 73 19.06 31.68 0.84
N ASP C 74 19.59 31.98 -0.35
CA ASP C 74 18.80 31.89 -1.58
C ASP C 74 18.68 30.45 -2.09
N PHE C 75 19.68 29.64 -1.79
CA PHE C 75 19.76 28.27 -2.28
C PHE C 75 19.75 27.25 -1.15
N SER C 76 19.16 27.60 -0.01
CA SER C 76 19.19 26.74 1.15
C SER C 76 18.03 25.73 1.18
N GLY C 77 17.21 25.72 0.15
CA GLY C 77 16.06 24.83 0.12
C GLY C 77 16.40 23.39 -0.24
N ARG C 78 15.47 22.49 -0.01
CA ARG C 78 15.63 21.09 -0.42
C ARG C 78 14.50 20.69 -1.37
N PRO C 79 14.85 20.11 -2.53
CA PRO C 79 13.77 19.65 -3.42
C PRO C 79 12.99 18.47 -2.84
N GLN C 80 11.68 18.46 -3.06
CA GLN C 80 10.82 17.37 -2.63
C GLN C 80 11.06 16.16 -3.55
N MET C 81 11.62 15.09 -2.98
CA MET C 81 11.85 13.82 -3.68
C MET C 81 11.09 12.67 -3.01
N ALA C 82 10.42 11.84 -3.79
CA ALA C 82 9.58 10.77 -3.25
C ALA C 82 10.32 9.79 -2.33
N THR C 83 11.59 9.58 -2.63
CA THR C 83 12.39 8.62 -1.90
C THR C 83 12.74 9.24 -0.54
N LEU C 84 13.08 10.53 -0.52
CA LEU C 84 13.47 11.20 0.72
C LEU C 84 12.28 11.44 1.64
N ASP C 85 11.09 11.58 1.06
CA ASP C 85 9.91 11.78 1.86
C ASP C 85 9.62 10.57 2.73
N ILE C 86 9.97 9.38 2.25
CA ILE C 86 9.78 8.16 3.03
C ILE C 86 10.73 8.18 4.22
N LEU C 87 12.00 8.47 3.94
CA LEU C 87 13.03 8.45 4.95
C LEU C 87 12.82 9.52 6.05
N SER C 88 12.45 10.73 5.62
CA SER C 88 12.33 11.89 6.50
C SER C 88 10.92 12.11 7.04
N ASN C 89 10.09 11.09 6.93
CA ASN C 89 8.71 11.14 7.41
C ASN C 89 8.07 12.45 6.94
N ASN C 90 8.21 12.73 5.65
CA ASN C 90 7.76 13.98 5.00
C ASN C 90 8.53 15.24 5.38
N ARG C 91 9.82 15.25 5.03
CA ARG C 91 10.61 16.48 5.05
C ARG C 91 10.77 17.08 6.45
N LYS C 92 10.72 16.17 7.44
CA LYS C 92 11.07 16.48 8.81
C LYS C 92 12.56 16.19 9.01
N GLY C 93 13.02 16.05 10.24
CA GLY C 93 14.45 15.93 10.49
C GLY C 93 15.18 17.25 10.18
N ILE C 94 16.42 17.14 9.71
CA ILE C 94 17.22 18.31 9.34
C ILE C 94 17.74 18.20 7.90
N ALA C 95 18.51 17.16 7.63
CA ALA C 95 19.22 17.04 6.36
C ALA C 95 18.34 17.20 5.12
N PHE C 96 17.16 16.57 5.15
CA PHE C 96 16.27 16.55 3.99
C PHE C 96 15.02 17.43 4.20
N ALA C 97 15.06 18.27 5.21
CA ALA C 97 13.97 19.20 5.46
C ALA C 97 14.21 20.49 4.67
N ASP C 98 13.12 21.14 4.26
CA ASP C 98 13.27 22.39 3.55
C ASP C 98 13.71 23.50 4.53
N SER C 99 14.18 24.62 4.00
CA SER C 99 14.64 25.72 4.83
C SER C 99 13.48 26.52 5.42
N GLY C 100 12.92 26.00 6.51
CA GLY C 100 11.84 26.64 7.22
C GLY C 100 12.11 26.68 8.72
N ALA C 101 11.07 26.97 9.49
CA ALA C 101 11.21 27.17 10.93
C ALA C 101 11.62 25.86 11.61
N HIS C 102 10.96 24.77 11.23
CA HIS C 102 11.29 23.43 11.71
C HIS C 102 12.79 23.12 11.53
N TRP C 103 13.30 23.35 10.32
CA TRP C 103 14.70 23.05 10.03
C TRP C 103 15.67 23.91 10.86
N GLN C 104 15.41 25.21 10.90
CA GLN C 104 16.23 26.13 11.66
C GLN C 104 16.30 25.67 13.09
N LEU C 105 15.13 25.40 13.67
CA LEU C 105 15.03 25.04 15.07
C LEU C 105 15.84 23.80 15.40
N HIS C 106 15.57 22.71 14.70
CA HIS C 106 16.21 21.43 14.99
C HIS C 106 17.70 21.49 14.73
N ARG C 107 18.10 22.20 13.67
CA ARG C 107 19.51 22.40 13.38
C ARG C 107 20.19 23.10 14.56
N ARG C 108 19.60 24.22 14.98
CA ARG C 108 20.11 25.00 16.10
C ARG C 108 20.25 24.17 17.40
N LEU C 109 19.21 23.39 17.70
CA LEU C 109 19.21 22.57 18.89
C LEU C 109 20.25 21.47 18.79
N ALA C 110 20.44 20.92 17.60
CA ALA C 110 21.43 19.86 17.41
C ALA C 110 22.82 20.41 17.67
N MET C 111 23.03 21.69 17.35
CA MET C 111 24.35 22.30 17.49
C MET C 111 24.62 22.65 18.94
N ALA C 112 23.58 23.16 19.59
CA ALA C 112 23.66 23.54 21.00
C ALA C 112 24.01 22.34 21.87
N THR C 113 23.67 21.16 21.39
CA THR C 113 23.90 19.95 22.15
C THR C 113 25.39 19.69 22.29
N PHE C 114 26.16 20.02 21.26
CA PHE C 114 27.58 19.70 21.27
C PHE C 114 28.37 20.49 22.34
N ALA C 115 27.74 21.50 22.92
CA ALA C 115 28.34 22.29 23.98
C ALA C 115 28.36 21.50 25.29
N LEU C 116 27.44 20.55 25.42
CA LEU C 116 27.37 19.69 26.60
C LEU C 116 28.46 18.63 26.61
N PHE C 117 29.34 18.68 25.60
CA PHE C 117 30.35 17.64 25.39
C PHE C 117 31.74 18.23 25.18
N LYS C 118 31.96 19.43 25.72
CA LYS C 118 33.24 20.13 25.57
C LYS C 118 34.10 19.95 26.82
N ASP C 119 33.49 20.20 27.98
CA ASP C 119 34.19 20.13 29.26
C ASP C 119 33.35 19.39 30.29
N GLY C 120 33.84 18.21 30.67
CA GLY C 120 33.25 17.41 31.74
C GLY C 120 33.92 16.05 31.77
N ASP C 121 33.27 15.08 32.41
CA ASP C 121 33.66 13.69 32.21
C ASP C 121 32.94 13.19 30.97
N GLN C 122 32.12 14.07 30.38
CA GLN C 122 31.45 13.81 29.12
C GLN C 122 32.16 14.61 28.00
N LYS C 123 33.47 14.74 28.11
CA LYS C 123 34.26 15.37 27.05
C LYS C 123 34.27 14.44 25.86
N LEU C 124 34.14 15.03 24.68
CA LEU C 124 34.04 14.27 23.44
C LEU C 124 35.24 13.35 23.28
N GLU C 125 36.42 13.92 23.47
CA GLU C 125 37.63 13.13 23.40
C GLU C 125 37.48 11.87 24.28
N LYS C 126 37.08 12.05 25.54
CA LYS C 126 36.95 10.92 26.48
C LYS C 126 36.08 9.83 25.91
N ILE C 127 34.87 10.21 25.50
CA ILE C 127 33.87 9.29 24.99
C ILE C 127 34.34 8.58 23.73
N ILE C 128 35.02 9.30 22.86
CA ILE C 128 35.51 8.68 21.64
C ILE C 128 36.59 7.66 22.01
N CYS C 129 37.63 8.13 22.69
CA CYS C 129 38.75 7.27 23.08
C CYS C 129 38.33 6.04 23.90
N GLN C 130 37.29 6.19 24.71
CA GLN C 130 36.73 5.05 25.41
C GLN C 130 36.27 3.96 24.43
N GLU C 131 35.50 4.35 23.41
CA GLU C 131 34.93 3.38 22.47
C GLU C 131 35.96 2.88 21.46
N ILE C 132 37.01 3.66 21.21
CA ILE C 132 38.09 3.20 20.34
C ILE C 132 38.95 2.18 21.07
N SER C 133 38.97 2.26 22.39
CA SER C 133 39.70 1.29 23.20
C SER C 133 39.01 -0.09 23.12
N THR C 134 37.69 -0.10 23.29
CA THR C 134 36.87 -1.30 23.10
C THR C 134 37.08 -1.87 21.69
N LEU C 135 37.14 -0.98 20.70
CA LEU C 135 37.36 -1.36 19.31
C LEU C 135 38.68 -2.12 19.13
N CYS C 136 39.72 -1.63 19.80
CA CYS C 136 41.05 -2.20 19.68
C CYS C 136 41.17 -3.55 20.39
N ASP C 137 40.49 -3.70 21.51
CA ASP C 137 40.44 -4.96 22.25
C ASP C 137 39.82 -6.04 21.35
N MET C 138 38.83 -5.65 20.57
CA MET C 138 38.16 -6.59 19.68
C MET C 138 39.07 -6.97 18.55
N LEU C 139 39.69 -5.98 17.93
CA LEU C 139 40.53 -6.23 16.78
C LEU C 139 41.73 -7.08 17.15
N ALA C 140 42.07 -7.11 18.44
CA ALA C 140 43.26 -7.83 18.91
C ALA C 140 43.00 -9.33 18.87
N THR C 141 41.81 -9.72 19.30
CA THR C 141 41.43 -11.12 19.43
C THR C 141 41.47 -11.82 18.08
N HIS C 142 41.31 -11.04 17.02
CA HIS C 142 41.42 -11.53 15.66
C HIS C 142 42.86 -11.42 15.15
N ASN C 143 43.82 -11.59 16.07
CA ASN C 143 45.23 -11.55 15.73
C ASN C 143 45.57 -12.59 14.66
N GLY C 144 46.28 -12.16 13.62
CA GLY C 144 46.71 -13.06 12.56
C GLY C 144 45.68 -13.30 11.48
N GLN C 145 44.41 -13.08 11.81
CA GLN C 145 43.30 -13.35 10.90
C GLN C 145 43.12 -12.24 9.88
N SER C 146 42.57 -12.58 8.72
CA SER C 146 42.16 -11.58 7.75
C SER C 146 40.65 -11.39 7.89
N ILE C 147 40.21 -10.14 8.06
CA ILE C 147 38.83 -9.86 8.39
C ILE C 147 38.28 -8.61 7.69
N ASP C 148 37.01 -8.30 7.98
CA ASP C 148 36.36 -7.09 7.50
C ASP C 148 36.07 -6.19 8.69
N ILE C 149 36.89 -5.16 8.85
CA ILE C 149 36.80 -4.24 9.98
C ILE C 149 35.51 -3.42 10.04
N SER C 150 34.66 -3.53 9.02
CA SER C 150 33.46 -2.70 8.93
C SER C 150 32.61 -2.73 10.22
N PHE C 151 32.17 -3.92 10.62
CA PHE C 151 31.27 -4.05 11.76
C PHE C 151 31.82 -3.52 13.09
N PRO C 152 33.02 -3.95 13.48
CA PRO C 152 33.52 -3.46 14.78
C PRO C 152 33.75 -1.94 14.79
N VAL C 153 34.24 -1.35 13.69
CA VAL C 153 34.31 0.10 13.58
C VAL C 153 32.92 0.72 13.74
N PHE C 154 31.95 0.18 12.99
CA PHE C 154 30.56 0.61 13.07
C PHE C 154 30.09 0.69 14.53
N VAL C 155 30.40 -0.35 15.32
CA VAL C 155 29.99 -0.42 16.72
C VAL C 155 30.54 0.75 17.55
N ALA C 156 31.77 1.14 17.27
CA ALA C 156 32.40 2.23 17.98
C ALA C 156 31.66 3.54 17.73
N VAL C 157 31.54 3.92 16.47
CA VAL C 157 30.87 5.18 16.15
C VAL C 157 29.39 5.13 16.56
N THR C 158 28.76 3.96 16.48
CA THR C 158 27.36 3.84 16.91
C THR C 158 27.23 4.16 18.39
N ASN C 159 28.11 3.56 19.20
CA ASN C 159 28.16 3.84 20.63
C ASN C 159 28.43 5.31 20.94
N VAL C 160 29.35 5.92 20.21
CA VAL C 160 29.64 7.34 20.43
C VAL C 160 28.38 8.19 20.22
N ILE C 161 27.65 7.91 19.14
CA ILE C 161 26.53 8.75 18.75
C ILE C 161 25.36 8.50 19.70
N SER C 162 25.25 7.25 20.14
CA SER C 162 24.21 6.88 21.07
C SER C 162 24.46 7.56 22.45
N LEU C 163 25.73 7.80 22.76
CA LEU C 163 26.06 8.47 24.01
C LEU C 163 25.71 9.94 23.94
N ILE C 164 25.79 10.53 22.76
CA ILE C 164 25.48 11.95 22.60
C ILE C 164 23.97 12.14 22.59
N CYS C 165 23.24 11.16 22.07
CA CYS C 165 21.79 11.27 21.92
C CYS C 165 21.00 10.79 23.14
N PHE C 166 21.49 9.76 23.82
CA PHE C 166 20.74 9.12 24.89
C PHE C 166 21.56 8.84 26.19
N ASN C 167 22.85 9.16 26.17
CA ASN C 167 23.75 8.82 27.28
C ASN C 167 23.80 7.31 27.55
N THR C 168 23.70 6.52 26.48
CA THR C 168 23.74 5.06 26.57
C THR C 168 24.72 4.50 25.56
N SER C 169 25.07 3.21 25.69
CA SER C 169 25.91 2.55 24.70
C SER C 169 25.57 1.06 24.64
N TYR C 170 26.08 0.39 23.61
CA TYR C 170 25.75 -1.01 23.34
C TYR C 170 26.90 -1.93 23.70
N LYS C 171 26.62 -2.93 24.54
CA LYS C 171 27.61 -3.96 24.86
C LYS C 171 27.89 -4.81 23.62
N ASN C 172 29.14 -5.24 23.45
CA ASN C 172 29.50 -6.10 22.31
C ASN C 172 28.58 -7.31 22.31
N GLY C 173 28.05 -7.65 21.13
CA GLY C 173 27.20 -8.81 20.99
C GLY C 173 25.71 -8.52 21.12
N ASP C 174 25.37 -7.26 21.35
CA ASP C 174 23.96 -6.88 21.42
C ASP C 174 23.36 -7.08 20.02
N PRO C 175 22.21 -7.79 19.94
CA PRO C 175 21.65 -8.03 18.61
C PRO C 175 21.06 -6.78 17.99
N GLU C 176 20.84 -5.74 18.79
CA GLU C 176 20.25 -4.51 18.29
C GLU C 176 21.23 -3.81 17.33
N LEU C 177 22.52 -4.04 17.51
CA LEU C 177 23.55 -3.48 16.65
C LEU C 177 23.47 -4.10 15.26
N ASN C 178 23.03 -5.34 15.20
CA ASN C 178 22.87 -6.01 13.91
C ASN C 178 21.65 -5.47 13.20
N VAL C 179 20.61 -5.22 13.99
CA VAL C 179 19.39 -4.63 13.49
C VAL C 179 19.65 -3.28 12.83
N ILE C 180 20.45 -2.45 13.52
CA ILE C 180 20.78 -1.14 12.99
C ILE C 180 21.59 -1.23 11.69
N GLN C 181 22.53 -2.17 11.62
CA GLN C 181 23.41 -2.25 10.47
C GLN C 181 22.65 -2.77 9.27
N ASN C 182 21.59 -3.54 9.52
CA ASN C 182 20.80 -4.06 8.44
C ASN C 182 19.91 -2.98 7.87
N TYR C 183 19.23 -2.24 8.73
CA TYR C 183 18.34 -1.21 8.22
C TYR C 183 19.10 -0.03 7.60
N ASN C 184 20.28 0.24 8.11
CA ASN C 184 21.15 1.25 7.52
C ASN C 184 21.63 0.86 6.16
N GLU C 185 22.01 -0.41 6.02
CA GLU C 185 22.51 -0.92 4.75
C GLU C 185 21.37 -0.96 3.73
N GLY C 186 20.17 -1.27 4.21
CA GLY C 186 19.04 -1.44 3.32
C GLY C 186 18.53 -0.12 2.79
N ILE C 187 18.57 0.90 3.65
CA ILE C 187 18.13 2.24 3.31
C ILE C 187 19.03 2.84 2.23
N ILE C 188 20.34 2.87 2.50
CA ILE C 188 21.32 3.35 1.55
C ILE C 188 21.22 2.62 0.19
N ASP C 189 20.79 1.37 0.20
CA ASP C 189 20.81 0.58 -1.01
C ASP C 189 19.57 0.84 -1.87
N ASN C 190 18.49 1.25 -1.22
CA ASN C 190 17.20 1.41 -1.87
C ASN C 190 16.76 2.88 -1.95
N LEU C 191 17.55 3.78 -1.37
CA LEU C 191 17.25 5.19 -1.50
C LEU C 191 17.49 5.64 -2.93
N SER C 192 18.58 5.17 -3.53
CA SER C 192 18.93 5.52 -4.89
C SER C 192 20.00 4.59 -5.47
N LYS C 193 20.34 4.81 -6.74
CA LYS C 193 21.35 4.00 -7.44
C LYS C 193 22.60 4.85 -7.77
N ASP C 194 22.47 6.16 -7.56
CA ASP C 194 23.61 7.07 -7.63
C ASP C 194 23.35 8.20 -6.62
N SER C 195 24.05 9.33 -6.75
CA SER C 195 23.82 10.48 -5.88
C SER C 195 22.40 10.99 -6.14
N LEU C 196 21.74 11.48 -5.10
CA LEU C 196 20.36 11.95 -5.21
C LEU C 196 20.24 13.08 -6.22
N VAL C 197 19.26 12.98 -7.10
CA VAL C 197 18.91 14.08 -8.00
C VAL C 197 17.43 13.93 -8.27
N ASP C 198 16.66 14.99 -8.08
CA ASP C 198 15.22 14.90 -8.27
C ASP C 198 14.80 14.65 -9.72
N LEU C 199 15.74 14.83 -10.65
CA LEU C 199 15.46 14.57 -12.08
C LEU C 199 15.13 13.11 -12.32
N VAL C 200 15.82 12.25 -11.57
CA VAL C 200 15.59 10.82 -11.64
C VAL C 200 14.47 10.44 -10.68
N PRO C 201 13.44 9.73 -11.19
CA PRO C 201 12.38 9.18 -10.32
C PRO C 201 12.81 7.84 -9.75
N TRP C 202 13.57 7.91 -8.65
CA TRP C 202 14.32 6.77 -8.14
C TRP C 202 13.48 5.54 -7.85
N LEU C 203 12.23 5.77 -7.44
CA LEU C 203 11.35 4.66 -7.06
C LEU C 203 10.55 4.02 -8.21
N LYS C 204 10.70 4.54 -9.43
CA LYS C 204 9.85 4.15 -10.55
C LYS C 204 10.60 3.80 -11.83
N ILE C 205 11.93 3.75 -11.80
CA ILE C 205 12.69 3.54 -13.03
C ILE C 205 12.90 2.06 -13.37
N PHE C 206 12.74 1.19 -12.37
CA PHE C 206 12.94 -0.25 -12.53
C PHE C 206 11.86 -1.05 -11.81
N PRO C 207 11.49 -2.23 -12.36
CA PRO C 207 10.51 -3.07 -11.69
C PRO C 207 11.16 -3.97 -10.65
N ASN C 208 11.61 -3.37 -9.54
CA ASN C 208 12.43 -4.09 -8.57
C ASN C 208 12.06 -3.84 -7.11
N LYS C 209 10.78 -3.58 -6.88
CA LYS C 209 10.24 -3.54 -5.54
C LYS C 209 11.01 -2.53 -4.65
N THR C 210 11.67 -1.56 -5.29
CA THR C 210 12.47 -0.58 -4.56
C THR C 210 11.67 0.19 -3.50
N LEU C 211 10.48 0.64 -3.86
CA LEU C 211 9.60 1.35 -2.93
C LEU C 211 9.29 0.50 -1.71
N GLU C 212 8.95 -0.77 -1.95
CA GLU C 212 8.54 -1.68 -0.89
C GLU C 212 9.70 -1.99 0.04
N LYS C 213 10.85 -2.34 -0.54
CA LYS C 213 12.03 -2.67 0.24
C LYS C 213 12.41 -1.48 1.12
N LEU C 214 12.49 -0.30 0.53
CA LEU C 214 12.86 0.89 1.28
C LEU C 214 11.93 1.10 2.48
N LYS C 215 10.62 0.99 2.24
CA LYS C 215 9.64 1.19 3.28
C LYS C 215 9.82 0.19 4.39
N SER C 216 10.22 -1.01 4.05
CA SER C 216 10.29 -2.04 5.08
C SER C 216 11.50 -1.81 5.99
N HIS C 217 12.55 -1.20 5.47
CA HIS C 217 13.74 -0.88 6.27
C HIS C 217 13.51 0.36 7.11
N VAL C 218 12.78 1.33 6.58
CA VAL C 218 12.48 2.55 7.32
C VAL C 218 11.51 2.27 8.45
N LYS C 219 10.64 1.28 8.26
CA LYS C 219 9.69 0.92 9.28
C LYS C 219 10.42 0.31 10.48
N ILE C 220 11.38 -0.57 10.24
CA ILE C 220 12.10 -1.23 11.32
C ILE C 220 12.81 -0.20 12.17
N ARG C 221 13.35 0.82 11.50
CA ARG C 221 14.08 1.86 12.19
C ARG C 221 13.14 2.76 12.99
N ASN C 222 12.10 3.31 12.35
CA ASN C 222 11.16 4.17 13.04
C ASN C 222 10.53 3.48 14.25
N ASP C 223 10.32 2.18 14.14
CA ASP C 223 9.67 1.40 15.18
C ASP C 223 10.59 1.35 16.40
N LEU C 224 11.88 1.19 16.14
CA LEU C 224 12.89 1.09 17.20
C LEU C 224 13.13 2.44 17.89
N LEU C 225 13.20 3.51 17.09
CA LEU C 225 13.34 4.84 17.66
C LEU C 225 12.13 5.17 18.51
N ASN C 226 10.94 4.84 18.02
CA ASN C 226 9.72 5.05 18.79
C ASN C 226 9.73 4.23 20.07
N LYS C 227 10.36 3.07 20.02
CA LYS C 227 10.55 2.24 21.21
C LYS C 227 11.40 3.01 22.20
N ILE C 228 12.52 3.54 21.71
CA ILE C 228 13.49 4.23 22.55
C ILE C 228 12.92 5.44 23.25
N LEU C 229 12.23 6.32 22.52
CA LEU C 229 11.75 7.58 23.11
C LEU C 229 10.55 7.39 24.02
N GLU C 230 9.89 6.23 23.94
CA GLU C 230 8.80 5.90 24.86
C GLU C 230 9.36 5.47 26.22
N ASN C 231 10.43 4.67 26.17
CA ASN C 231 11.11 4.24 27.38
C ASN C 231 11.99 5.34 28.00
N TYR C 232 12.08 6.47 27.32
CA TYR C 232 12.90 7.56 27.79
C TYR C 232 12.02 8.68 28.32
N LYS C 233 10.74 8.68 27.96
CA LYS C 233 9.84 9.71 28.46
C LYS C 233 9.77 9.66 30.00
N GLU C 234 10.09 8.50 30.56
CA GLU C 234 10.05 8.30 31.99
C GLU C 234 11.40 8.63 32.65
N LYS C 235 12.48 8.52 31.89
CA LYS C 235 13.83 8.81 32.38
C LYS C 235 14.13 10.31 32.37
N PHE C 236 13.38 11.06 31.57
CA PHE C 236 13.68 12.46 31.38
C PHE C 236 13.58 13.22 32.70
N ARG C 237 14.36 14.29 32.82
CA ARG C 237 14.25 15.19 33.95
C ARG C 237 14.79 16.59 33.63
N SER C 238 13.93 17.58 33.79
CA SER C 238 14.20 18.98 33.44
C SER C 238 15.50 19.54 34.02
N ASP C 239 15.81 19.16 35.25
CA ASP C 239 16.98 19.68 35.98
C ASP C 239 18.30 18.98 35.61
N SER C 240 18.27 18.18 34.55
CA SER C 240 19.45 17.46 34.11
C SER C 240 19.39 17.25 32.60
N ILE C 241 20.12 18.09 31.87
CA ILE C 241 20.14 18.10 30.42
C ILE C 241 21.55 17.80 29.94
N THR C 242 21.74 16.61 29.37
CA THR C 242 23.06 16.08 29.13
C THR C 242 23.23 15.38 27.78
N ASN C 243 22.18 15.36 26.98
CA ASN C 243 22.24 14.73 25.67
C ASN C 243 21.26 15.40 24.71
N MET C 244 21.23 14.92 23.47
CA MET C 244 20.44 15.61 22.44
C MET C 244 18.95 15.46 22.69
N LEU C 245 18.55 14.28 23.14
CA LEU C 245 17.13 14.03 23.37
C LEU C 245 16.63 14.92 24.50
N ASP C 246 17.51 15.17 25.47
CA ASP C 246 17.17 16.06 26.58
C ASP C 246 16.99 17.46 26.01
N THR C 247 17.84 17.83 25.07
CA THR C 247 17.79 19.16 24.47
C THR C 247 16.48 19.34 23.73
N LEU C 248 16.08 18.30 23.00
CA LEU C 248 14.88 18.34 22.20
C LEU C 248 13.64 18.35 23.07
N MET C 249 13.61 17.50 24.10
CA MET C 249 12.47 17.43 25.01
C MET C 249 12.38 18.66 25.91
N GLN C 250 13.53 19.20 26.32
CA GLN C 250 13.56 20.42 27.11
C GLN C 250 12.87 21.52 26.31
N ALA C 251 13.27 21.68 25.06
CA ALA C 251 12.69 22.68 24.18
C ALA C 251 11.18 22.51 23.98
N LYS C 252 10.71 21.28 24.05
CA LYS C 252 9.27 21.01 23.89
C LYS C 252 8.53 21.49 25.14
N MET C 253 9.00 21.05 26.30
CA MET C 253 8.40 21.40 27.58
C MET C 253 8.37 22.92 27.76
N ASN C 254 9.43 23.59 27.33
CA ASN C 254 9.50 25.04 27.50
C ASN C 254 8.69 25.79 26.46
N SER C 255 8.41 25.14 25.34
CA SER C 255 7.52 25.71 24.35
C SER C 255 6.07 25.45 24.75
N ASP C 256 5.84 24.37 25.49
CA ASP C 256 4.49 24.04 25.98
C ASP C 256 4.13 24.86 27.23
N ASN C 257 4.95 25.85 27.57
CA ASN C 257 4.66 26.77 28.68
C ASN C 257 5.27 28.17 28.45
N GLY C 258 6.42 28.44 29.10
CA GLY C 258 7.11 29.72 28.96
C GLY C 258 8.56 29.60 29.41
N ASP C 263 4.38 29.29 23.64
CA ASP C 263 5.43 29.63 22.68
C ASP C 263 5.11 29.03 21.32
N GLN C 264 5.83 29.48 20.28
CA GLN C 264 5.52 29.15 18.87
C GLN C 264 5.75 27.69 18.53
N ASP C 265 6.92 27.20 18.92
CA ASP C 265 7.52 26.04 18.29
C ASP C 265 6.88 24.70 18.63
N SER C 266 5.82 24.69 19.43
CA SER C 266 5.27 23.43 19.96
C SER C 266 5.00 22.39 18.87
N GLU C 267 4.29 22.82 17.84
CA GLU C 267 3.94 21.97 16.69
C GLU C 267 5.19 21.48 15.94
N LEU C 268 6.36 22.04 16.27
CA LEU C 268 7.62 21.69 15.61
C LEU C 268 8.49 20.73 16.41
N LEU C 269 8.00 20.32 17.58
CA LEU C 269 8.73 19.39 18.42
C LEU C 269 7.85 18.21 18.74
N SER C 270 6.96 17.89 17.80
CA SER C 270 6.17 16.67 17.89
C SER C 270 7.12 15.50 17.97
N ASP C 271 6.63 14.36 18.45
CA ASP C 271 7.49 13.21 18.64
C ASP C 271 8.13 12.82 17.30
N ASN C 272 7.37 12.94 16.21
CA ASN C 272 7.88 12.64 14.86
C ASN C 272 8.98 13.59 14.36
N HIS C 273 8.91 14.87 14.72
CA HIS C 273 10.02 15.78 14.44
C HIS C 273 11.28 15.40 15.23
N ILE C 274 11.09 14.95 16.47
CA ILE C 274 12.19 14.59 17.35
C ILE C 274 12.79 13.29 16.86
N LEU C 275 11.91 12.32 16.66
CA LEU C 275 12.28 11.03 16.10
C LEU C 275 13.14 11.22 14.85
N THR C 276 12.63 11.97 13.87
CA THR C 276 13.28 12.09 12.57
C THR C 276 14.64 12.78 12.66
N THR C 277 14.74 13.80 13.52
CA THR C 277 16.00 14.51 13.70
C THR C 277 17.05 13.60 14.34
N ILE C 278 16.62 12.82 15.32
CA ILE C 278 17.52 11.88 15.97
C ILE C 278 18.06 10.90 14.91
N GLY C 279 17.18 10.44 14.00
CA GLY C 279 17.53 9.45 13.00
C GLY C 279 18.58 9.97 12.03
N ASP C 280 18.49 11.26 11.70
CA ASP C 280 19.48 11.93 10.86
C ASP C 280 20.86 11.94 11.55
N ILE C 281 20.89 12.42 12.79
CA ILE C 281 22.12 12.47 13.60
C ILE C 281 22.72 11.08 13.78
N PHE C 282 21.87 10.09 14.06
CA PHE C 282 22.31 8.71 14.19
C PHE C 282 22.88 8.16 12.89
N GLY C 283 22.24 8.45 11.77
CA GLY C 283 22.69 7.97 10.48
C GLY C 283 23.95 8.66 10.02
N ALA C 284 23.90 9.99 9.96
CA ALA C 284 25.08 10.77 9.60
C ALA C 284 26.25 10.39 10.49
N GLY C 285 26.00 10.26 11.79
CA GLY C 285 27.07 10.03 12.74
C GLY C 285 27.81 8.72 12.51
N VAL C 286 27.15 7.77 11.88
CA VAL C 286 27.70 6.42 11.78
C VAL C 286 28.15 6.07 10.36
N GLU C 287 27.25 6.14 9.39
CA GLU C 287 27.56 5.66 8.06
C GLU C 287 28.67 6.47 7.34
N THR C 288 28.76 7.77 7.61
CA THR C 288 29.80 8.59 6.99
C THR C 288 31.19 8.25 7.51
N THR C 289 31.38 8.34 8.83
CA THR C 289 32.70 8.10 9.42
C THR C 289 33.20 6.67 9.16
N THR C 290 32.32 5.70 9.32
CA THR C 290 32.66 4.34 8.97
C THR C 290 33.11 4.21 7.52
N SER C 291 32.36 4.82 6.61
CA SER C 291 32.71 4.77 5.18
C SER C 291 34.05 5.41 4.88
N VAL C 292 34.36 6.51 5.58
CA VAL C 292 35.64 7.21 5.41
C VAL C 292 36.83 6.45 6.03
N VAL C 293 36.61 5.80 7.17
CA VAL C 293 37.65 4.95 7.74
C VAL C 293 37.98 3.80 6.79
N LYS C 294 36.94 3.17 6.24
CA LYS C 294 37.08 2.05 5.33
C LYS C 294 37.85 2.45 4.09
N TRP C 295 37.49 3.59 3.51
CA TRP C 295 38.16 4.14 2.33
C TRP C 295 39.63 4.40 2.61
N THR C 296 39.91 4.99 3.77
CA THR C 296 41.27 5.36 4.16
C THR C 296 42.17 4.12 4.21
N LEU C 297 41.66 3.05 4.81
CA LEU C 297 42.40 1.80 4.89
C LEU C 297 42.74 1.30 3.51
N ALA C 298 41.78 1.40 2.61
CA ALA C 298 41.93 0.92 1.25
C ALA C 298 43.10 1.59 0.54
N PHE C 299 43.24 2.90 0.74
CA PHE C 299 44.33 3.63 0.13
C PHE C 299 45.68 3.21 0.73
N LEU C 300 45.70 2.97 2.04
CA LEU C 300 46.94 2.60 2.70
C LEU C 300 47.42 1.24 2.21
N LEU C 301 46.48 0.39 1.82
CA LEU C 301 46.84 -0.91 1.28
C LEU C 301 47.34 -0.77 -0.15
N HIS C 302 46.97 0.30 -0.84
CA HIS C 302 47.41 0.52 -2.21
C HIS C 302 48.69 1.38 -2.32
N ASN C 303 48.99 2.14 -1.27
CA ASN C 303 50.21 2.93 -1.20
C ASN C 303 50.91 2.67 0.14
N PRO C 304 51.63 1.55 0.25
CA PRO C 304 52.24 1.22 1.55
C PRO C 304 53.47 2.09 1.82
N GLN C 305 53.93 2.77 0.77
CA GLN C 305 55.00 3.77 0.86
C GLN C 305 54.57 4.90 1.78
N VAL C 306 53.28 5.20 1.74
CA VAL C 306 52.65 6.19 2.63
C VAL C 306 52.29 5.58 3.98
N LYS C 307 51.92 4.31 3.97
CA LYS C 307 51.52 3.62 5.18
C LYS C 307 52.70 3.50 6.13
N LYS C 308 53.87 3.18 5.57
CA LYS C 308 55.10 3.04 6.36
C LYS C 308 55.44 4.38 6.99
N LYS C 309 55.37 5.43 6.18
CA LYS C 309 55.62 6.79 6.65
C LYS C 309 54.76 7.12 7.87
N LEU C 310 53.49 6.78 7.83
CA LEU C 310 52.57 7.12 8.92
C LEU C 310 52.96 6.41 10.22
N TYR C 311 53.49 5.19 10.09
CA TYR C 311 53.94 4.41 11.25
C TYR C 311 55.12 5.09 11.95
N GLU C 312 56.07 5.57 11.15
CA GLU C 312 57.25 6.23 11.68
C GLU C 312 56.84 7.51 12.38
N GLU C 313 55.89 8.23 11.78
CA GLU C 313 55.42 9.49 12.32
C GLU C 313 54.78 9.30 13.68
N ILE C 314 53.88 8.33 13.79
CA ILE C 314 53.20 8.12 15.05
C ILE C 314 54.22 7.66 16.10
N ASP C 315 55.17 6.83 15.66
CA ASP C 315 56.19 6.29 16.56
C ASP C 315 57.11 7.41 17.06
N GLN C 316 57.55 8.27 16.14
CA GLN C 316 58.53 9.31 16.47
C GLN C 316 57.94 10.54 17.16
N ASN C 317 56.61 10.70 17.12
CA ASN C 317 55.96 11.90 17.64
C ASN C 317 55.04 11.63 18.84
N VAL C 318 54.59 10.39 19.01
CA VAL C 318 53.74 10.04 20.14
C VAL C 318 54.35 8.89 20.95
N GLY C 319 54.83 7.87 20.24
CA GLY C 319 55.50 6.77 20.90
C GLY C 319 54.50 5.86 21.57
N PHE C 320 54.86 5.35 22.75
CA PHE C 320 54.14 4.24 23.34
C PHE C 320 53.90 4.38 24.83
N SER C 321 54.30 5.50 25.41
CA SER C 321 54.04 5.75 26.83
C SER C 321 52.54 5.94 27.06
N ARG C 322 51.88 6.49 26.04
CA ARG C 322 50.47 6.85 26.10
C ARG C 322 49.76 6.52 24.79
N THR C 323 48.43 6.50 24.84
CA THR C 323 47.61 6.37 23.65
C THR C 323 47.37 7.78 23.08
N PRO C 324 47.03 7.88 21.77
CA PRO C 324 46.89 9.19 21.13
C PRO C 324 45.73 10.03 21.65
N THR C 325 45.82 11.33 21.41
CA THR C 325 44.84 12.31 21.87
C THR C 325 44.67 13.44 20.85
N ILE C 326 43.67 14.27 21.05
CA ILE C 326 43.32 15.29 20.06
C ILE C 326 44.47 16.26 19.81
N SER C 327 45.20 16.59 20.87
CA SER C 327 46.32 17.53 20.71
C SER C 327 47.39 16.98 19.77
N ASP C 328 47.36 15.65 19.53
CA ASP C 328 48.29 15.00 18.60
C ASP C 328 48.01 15.31 17.13
N ARG C 329 46.99 16.10 16.86
CA ARG C 329 46.70 16.57 15.51
C ARG C 329 47.75 17.60 15.07
N ASN C 330 48.49 18.12 16.03
CA ASN C 330 49.54 19.09 15.76
C ASN C 330 50.86 18.41 15.47
N ARG C 331 50.99 17.17 15.92
CA ARG C 331 52.21 16.40 15.72
C ARG C 331 52.08 15.49 14.50
N LEU C 332 50.90 14.88 14.35
CA LEU C 332 50.67 13.86 13.33
C LEU C 332 50.11 14.44 12.04
N LEU C 333 50.90 15.32 11.42
CA LEU C 333 50.46 16.09 10.25
C LEU C 333 50.14 15.21 9.06
N LEU C 334 51.01 14.26 8.75
CA LEU C 334 50.79 13.40 7.59
C LEU C 334 49.46 12.67 7.71
N LEU C 335 49.10 12.25 8.92
CA LEU C 335 47.84 11.55 9.11
C LEU C 335 46.67 12.50 8.80
N GLU C 336 46.67 13.67 9.41
CA GLU C 336 45.60 14.62 9.19
C GLU C 336 45.56 15.02 7.72
N ALA C 337 46.70 14.96 7.05
CA ALA C 337 46.76 15.30 5.62
C ALA C 337 46.24 14.14 4.77
N THR C 338 46.46 12.92 5.24
CA THR C 338 45.98 11.72 4.55
C THR C 338 44.47 11.76 4.53
N ILE C 339 43.88 12.08 5.68
CA ILE C 339 42.43 12.12 5.84
C ILE C 339 41.83 13.16 4.91
N ARG C 340 42.50 14.30 4.78
CA ARG C 340 42.05 15.36 3.90
C ARG C 340 42.08 14.89 2.45
N GLU C 341 43.10 14.11 2.13
CA GLU C 341 43.30 13.65 0.77
C GLU C 341 42.31 12.55 0.40
N VAL C 342 41.84 11.82 1.41
CA VAL C 342 40.77 10.85 1.21
C VAL C 342 39.44 11.56 0.94
N LEU C 343 39.12 12.55 1.76
CA LEU C 343 37.90 13.33 1.60
C LEU C 343 37.94 14.13 0.30
N ARG C 344 39.12 14.24 -0.31
CA ARG C 344 39.21 14.90 -1.62
C ARG C 344 38.92 13.89 -2.71
N LEU C 345 39.67 12.77 -2.71
CA LEU C 345 39.55 11.77 -3.77
C LEU C 345 38.23 11.03 -3.72
N ARG C 346 37.71 10.81 -2.51
CA ARG C 346 36.49 10.03 -2.32
C ARG C 346 35.60 10.69 -1.28
N PRO C 347 34.97 11.82 -1.66
CA PRO C 347 34.08 12.50 -0.73
C PRO C 347 32.88 11.66 -0.32
N VAL C 348 32.44 11.77 0.92
CA VAL C 348 31.27 11.08 1.41
C VAL C 348 30.10 11.38 0.47
N ALA C 349 29.97 12.65 0.10
CA ALA C 349 28.88 13.11 -0.72
C ALA C 349 29.44 13.80 -1.96
N PRO C 350 29.76 13.00 -3.00
CA PRO C 350 30.37 13.61 -4.19
C PRO C 350 29.50 14.68 -4.83
N MET C 351 28.23 14.78 -4.47
CA MET C 351 27.37 15.86 -4.99
C MET C 351 26.59 16.50 -3.86
N LEU C 352 27.16 16.45 -2.67
CA LEU C 352 26.51 16.92 -1.44
C LEU C 352 25.08 16.39 -1.38
N ILE C 353 24.17 17.26 -0.97
CA ILE C 353 22.74 17.00 -1.10
C ILE C 353 22.15 18.10 -1.98
N PRO C 354 21.14 17.75 -2.80
CA PRO C 354 20.64 18.81 -3.70
C PRO C 354 20.14 20.06 -2.96
N HIS C 355 20.35 21.21 -3.57
CA HIS C 355 19.80 22.46 -3.06
C HIS C 355 18.62 22.90 -3.89
N LYS C 356 17.96 23.96 -3.45
CA LYS C 356 16.84 24.53 -4.18
C LYS C 356 16.81 26.07 -4.05
N ALA C 357 16.44 26.75 -5.14
CA ALA C 357 16.28 28.20 -5.13
C ALA C 357 14.98 28.62 -4.43
N ASN C 358 15.13 29.30 -3.28
CA ASN C 358 13.99 29.77 -2.51
C ASN C 358 13.38 31.00 -3.15
N VAL C 359 14.15 31.61 -4.04
CA VAL C 359 13.75 32.87 -4.69
C VAL C 359 14.39 32.96 -6.07
N ASP C 360 13.90 33.88 -6.91
CA ASP C 360 14.61 34.16 -8.14
C ASP C 360 15.98 34.67 -7.68
N SER C 361 17.02 34.18 -8.33
CA SER C 361 18.37 34.60 -8.00
C SER C 361 19.30 34.31 -9.17
N SER C 362 20.59 34.17 -8.90
CA SER C 362 21.55 33.98 -9.98
C SER C 362 22.79 33.24 -9.53
N ILE C 363 23.49 32.66 -10.50
CA ILE C 363 24.77 32.00 -10.28
C ILE C 363 25.67 32.40 -11.43
N GLY C 364 26.76 33.10 -11.12
CA GLY C 364 27.64 33.63 -12.15
C GLY C 364 26.88 34.63 -12.99
N GLU C 365 27.01 34.54 -14.30
CA GLU C 365 26.28 35.42 -15.22
C GLU C 365 24.83 34.95 -15.51
N PHE C 366 24.40 33.88 -14.83
CA PHE C 366 23.14 33.20 -15.17
C PHE C 366 22.02 33.32 -14.14
N ALA C 367 20.83 33.69 -14.62
CA ALA C 367 19.63 33.76 -13.80
C ALA C 367 19.09 32.37 -13.46
N VAL C 368 18.47 32.23 -12.29
CA VAL C 368 17.96 30.95 -11.81
C VAL C 368 16.63 31.12 -11.11
N ASP C 369 15.57 30.58 -11.69
CA ASP C 369 14.24 30.84 -11.16
C ASP C 369 13.97 30.10 -9.85
N LYS C 370 13.15 30.70 -9.01
CA LYS C 370 12.66 30.07 -7.80
C LYS C 370 12.12 28.66 -8.10
N GLY C 371 12.43 27.70 -7.22
CA GLY C 371 12.01 26.31 -7.37
C GLY C 371 13.06 25.37 -7.99
N THR C 372 14.02 25.95 -8.68
CA THR C 372 15.02 25.18 -9.40
C THR C 372 15.94 24.40 -8.47
N GLU C 373 16.00 23.10 -8.73
CA GLU C 373 16.89 22.19 -8.05
C GLU C 373 18.31 22.52 -8.49
N VAL C 374 19.24 22.62 -7.53
CA VAL C 374 20.63 22.94 -7.83
C VAL C 374 21.57 21.92 -7.16
N ILE C 375 22.48 21.34 -7.94
CA ILE C 375 23.43 20.35 -7.45
C ILE C 375 24.84 20.88 -7.64
N ILE C 376 25.66 20.74 -6.61
CA ILE C 376 27.07 21.10 -6.65
C ILE C 376 27.85 19.82 -6.94
N ASN C 377 28.62 19.80 -8.02
CA ASN C 377 29.39 18.61 -8.36
C ASN C 377 30.75 18.65 -7.68
N LEU C 378 30.78 18.26 -6.41
CA LEU C 378 31.99 18.29 -5.60
C LEU C 378 33.11 17.47 -6.22
N TRP C 379 32.76 16.47 -6.99
CA TRP C 379 33.77 15.67 -7.67
C TRP C 379 34.50 16.56 -8.67
N ALA C 380 33.79 17.50 -9.27
CA ALA C 380 34.41 18.41 -10.21
C ALA C 380 35.39 19.31 -9.47
N LEU C 381 34.94 19.89 -8.37
CA LEU C 381 35.78 20.79 -7.59
C LEU C 381 37.03 20.09 -7.10
N HIS C 382 36.91 18.80 -6.77
CA HIS C 382 38.04 18.07 -6.20
C HIS C 382 38.95 17.43 -7.24
N HIS C 383 38.71 17.68 -8.52
CA HIS C 383 39.53 17.11 -9.59
C HIS C 383 39.82 18.11 -10.70
N ASN C 384 39.52 19.38 -10.45
CA ASN C 384 39.89 20.45 -11.36
C ASN C 384 41.40 20.45 -11.55
N GLU C 385 41.83 20.18 -12.77
CA GLU C 385 43.25 20.11 -13.09
C GLU C 385 43.94 21.47 -12.97
N LYS C 386 43.15 22.54 -13.05
CA LYS C 386 43.68 23.88 -12.95
C LYS C 386 43.94 24.27 -11.48
N GLU C 387 43.19 23.65 -10.58
CA GLU C 387 43.29 23.96 -9.16
C GLU C 387 44.07 22.92 -8.37
N TRP C 388 44.21 21.72 -8.94
CA TRP C 388 44.98 20.65 -8.31
C TRP C 388 46.01 20.09 -9.28
N HIS C 389 47.14 19.65 -8.74
CA HIS C 389 48.21 19.06 -9.51
C HIS C 389 48.06 17.55 -9.39
N GLN C 390 47.90 16.88 -10.53
CA GLN C 390 47.73 15.43 -10.60
C GLN C 390 46.55 14.95 -9.74
N PRO C 391 45.36 15.49 -10.03
CA PRO C 391 44.20 15.39 -9.14
C PRO C 391 43.73 13.96 -8.97
N ASP C 392 44.20 13.09 -9.85
CA ASP C 392 43.73 11.71 -9.93
C ASP C 392 44.52 10.79 -9.00
N GLN C 393 45.69 11.25 -8.56
CA GLN C 393 46.59 10.44 -7.73
C GLN C 393 46.45 10.74 -6.23
N PHE C 394 46.75 9.72 -5.42
CA PHE C 394 46.66 9.83 -3.96
C PHE C 394 47.95 10.37 -3.36
N MET C 395 47.97 11.68 -3.08
CA MET C 395 49.16 12.36 -2.57
C MET C 395 48.84 13.17 -1.33
N PRO C 396 48.84 12.53 -0.14
CA PRO C 396 48.56 13.32 1.06
C PRO C 396 49.51 14.50 1.20
N GLU C 397 50.70 14.37 0.61
CA GLU C 397 51.76 15.36 0.73
C GLU C 397 51.35 16.74 0.23
N ARG C 398 50.35 16.79 -0.66
CA ARG C 398 49.91 18.05 -1.26
C ARG C 398 49.34 19.00 -0.22
N PHE C 399 48.96 18.45 0.93
CA PHE C 399 48.39 19.23 2.01
C PHE C 399 49.47 19.70 2.96
N LEU C 400 50.73 19.50 2.57
CA LEU C 400 51.87 19.91 3.38
C LEU C 400 52.79 20.81 2.57
N ASN C 401 53.44 21.74 3.25
CA ASN C 401 54.44 22.58 2.61
C ASN C 401 55.58 21.70 2.12
N PRO C 402 56.33 22.17 1.09
CA PRO C 402 57.35 21.33 0.44
C PRO C 402 58.28 20.63 1.43
N ALA C 403 58.47 21.24 2.60
CA ALA C 403 59.43 20.77 3.61
C ALA C 403 58.85 19.67 4.48
N GLY C 404 57.53 19.69 4.65
CA GLY C 404 56.84 18.71 5.47
C GLY C 404 56.93 19.06 6.94
N THR C 405 56.41 20.22 7.30
CA THR C 405 56.55 20.75 8.65
C THR C 405 55.25 21.42 9.15
N GLN C 406 54.34 21.74 8.23
CA GLN C 406 53.06 22.35 8.59
C GLN C 406 51.96 21.98 7.58
N LEU C 407 50.72 22.12 8.01
CA LEU C 407 49.58 21.86 7.13
C LEU C 407 49.19 23.11 6.34
N ILE C 408 48.72 22.89 5.10
CA ILE C 408 48.34 23.97 4.22
C ILE C 408 47.04 23.65 3.49
N SER C 409 46.55 24.63 2.74
CA SER C 409 45.42 24.45 1.85
C SER C 409 45.85 24.80 0.44
N PRO C 410 46.25 23.79 -0.34
CA PRO C 410 46.78 24.04 -1.69
C PRO C 410 45.73 24.55 -2.64
N SER C 411 44.47 24.38 -2.26
CA SER C 411 43.36 24.78 -3.12
C SER C 411 42.21 25.32 -2.30
N VAL C 412 41.44 26.19 -2.92
CA VAL C 412 40.22 26.73 -2.33
C VAL C 412 39.01 26.04 -2.96
N SER C 413 39.30 24.95 -3.66
CA SER C 413 38.31 24.14 -4.35
C SER C 413 38.20 22.84 -3.59
N TYR C 414 37.77 22.95 -2.33
CA TYR C 414 37.74 21.83 -1.42
C TYR C 414 36.62 22.10 -0.42
N LEU C 415 35.57 21.30 -0.47
CA LEU C 415 34.40 21.49 0.37
C LEU C 415 33.73 20.15 0.75
N PRO C 416 34.53 19.21 1.28
CA PRO C 416 33.99 17.91 1.68
C PRO C 416 32.86 17.99 2.70
N PHE C 417 32.78 19.07 3.45
CA PHE C 417 31.72 19.23 4.43
C PHE C 417 30.70 20.28 3.99
N GLY C 418 30.76 20.61 2.71
CA GLY C 418 29.96 21.67 2.17
C GLY C 418 30.36 22.98 2.82
N ALA C 419 29.39 23.88 2.93
CA ALA C 419 29.63 25.22 3.43
C ALA C 419 28.31 25.99 3.44
N GLY C 420 28.23 27.05 4.25
CA GLY C 420 27.06 27.89 4.30
C GLY C 420 25.94 27.39 5.20
N PRO C 421 24.72 27.93 5.03
CA PRO C 421 23.53 27.61 5.81
C PRO C 421 23.25 26.12 5.97
N ARG C 422 23.67 25.29 5.01
CA ARG C 422 23.38 23.85 5.05
C ARG C 422 24.62 23.05 5.31
N SER C 423 25.70 23.71 5.71
CA SER C 423 26.96 23.02 5.95
C SER C 423 26.79 21.91 7.00
N CYS C 424 27.72 20.96 6.96
CA CYS C 424 27.75 19.87 7.92
C CYS C 424 27.88 20.37 9.37
N ILE C 425 27.02 19.85 10.24
CA ILE C 425 27.04 20.26 11.64
C ILE C 425 27.81 19.31 12.56
N GLY C 426 28.45 18.30 11.97
CA GLY C 426 29.20 17.31 12.71
C GLY C 426 30.62 17.16 12.22
N GLU C 427 31.10 18.19 11.53
CA GLU C 427 32.44 18.14 10.94
C GLU C 427 33.48 17.90 12.05
N ILE C 428 33.30 18.58 13.18
CA ILE C 428 34.27 18.51 14.27
C ILE C 428 34.27 17.12 14.86
N LEU C 429 33.08 16.62 15.24
CA LEU C 429 32.98 15.27 15.76
C LEU C 429 33.62 14.29 14.76
N ALA C 430 33.32 14.49 13.49
CA ALA C 430 33.80 13.60 12.45
C ALA C 430 35.32 13.67 12.32
N ARG C 431 35.85 14.88 12.29
CA ARG C 431 37.27 15.09 12.13
C ARG C 431 38.05 14.51 13.32
N GLN C 432 37.48 14.65 14.51
CA GLN C 432 38.11 14.13 15.73
C GLN C 432 38.03 12.60 15.79
N GLU C 433 36.85 12.04 15.56
CA GLU C 433 36.66 10.59 15.43
C GLU C 433 37.60 9.93 14.41
N LEU C 434 37.69 10.49 13.21
CA LEU C 434 38.49 9.86 12.15
C LEU C 434 39.97 9.88 12.51
N PHE C 435 40.41 10.95 13.14
CA PHE C 435 41.81 11.09 13.51
C PHE C 435 42.20 10.10 14.60
N LEU C 436 41.40 10.06 15.68
CA LEU C 436 41.67 9.17 16.80
C LEU C 436 41.52 7.69 16.45
N ILE C 437 40.66 7.35 15.48
CA ILE C 437 40.50 5.96 15.09
C ILE C 437 41.77 5.52 14.39
N MET C 438 42.16 6.24 13.35
CA MET C 438 43.35 5.90 12.58
C MET C 438 44.61 5.96 13.42
N ALA C 439 44.69 6.97 14.30
CA ALA C 439 45.84 7.12 15.18
C ALA C 439 46.07 5.85 15.98
N TRP C 440 45.06 5.43 16.74
CA TRP C 440 45.13 4.26 17.61
C TRP C 440 45.44 2.97 16.86
N LEU C 441 44.82 2.81 15.70
CA LEU C 441 45.01 1.62 14.88
C LEU C 441 46.45 1.51 14.40
N LEU C 442 47.01 2.60 13.90
CA LEU C 442 48.39 2.60 13.42
C LEU C 442 49.38 2.39 14.56
N GLN C 443 49.07 2.93 15.74
CA GLN C 443 49.91 2.76 16.91
C GLN C 443 50.01 1.29 17.28
N ARG C 444 48.87 0.60 17.23
CA ARG C 444 48.73 -0.71 17.82
C ARG C 444 48.72 -1.85 16.81
N PHE C 445 48.48 -1.57 15.53
CA PHE C 445 48.28 -2.66 14.55
C PHE C 445 49.00 -2.52 13.19
N ASP C 446 49.59 -3.62 12.74
CA ASP C 446 50.07 -3.76 11.36
C ASP C 446 48.85 -4.04 10.47
N LEU C 447 48.72 -3.31 9.39
CA LEU C 447 47.57 -3.48 8.49
C LEU C 447 48.08 -3.82 7.11
N GLU C 448 48.12 -5.11 6.81
CA GLU C 448 48.68 -5.58 5.56
C GLU C 448 47.63 -6.27 4.74
N VAL C 449 47.88 -6.31 3.43
CA VAL C 449 47.00 -7.00 2.50
C VAL C 449 46.94 -8.47 2.93
N PRO C 450 45.75 -9.09 2.85
CA PRO C 450 45.63 -10.50 3.28
C PRO C 450 46.42 -11.47 2.42
N ASP C 451 46.44 -12.73 2.85
CA ASP C 451 47.15 -13.79 2.14
C ASP C 451 46.56 -13.96 0.74
N ASP C 452 45.25 -13.72 0.63
CA ASP C 452 44.53 -13.78 -0.64
C ASP C 452 45.22 -12.89 -1.66
N GLY C 453 45.88 -11.84 -1.16
CA GLY C 453 46.62 -10.92 -2.00
C GLY C 453 45.68 -10.03 -2.79
N GLN C 454 44.40 -10.13 -2.49
CA GLN C 454 43.40 -9.32 -3.19
C GLN C 454 43.34 -7.92 -2.58
N LEU C 455 43.27 -6.93 -3.46
CA LEU C 455 43.18 -5.54 -3.05
C LEU C 455 41.76 -5.04 -3.22
N PRO C 456 41.35 -4.07 -2.38
CA PRO C 456 40.02 -3.49 -2.50
C PRO C 456 39.89 -2.64 -3.74
N SER C 457 38.68 -2.59 -4.31
CA SER C 457 38.42 -1.74 -5.45
C SER C 457 38.12 -0.33 -4.98
N LEU C 458 38.98 0.60 -5.40
CA LEU C 458 38.84 2.01 -5.09
C LEU C 458 37.83 2.69 -6.03
N GLU C 459 37.18 1.89 -6.89
CA GLU C 459 36.19 2.39 -7.83
C GLU C 459 35.07 3.10 -7.08
N GLY C 460 34.53 2.42 -6.07
CA GLY C 460 33.48 2.97 -5.24
C GLY C 460 32.09 2.73 -5.79
N ILE C 461 31.10 2.78 -4.89
CA ILE C 461 29.70 2.64 -5.26
C ILE C 461 28.97 3.90 -4.87
N PRO C 462 28.68 4.77 -5.85
CA PRO C 462 28.02 6.04 -5.50
C PRO C 462 26.57 5.83 -5.09
N LYS C 463 26.27 6.21 -3.86
CA LYS C 463 24.91 6.26 -3.36
C LYS C 463 24.75 7.59 -2.62
N VAL C 464 23.86 7.63 -1.65
CA VAL C 464 23.65 8.84 -0.88
C VAL C 464 24.92 9.04 -0.07
N VAL C 465 25.61 7.93 0.14
CA VAL C 465 26.98 7.95 0.65
C VAL C 465 27.82 7.28 -0.44
N PHE C 466 29.06 7.72 -0.60
CA PHE C 466 29.96 7.11 -1.56
C PHE C 466 30.64 5.91 -0.90
N LEU C 467 30.04 4.75 -1.03
CA LEU C 467 30.54 3.55 -0.38
C LEU C 467 31.69 2.93 -1.15
N ILE C 468 32.51 2.14 -0.44
CA ILE C 468 33.52 1.29 -1.06
C ILE C 468 33.06 -0.17 -1.00
N ASP C 469 33.44 -0.95 -2.01
CA ASP C 469 33.21 -2.40 -2.01
C ASP C 469 33.87 -2.97 -0.75
N SER C 470 33.10 -3.64 0.10
CA SER C 470 33.64 -4.23 1.33
C SER C 470 34.88 -5.05 0.98
N PHE C 471 35.88 -5.04 1.87
CA PHE C 471 37.14 -5.69 1.58
C PHE C 471 37.76 -6.30 2.82
N LYS C 472 38.87 -7.00 2.62
CA LYS C 472 39.51 -7.78 3.67
C LYS C 472 40.86 -7.20 4.10
N VAL C 473 41.16 -7.30 5.40
CA VAL C 473 42.41 -6.77 5.94
C VAL C 473 43.07 -7.79 6.85
N LYS C 474 44.35 -8.03 6.64
CA LYS C 474 45.13 -8.81 7.59
C LYS C 474 45.63 -7.85 8.65
N ILE C 475 45.34 -8.19 9.90
CA ILE C 475 45.65 -7.34 11.04
C ILE C 475 46.54 -8.10 12.04
N LYS C 476 47.62 -7.46 12.47
CA LYS C 476 48.57 -8.06 13.42
C LYS C 476 48.99 -7.05 14.48
N VAL C 477 49.04 -7.48 15.73
CA VAL C 477 49.54 -6.60 16.78
C VAL C 477 51.02 -6.35 16.53
N ARG C 478 51.41 -5.08 16.57
CA ARG C 478 52.75 -4.66 16.22
C ARG C 478 53.79 -5.12 17.23
N GLN C 479 54.99 -5.38 16.74
CA GLN C 479 56.10 -5.74 17.60
C GLN C 479 56.36 -4.58 18.55
N ALA C 480 56.41 -3.37 18.00
CA ALA C 480 56.67 -2.17 18.78
C ALA C 480 55.69 -2.06 19.94
N TRP C 481 54.45 -2.45 19.69
CA TRP C 481 53.41 -2.37 20.70
C TRP C 481 53.63 -3.38 21.81
N ARG C 482 53.98 -4.61 21.42
CA ARG C 482 54.18 -5.68 22.38
C ARG C 482 55.33 -5.35 23.31
N GLU C 483 56.47 -5.01 22.71
CA GLU C 483 57.68 -4.72 23.47
C GLU C 483 57.46 -3.64 24.51
N ALA C 484 56.52 -2.75 24.23
CA ALA C 484 56.30 -1.57 25.05
C ALA C 484 55.39 -1.81 26.26
N GLN C 485 54.81 -3.00 26.36
CA GLN C 485 53.91 -3.32 27.48
C GLN C 485 54.56 -4.34 28.41
N LEU D 13 -10.76 -14.45 48.92
CA LEU D 13 -10.68 -13.34 49.88
C LEU D 13 -9.84 -12.13 49.40
N LEU D 14 -8.96 -12.33 48.40
CA LEU D 14 -8.22 -11.24 47.77
C LEU D 14 -8.83 -10.86 46.41
N SER D 15 -8.63 -9.62 45.97
CA SER D 15 -9.21 -9.18 44.71
C SER D 15 -8.11 -8.71 43.74
N LEU D 16 -8.28 -9.05 42.48
CA LEU D 16 -7.36 -8.62 41.44
C LEU D 16 -7.50 -7.13 41.22
N PRO D 17 -6.42 -6.49 40.73
CA PRO D 17 -6.56 -5.10 40.28
C PRO D 17 -7.46 -4.98 39.04
N LEU D 18 -8.45 -4.09 39.11
CA LEU D 18 -9.24 -3.74 37.94
C LEU D 18 -8.50 -2.63 37.23
N VAL D 19 -8.10 -2.88 36.00
CA VAL D 19 -7.12 -2.08 35.27
C VAL D 19 -7.73 -1.34 34.05
N GLY D 20 -8.98 -1.66 33.74
CA GLY D 20 -9.70 -0.99 32.69
C GLY D 20 -11.16 -1.27 32.92
N SER D 21 -12.04 -0.34 32.56
CA SER D 21 -13.46 -0.54 32.77
C SER D 21 -14.32 0.29 31.83
N LEU D 22 -15.25 -0.38 31.15
CA LEU D 22 -16.28 0.29 30.38
C LEU D 22 -17.62 -0.16 30.94
N PRO D 23 -18.06 0.46 32.04
CA PRO D 23 -19.28 0.01 32.73
C PRO D 23 -20.51 0.00 31.82
N PHE D 24 -20.54 0.91 30.84
CA PHE D 24 -21.71 1.09 30.00
C PHE D 24 -21.40 0.97 28.50
N LEU D 25 -22.12 0.09 27.81
CA LEU D 25 -22.05 -0.03 26.35
C LEU D 25 -23.46 0.24 25.79
N PRO D 26 -23.56 0.71 24.53
CA PRO D 26 -24.84 1.08 23.92
C PRO D 26 -25.53 -0.07 23.17
N ARG D 27 -26.84 0.03 23.00
CA ARG D 27 -27.64 -1.03 22.39
C ARG D 27 -27.81 -0.87 20.85
N HIS D 28 -26.71 -0.50 20.20
CA HIS D 28 -26.67 -0.40 18.73
C HIS D 28 -27.54 0.74 18.17
N GLY D 29 -27.72 1.80 18.97
CA GLY D 29 -28.44 2.97 18.53
C GLY D 29 -27.46 3.94 17.89
N HIS D 30 -27.89 5.18 17.68
CA HIS D 30 -27.01 6.24 17.18
C HIS D 30 -26.15 6.78 18.32
N MET D 31 -24.89 7.06 18.05
CA MET D 31 -23.96 7.38 19.11
C MET D 31 -24.24 8.71 19.81
N HIS D 32 -24.78 9.67 19.08
CA HIS D 32 -25.11 10.95 19.69
C HIS D 32 -26.28 10.81 20.69
N ASN D 33 -27.18 9.87 20.44
CA ASN D 33 -28.31 9.66 21.34
C ASN D 33 -27.85 8.87 22.55
N ASN D 34 -26.89 7.98 22.35
CA ASN D 34 -26.32 7.20 23.46
C ASN D 34 -25.57 8.11 24.42
N PHE D 35 -24.75 8.98 23.85
CA PHE D 35 -23.99 9.96 24.60
C PHE D 35 -24.90 10.88 25.40
N PHE D 36 -26.09 11.09 24.87
CA PHE D 36 -27.08 11.95 25.50
C PHE D 36 -27.74 11.22 26.67
N LYS D 37 -28.04 9.94 26.46
CA LYS D 37 -28.70 9.14 27.48
C LYS D 37 -27.80 8.96 28.70
N LEU D 38 -26.50 8.86 28.46
CA LEU D 38 -25.53 8.75 29.54
C LEU D 38 -25.53 9.98 30.45
N GLN D 39 -26.08 11.08 29.96
CA GLN D 39 -26.07 12.32 30.73
C GLN D 39 -26.97 12.24 31.97
N LYS D 40 -27.94 11.33 31.95
CA LYS D 40 -28.82 11.13 33.09
C LYS D 40 -28.01 10.64 34.27
N LYS D 41 -27.02 9.80 33.96
CA LYS D 41 -26.11 9.28 34.97
C LYS D 41 -25.04 10.29 35.37
N TYR D 42 -24.27 10.75 34.39
CA TYR D 42 -23.05 11.52 34.64
C TYR D 42 -23.19 13.04 34.45
N GLY D 43 -24.33 13.48 33.93
CA GLY D 43 -24.54 14.90 33.73
C GLY D 43 -24.11 15.38 32.35
N PRO D 44 -24.00 16.71 32.20
CA PRO D 44 -23.79 17.37 30.91
C PRO D 44 -22.37 17.31 30.37
N ILE D 45 -21.41 16.93 31.20
CA ILE D 45 -20.02 16.86 30.76
C ILE D 45 -19.28 15.69 31.40
N TYR D 46 -18.70 14.85 30.56
CA TYR D 46 -17.94 13.70 31.02
C TYR D 46 -16.80 13.36 30.06
N SER D 47 -15.96 12.39 30.46
CA SER D 47 -14.78 12.04 29.67
C SER D 47 -14.58 10.54 29.53
N VAL D 48 -13.79 10.16 28.52
CA VAL D 48 -13.38 8.77 28.30
C VAL D 48 -11.88 8.76 28.06
N ARG D 49 -11.23 7.77 28.66
CA ARG D 49 -9.78 7.64 28.59
C ARG D 49 -9.45 6.31 27.92
N MET D 50 -8.46 6.32 27.05
CA MET D 50 -8.00 5.13 26.34
C MET D 50 -6.52 5.31 26.08
N GLY D 51 -5.69 4.76 26.94
CA GLY D 51 -4.27 5.04 26.91
C GLY D 51 -4.00 6.51 27.21
N THR D 52 -3.29 7.15 26.30
CA THR D 52 -2.92 8.55 26.47
C THR D 52 -4.07 9.44 26.04
N LYS D 53 -4.92 8.92 25.15
CA LYS D 53 -6.01 9.71 24.58
C LYS D 53 -7.13 9.92 25.58
N THR D 54 -7.58 11.16 25.67
CA THR D 54 -8.72 11.53 26.48
C THR D 54 -9.74 12.20 25.56
N THR D 55 -11.02 12.01 25.84
CA THR D 55 -12.06 12.58 25.02
C THR D 55 -13.22 13.06 25.88
N VAL D 56 -13.55 14.33 25.72
CA VAL D 56 -14.62 14.95 26.47
C VAL D 56 -15.85 15.09 25.59
N ILE D 57 -17.01 14.78 26.15
CA ILE D 57 -18.30 14.96 25.51
C ILE D 57 -19.07 16.05 26.26
N VAL D 58 -19.34 17.18 25.61
CA VAL D 58 -20.10 18.28 26.20
C VAL D 58 -21.57 18.27 25.75
N GLY D 59 -22.51 18.39 26.68
CA GLY D 59 -23.93 18.19 26.39
C GLY D 59 -24.88 19.24 26.92
N HIS D 60 -24.33 20.36 27.37
CA HIS D 60 -25.13 21.53 27.72
C HIS D 60 -24.70 22.77 26.93
N HIS D 61 -25.68 23.58 26.53
CA HIS D 61 -25.41 24.75 25.71
C HIS D 61 -24.50 25.79 26.37
N GLN D 62 -24.50 25.86 27.69
CA GLN D 62 -23.68 26.83 28.42
C GLN D 62 -22.23 26.43 28.31
N LEU D 63 -21.97 25.14 28.54
CA LEU D 63 -20.62 24.59 28.50
C LEU D 63 -20.09 24.49 27.08
N ALA D 64 -21.01 24.29 26.13
CA ALA D 64 -20.63 24.24 24.73
C ALA D 64 -20.09 25.59 24.27
N LYS D 65 -20.73 26.68 24.71
CA LYS D 65 -20.38 28.01 24.25
C LYS D 65 -19.09 28.51 24.86
N GLU D 66 -18.66 27.85 25.93
CA GLU D 66 -17.37 28.15 26.54
C GLU D 66 -16.24 27.58 25.69
N VAL D 67 -16.50 26.42 25.07
CA VAL D 67 -15.55 25.73 24.19
C VAL D 67 -15.48 26.40 22.82
N LEU D 68 -16.61 26.89 22.34
CA LEU D 68 -16.71 27.45 21.00
C LEU D 68 -16.43 28.96 20.95
N ILE D 69 -16.81 29.70 21.99
CA ILE D 69 -16.71 31.16 21.95
C ILE D 69 -15.78 31.76 23.01
N LYS D 70 -16.14 31.65 24.29
CA LYS D 70 -15.38 32.30 25.36
C LYS D 70 -13.93 31.81 25.41
N LYS D 71 -13.72 30.52 25.24
CA LYS D 71 -12.36 29.97 25.15
C LYS D 71 -12.11 29.40 23.74
N GLY D 72 -12.70 30.03 22.73
CA GLY D 72 -12.64 29.57 21.35
C GLY D 72 -11.25 29.22 20.81
N LYS D 73 -10.29 30.11 21.00
CA LYS D 73 -8.93 29.88 20.53
C LYS D 73 -8.24 28.75 21.29
N ASP D 74 -8.74 28.43 22.48
CA ASP D 74 -8.14 27.36 23.28
C ASP D 74 -8.50 25.98 22.71
N PHE D 75 -9.75 25.85 22.30
CA PHE D 75 -10.26 24.58 21.81
C PHE D 75 -10.41 24.59 20.28
N SER D 76 -9.66 25.44 19.59
CA SER D 76 -9.82 25.62 18.14
C SER D 76 -9.06 24.58 17.30
N GLY D 77 -8.46 23.59 17.95
CA GLY D 77 -7.74 22.56 17.21
C GLY D 77 -8.63 21.46 16.64
N ARG D 78 -8.05 20.66 15.76
CA ARG D 78 -8.69 19.44 15.28
C ARG D 78 -7.82 18.25 15.70
N PRO D 79 -8.41 17.19 16.26
CA PRO D 79 -7.57 16.02 16.50
C PRO D 79 -7.10 15.41 15.20
N GLN D 80 -6.02 14.64 15.24
CA GLN D 80 -5.54 13.94 14.07
C GLN D 80 -6.24 12.59 14.07
N MET D 81 -6.97 12.32 13.00
CA MET D 81 -7.63 11.03 12.78
C MET D 81 -7.11 10.43 11.49
N ALA D 82 -6.91 9.12 11.48
CA ALA D 82 -6.43 8.42 10.29
C ALA D 82 -7.38 8.60 9.11
N THR D 83 -8.69 8.51 9.37
CA THR D 83 -9.68 8.62 8.31
C THR D 83 -9.65 10.02 7.67
N LEU D 84 -9.55 11.07 8.48
CA LEU D 84 -9.54 12.42 7.93
C LEU D 84 -8.22 12.77 7.22
N ASP D 85 -7.11 12.14 7.61
CA ASP D 85 -5.82 12.45 7.00
C ASP D 85 -5.88 12.13 5.51
N ILE D 86 -6.55 11.03 5.18
CA ILE D 86 -6.71 10.60 3.81
C ILE D 86 -7.52 11.64 3.02
N LEU D 87 -8.61 12.10 3.59
CA LEU D 87 -9.47 13.06 2.93
C LEU D 87 -8.84 14.45 2.81
N SER D 88 -8.19 14.89 3.89
CA SER D 88 -7.63 16.22 3.98
C SER D 88 -6.18 16.30 3.47
N ASN D 89 -5.72 15.25 2.80
CA ASN D 89 -4.35 15.20 2.27
C ASN D 89 -3.33 15.61 3.33
N ASN D 90 -3.35 14.93 4.50
CA ASN D 90 -2.51 15.25 5.67
C ASN D 90 -2.79 16.60 6.33
N ARG D 91 -4.04 16.80 6.69
CA ARG D 91 -4.44 17.92 7.55
C ARG D 91 -4.33 19.30 6.85
N LYS D 92 -4.47 19.30 5.52
CA LYS D 92 -4.58 20.53 4.73
C LYS D 92 -6.05 20.96 4.59
N GLY D 93 -6.30 21.98 3.78
CA GLY D 93 -7.66 22.46 3.58
C GLY D 93 -8.10 23.37 4.70
N ILE D 94 -9.36 23.26 5.11
CA ILE D 94 -9.93 24.09 6.18
C ILE D 94 -10.64 23.26 7.25
N ALA D 95 -11.68 22.54 6.84
CA ALA D 95 -12.55 21.84 7.80
C ALA D 95 -11.80 20.94 8.79
N PHE D 96 -10.85 20.15 8.28
CA PHE D 96 -10.20 19.14 9.11
C PHE D 96 -8.74 19.50 9.45
N ALA D 97 -8.39 20.76 9.22
CA ALA D 97 -7.03 21.21 9.44
C ALA D 97 -6.87 21.71 10.87
N ASP D 98 -5.68 21.51 11.43
CA ASP D 98 -5.38 22.01 12.75
C ASP D 98 -5.30 23.53 12.73
N SER D 99 -5.60 24.18 13.85
CA SER D 99 -5.49 25.62 13.98
C SER D 99 -4.03 26.07 13.81
N GLY D 100 -3.76 26.75 12.71
CA GLY D 100 -2.41 27.13 12.37
C GLY D 100 -2.43 28.09 11.20
N ALA D 101 -1.23 28.40 10.69
CA ALA D 101 -1.05 29.43 9.68
C ALA D 101 -1.83 29.12 8.42
N HIS D 102 -1.72 27.87 7.94
CA HIS D 102 -2.45 27.42 6.75
C HIS D 102 -3.97 27.57 6.91
N TRP D 103 -4.50 27.13 8.05
CA TRP D 103 -5.93 27.23 8.30
C TRP D 103 -6.38 28.68 8.40
N GLN D 104 -5.66 29.48 9.19
CA GLN D 104 -5.98 30.88 9.37
C GLN D 104 -6.07 31.57 8.01
N LEU D 105 -5.08 31.28 7.16
CA LEU D 105 -4.99 31.88 5.84
C LEU D 105 -6.07 31.42 4.87
N HIS D 106 -6.21 30.10 4.77
CA HIS D 106 -7.19 29.53 3.84
C HIS D 106 -8.63 29.86 4.25
N ARG D 107 -8.91 29.83 5.55
CA ARG D 107 -10.24 30.20 6.01
C ARG D 107 -10.55 31.65 5.66
N ARG D 108 -9.59 32.54 5.90
CA ARG D 108 -9.72 33.97 5.60
C ARG D 108 -10.05 34.24 4.13
N LEU D 109 -9.24 33.64 3.25
CA LEU D 109 -9.39 33.83 1.80
C LEU D 109 -10.69 33.24 1.27
N ALA D 110 -11.14 32.16 1.90
CA ALA D 110 -12.41 31.56 1.50
C ALA D 110 -13.55 32.52 1.82
N MET D 111 -13.42 33.26 2.91
CA MET D 111 -14.48 34.17 3.35
C MET D 111 -14.44 35.42 2.49
N ALA D 112 -13.23 35.92 2.27
CA ALA D 112 -13.04 37.08 1.42
C ALA D 112 -13.72 36.85 0.08
N THR D 113 -13.61 35.63 -0.44
CA THR D 113 -14.11 35.31 -1.76
C THR D 113 -15.58 35.66 -1.92
N PHE D 114 -16.33 35.60 -0.82
CA PHE D 114 -17.76 35.88 -0.91
C PHE D 114 -18.06 37.36 -1.17
N ALA D 115 -17.09 38.23 -0.86
CA ALA D 115 -17.20 39.66 -1.13
C ALA D 115 -17.40 39.97 -2.62
N LEU D 116 -16.83 39.12 -3.47
CA LEU D 116 -16.93 39.29 -4.91
C LEU D 116 -18.33 38.96 -5.46
N PHE D 117 -19.23 38.49 -4.58
CA PHE D 117 -20.55 38.03 -5.00
C PHE D 117 -21.70 38.80 -4.34
N LYS D 118 -21.43 39.96 -3.75
CA LYS D 118 -22.48 40.73 -3.08
C LYS D 118 -23.22 41.70 -4.00
N ASP D 119 -22.63 41.98 -5.16
CA ASP D 119 -23.26 42.83 -6.17
C ASP D 119 -22.78 42.49 -7.57
N GLY D 120 -23.18 43.29 -8.54
CA GLY D 120 -22.88 43.01 -9.95
C GLY D 120 -23.95 42.11 -10.51
N ASP D 121 -23.74 41.60 -11.72
CA ASP D 121 -24.69 40.64 -12.29
C ASP D 121 -24.50 39.28 -11.62
N GLN D 122 -23.30 39.07 -11.07
CA GLN D 122 -23.03 37.89 -10.26
C GLN D 122 -23.19 38.23 -8.77
N LYS D 123 -24.38 38.69 -8.43
CA LYS D 123 -24.81 38.81 -7.05
C LYS D 123 -25.26 37.41 -6.68
N LEU D 124 -25.00 37.02 -5.43
CA LEU D 124 -25.25 35.67 -4.96
C LEU D 124 -26.70 35.23 -5.17
N GLU D 125 -27.64 36.14 -4.92
CA GLU D 125 -29.05 35.83 -5.12
C GLU D 125 -29.33 35.49 -6.58
N LYS D 126 -28.76 36.26 -7.50
CA LYS D 126 -29.01 36.06 -8.92
C LYS D 126 -28.51 34.69 -9.35
N ILE D 127 -27.29 34.38 -8.92
CA ILE D 127 -26.70 33.08 -9.17
C ILE D 127 -27.58 31.96 -8.62
N ILE D 128 -27.95 32.08 -7.35
CA ILE D 128 -28.75 31.04 -6.71
C ILE D 128 -30.04 30.83 -7.49
N CYS D 129 -30.73 31.93 -7.81
CA CYS D 129 -32.05 31.87 -8.43
C CYS D 129 -31.98 31.34 -9.86
N GLN D 130 -30.87 31.61 -10.54
CA GLN D 130 -30.68 31.08 -11.87
C GLN D 130 -30.67 29.53 -11.83
N GLU D 131 -30.00 28.96 -10.83
CA GLU D 131 -29.81 27.51 -10.80
C GLU D 131 -31.05 26.82 -10.29
N ILE D 132 -31.80 27.53 -9.44
CA ILE D 132 -33.07 27.02 -8.98
C ILE D 132 -34.09 27.06 -10.13
N SER D 133 -33.90 27.98 -11.07
CA SER D 133 -34.74 28.07 -12.26
C SER D 133 -34.55 26.79 -13.07
N THR D 134 -33.29 26.47 -13.39
CA THR D 134 -32.97 25.25 -14.13
C THR D 134 -33.47 24.04 -13.36
N LEU D 135 -33.45 24.13 -12.03
CA LEU D 135 -33.90 23.03 -11.18
C LEU D 135 -35.38 22.73 -11.35
N CYS D 136 -36.18 23.79 -11.37
CA CYS D 136 -37.62 23.68 -11.44
C CYS D 136 -38.08 23.16 -12.81
N ASP D 137 -37.34 23.49 -13.86
CA ASP D 137 -37.67 23.00 -15.20
C ASP D 137 -37.43 21.49 -15.30
N MET D 138 -36.33 21.01 -14.72
CA MET D 138 -36.02 19.59 -14.71
C MET D 138 -37.12 18.83 -14.00
N LEU D 139 -37.51 19.31 -12.82
CA LEU D 139 -38.51 18.63 -12.00
C LEU D 139 -39.83 18.54 -12.75
N ALA D 140 -40.13 19.59 -13.51
CA ALA D 140 -41.42 19.70 -14.18
C ALA D 140 -41.59 18.64 -15.26
N THR D 141 -40.47 18.13 -15.80
CA THR D 141 -40.54 17.13 -16.84
C THR D 141 -40.85 15.76 -16.24
N HIS D 142 -40.64 15.61 -14.93
CA HIS D 142 -41.03 14.39 -14.22
C HIS D 142 -42.43 14.54 -13.63
N ASN D 143 -43.18 15.52 -14.15
CA ASN D 143 -44.51 15.84 -13.64
C ASN D 143 -45.44 14.62 -13.61
N GLY D 144 -46.31 14.59 -12.62
CA GLY D 144 -47.19 13.46 -12.42
C GLY D 144 -46.53 12.29 -11.70
N GLN D 145 -45.25 12.06 -12.00
CA GLN D 145 -44.56 10.87 -11.51
C GLN D 145 -44.06 11.02 -10.07
N SER D 146 -43.56 9.92 -9.53
CA SER D 146 -42.94 9.90 -8.21
C SER D 146 -41.46 9.57 -8.36
N ILE D 147 -40.59 10.50 -7.95
CA ILE D 147 -39.15 10.39 -8.18
C ILE D 147 -38.34 10.78 -6.92
N ASP D 148 -37.09 10.32 -6.84
CA ASP D 148 -36.14 10.75 -5.82
C ASP D 148 -35.53 12.06 -6.28
N ILE D 149 -35.63 13.07 -5.42
CA ILE D 149 -35.38 14.44 -5.82
C ILE D 149 -33.95 14.89 -5.56
N SER D 150 -33.13 13.98 -5.02
CA SER D 150 -31.76 14.29 -4.63
C SER D 150 -30.93 14.88 -5.77
N PHE D 151 -30.91 14.21 -6.91
CA PHE D 151 -29.97 14.55 -7.97
C PHE D 151 -30.19 15.95 -8.56
N PRO D 152 -31.45 16.32 -8.83
CA PRO D 152 -31.65 17.67 -9.38
C PRO D 152 -31.14 18.72 -8.42
N VAL D 153 -31.50 18.59 -7.15
CA VAL D 153 -31.06 19.53 -6.12
C VAL D 153 -29.53 19.51 -6.01
N PHE D 154 -28.97 18.30 -6.03
CA PHE D 154 -27.52 18.14 -6.05
C PHE D 154 -26.90 18.95 -7.19
N VAL D 155 -27.44 18.79 -8.40
CA VAL D 155 -26.95 19.51 -9.58
C VAL D 155 -27.00 21.03 -9.36
N ALA D 156 -28.08 21.49 -8.74
CA ALA D 156 -28.33 22.91 -8.56
C ALA D 156 -27.28 23.55 -7.67
N VAL D 157 -27.08 22.97 -6.48
CA VAL D 157 -26.14 23.52 -5.51
C VAL D 157 -24.69 23.28 -5.98
N THR D 158 -24.52 22.30 -6.85
CA THR D 158 -23.19 22.02 -7.38
C THR D 158 -22.81 23.15 -8.31
N ASN D 159 -23.74 23.53 -9.17
CA ASN D 159 -23.50 24.60 -10.12
C ASN D 159 -23.21 25.88 -9.35
N VAL D 160 -23.98 26.12 -8.27
CA VAL D 160 -23.79 27.36 -7.52
C VAL D 160 -22.38 27.42 -7.00
N ILE D 161 -21.95 26.35 -6.34
CA ILE D 161 -20.64 26.30 -5.71
C ILE D 161 -19.55 26.30 -6.77
N SER D 162 -19.84 25.68 -7.92
CA SER D 162 -18.90 25.66 -9.04
C SER D 162 -18.70 27.06 -9.61
N LEU D 163 -19.77 27.85 -9.66
CA LEU D 163 -19.65 29.22 -10.13
C LEU D 163 -18.83 30.04 -9.15
N ILE D 164 -19.00 29.77 -7.85
CA ILE D 164 -18.30 30.50 -6.82
C ILE D 164 -16.79 30.18 -6.87
N CYS D 165 -16.47 28.93 -7.16
CA CYS D 165 -15.08 28.48 -7.18
C CYS D 165 -14.34 28.71 -8.52
N PHE D 166 -15.05 28.60 -9.64
CA PHE D 166 -14.41 28.62 -10.97
C PHE D 166 -15.12 29.50 -12.03
N ASN D 167 -16.24 30.11 -11.68
CA ASN D 167 -17.09 30.74 -12.70
C ASN D 167 -17.45 29.76 -13.81
N THR D 168 -17.80 28.53 -13.45
CA THR D 168 -18.35 27.59 -14.42
C THR D 168 -19.52 26.86 -13.80
N SER D 169 -20.38 26.30 -14.64
CA SER D 169 -21.50 25.50 -14.18
C SER D 169 -21.67 24.32 -15.10
N TYR D 170 -22.20 23.23 -14.57
CA TYR D 170 -22.41 22.02 -15.34
C TYR D 170 -23.75 22.07 -16.06
N LYS D 171 -23.81 21.46 -17.23
CA LYS D 171 -25.06 21.36 -17.98
C LYS D 171 -25.72 20.01 -17.67
N ASN D 172 -27.04 20.01 -17.50
CA ASN D 172 -27.80 18.78 -17.27
C ASN D 172 -27.39 17.67 -18.25
N GLY D 173 -26.91 16.55 -17.70
CA GLY D 173 -26.50 15.43 -18.51
C GLY D 173 -25.00 15.17 -18.53
N ASP D 174 -24.21 16.20 -18.20
CA ASP D 174 -22.75 16.05 -18.12
C ASP D 174 -22.44 14.85 -17.22
N PRO D 175 -21.61 13.91 -17.71
CA PRO D 175 -21.41 12.71 -16.89
C PRO D 175 -20.54 13.00 -15.67
N GLU D 176 -19.86 14.15 -15.67
CA GLU D 176 -18.98 14.53 -14.56
C GLU D 176 -19.79 14.69 -13.29
N LEU D 177 -21.01 15.20 -13.44
CA LEU D 177 -21.94 15.33 -12.32
C LEU D 177 -22.15 13.99 -11.62
N ASN D 178 -22.17 12.92 -12.41
CA ASN D 178 -22.30 11.58 -11.84
C ASN D 178 -21.03 11.15 -11.12
N VAL D 179 -19.88 11.50 -11.69
CA VAL D 179 -18.60 11.16 -11.09
C VAL D 179 -18.52 11.76 -9.70
N ILE D 180 -18.85 13.05 -9.63
CA ILE D 180 -18.80 13.81 -8.39
C ILE D 180 -19.74 13.23 -7.34
N GLN D 181 -21.00 13.01 -7.72
CA GLN D 181 -21.99 12.58 -6.75
C GLN D 181 -21.63 11.18 -6.25
N ASN D 182 -20.86 10.46 -7.04
CA ASN D 182 -20.52 9.10 -6.67
C ASN D 182 -19.37 9.03 -5.70
N TYR D 183 -18.38 9.89 -5.89
CA TYR D 183 -17.25 9.91 -4.98
C TYR D 183 -17.61 10.58 -3.66
N ASN D 184 -18.53 11.55 -3.70
CA ASN D 184 -19.03 12.16 -2.47
C ASN D 184 -19.79 11.13 -1.65
N GLU D 185 -20.68 10.38 -2.31
CA GLU D 185 -21.44 9.35 -1.62
C GLU D 185 -20.52 8.25 -1.07
N GLY D 186 -19.45 7.95 -1.79
CA GLY D 186 -18.54 6.89 -1.42
C GLY D 186 -17.62 7.29 -0.28
N ILE D 187 -17.21 8.56 -0.31
CA ILE D 187 -16.39 9.15 0.77
C ILE D 187 -17.18 9.22 2.07
N ILE D 188 -18.39 9.78 2.00
CA ILE D 188 -19.24 9.85 3.16
C ILE D 188 -19.47 8.46 3.76
N ASP D 189 -19.60 7.45 2.92
CA ASP D 189 -20.00 6.15 3.41
C ASP D 189 -18.86 5.41 4.10
N ASN D 190 -17.64 5.58 3.56
CA ASN D 190 -16.46 4.91 4.07
C ASN D 190 -15.63 5.70 5.12
N LEU D 191 -16.01 6.94 5.41
CA LEU D 191 -15.21 7.81 6.27
C LEU D 191 -15.42 7.48 7.74
N SER D 192 -16.66 7.14 8.09
CA SER D 192 -16.96 6.69 9.44
C SER D 192 -18.29 5.94 9.41
N LYS D 193 -18.63 5.28 10.50
CA LYS D 193 -19.93 4.59 10.60
C LYS D 193 -20.91 5.31 11.55
N ASP D 194 -20.47 6.44 12.08
CA ASP D 194 -21.29 7.29 12.93
C ASP D 194 -20.56 8.64 12.89
N SER D 195 -20.94 9.58 13.74
CA SER D 195 -20.27 10.88 13.77
C SER D 195 -18.80 10.69 14.11
N LEU D 196 -17.97 11.64 13.73
CA LEU D 196 -16.52 11.53 13.92
C LEU D 196 -16.13 11.62 15.38
N VAL D 197 -15.25 10.71 15.81
CA VAL D 197 -14.64 10.75 17.15
C VAL D 197 -13.32 10.01 17.08
N ASP D 198 -12.22 10.62 17.53
CA ASP D 198 -10.90 10.00 17.43
C ASP D 198 -10.76 8.77 18.35
N LEU D 199 -11.75 8.55 19.20
CA LEU D 199 -11.71 7.41 20.11
C LEU D 199 -11.91 6.14 19.32
N VAL D 200 -12.64 6.25 18.22
CA VAL D 200 -12.92 5.11 17.36
C VAL D 200 -11.91 5.07 16.21
N PRO D 201 -11.15 3.96 16.09
CA PRO D 201 -10.26 3.80 14.93
C PRO D 201 -11.05 3.29 13.72
N TRP D 202 -11.69 4.22 13.01
CA TRP D 202 -12.68 3.90 11.99
C TRP D 202 -12.22 2.92 10.90
N LEU D 203 -10.95 2.99 10.52
CA LEU D 203 -10.38 2.14 9.49
C LEU D 203 -9.93 0.75 9.96
N LYS D 204 -9.91 0.54 11.27
CA LYS D 204 -9.30 -0.66 11.86
C LYS D 204 -10.27 -1.59 12.59
N ILE D 205 -11.52 -1.18 12.74
CA ILE D 205 -12.45 -1.93 13.62
C ILE D 205 -13.12 -3.14 12.97
N PHE D 206 -13.21 -3.17 11.64
CA PHE D 206 -13.90 -4.25 10.94
C PHE D 206 -13.10 -4.79 9.76
N PRO D 207 -13.12 -6.13 9.58
CA PRO D 207 -12.40 -6.77 8.46
C PRO D 207 -13.13 -6.58 7.13
N ASN D 208 -13.50 -5.34 6.84
CA ASN D 208 -13.92 -4.95 5.51
C ASN D 208 -12.73 -4.24 4.92
N LYS D 209 -12.93 -3.56 3.80
CA LYS D 209 -11.84 -2.92 3.11
C LYS D 209 -12.04 -1.42 3.13
N THR D 210 -12.46 -0.91 4.28
CA THR D 210 -12.82 0.50 4.41
C THR D 210 -11.65 1.43 4.03
N LEU D 211 -10.44 1.10 4.46
CA LEU D 211 -9.27 1.90 4.14
C LEU D 211 -9.08 2.00 2.63
N GLU D 212 -9.11 0.85 1.97
CA GLU D 212 -8.88 0.76 0.54
C GLU D 212 -9.93 1.58 -0.23
N LYS D 213 -11.20 1.42 0.18
CA LYS D 213 -12.32 1.99 -0.55
C LYS D 213 -12.34 3.50 -0.41
N LEU D 214 -12.13 3.99 0.80
CA LEU D 214 -12.03 5.44 1.03
C LEU D 214 -10.98 6.08 0.12
N LYS D 215 -9.76 5.54 0.12
CA LYS D 215 -8.72 5.99 -0.79
C LYS D 215 -9.19 5.98 -2.25
N SER D 216 -10.02 5.01 -2.63
CA SER D 216 -10.43 4.90 -4.02
C SER D 216 -11.22 6.12 -4.41
N HIS D 217 -12.15 6.53 -3.55
CA HIS D 217 -13.01 7.65 -3.87
C HIS D 217 -12.24 8.97 -3.81
N VAL D 218 -11.38 9.13 -2.80
CA VAL D 218 -10.55 10.33 -2.69
C VAL D 218 -9.62 10.51 -3.90
N LYS D 219 -9.20 9.39 -4.50
CA LYS D 219 -8.29 9.43 -5.65
C LYS D 219 -9.01 10.02 -6.83
N ILE D 220 -10.25 9.58 -7.05
CA ILE D 220 -11.03 10.07 -8.17
C ILE D 220 -11.26 11.55 -8.01
N ARG D 221 -11.61 11.94 -6.79
CA ARG D 221 -11.84 13.35 -6.48
C ARG D 221 -10.56 14.17 -6.68
N ASN D 222 -9.45 13.75 -6.08
CA ASN D 222 -8.19 14.47 -6.24
C ASN D 222 -7.72 14.56 -7.70
N ASP D 223 -7.97 13.50 -8.47
CA ASP D 223 -7.56 13.49 -9.87
C ASP D 223 -8.34 14.55 -10.63
N LEU D 224 -9.67 14.49 -10.53
CA LEU D 224 -10.54 15.48 -11.16
C LEU D 224 -10.18 16.93 -10.77
N LEU D 225 -9.97 17.15 -9.48
CA LEU D 225 -9.59 18.46 -9.01
C LEU D 225 -8.30 18.91 -9.66
N ASN D 226 -7.28 18.05 -9.63
CA ASN D 226 -5.98 18.39 -10.19
C ASN D 226 -6.14 18.84 -11.65
N LYS D 227 -7.05 18.15 -12.35
CA LYS D 227 -7.30 18.40 -13.77
C LYS D 227 -7.78 19.83 -13.92
N ILE D 228 -8.82 20.16 -13.17
CA ILE D 228 -9.42 21.49 -13.21
C ILE D 228 -8.39 22.57 -12.91
N LEU D 229 -7.60 22.36 -11.87
CA LEU D 229 -6.55 23.31 -11.48
C LEU D 229 -5.52 23.46 -12.60
N GLU D 230 -5.22 22.37 -13.30
CA GLU D 230 -4.26 22.38 -14.39
C GLU D 230 -4.81 23.13 -15.60
N ASN D 231 -6.03 22.80 -15.98
CA ASN D 231 -6.73 23.46 -17.07
C ASN D 231 -6.99 24.94 -16.79
N TYR D 232 -6.85 25.36 -15.53
CA TYR D 232 -7.21 26.72 -15.12
C TYR D 232 -6.02 27.68 -15.09
N LYS D 233 -4.81 27.15 -14.94
CA LYS D 233 -3.61 27.96 -14.92
C LYS D 233 -3.53 28.86 -16.15
N GLU D 234 -4.01 28.36 -17.28
CA GLU D 234 -3.92 29.11 -18.53
C GLU D 234 -4.92 30.27 -18.52
N LYS D 235 -6.05 30.08 -17.85
CA LYS D 235 -7.15 31.05 -17.86
C LYS D 235 -6.93 32.21 -16.87
N PHE D 236 -6.19 31.94 -15.81
CA PHE D 236 -6.04 32.89 -14.72
C PHE D 236 -5.40 34.17 -15.19
N ARG D 237 -5.99 35.31 -14.79
CA ARG D 237 -5.39 36.60 -15.07
C ARG D 237 -5.44 37.52 -13.85
N SER D 238 -4.27 38.06 -13.54
CA SER D 238 -4.07 38.89 -12.36
C SER D 238 -5.05 40.06 -12.29
N ASP D 239 -5.43 40.55 -13.45
CA ASP D 239 -6.27 41.75 -13.58
C ASP D 239 -7.76 41.45 -13.44
N SER D 240 -8.11 40.21 -13.12
CA SER D 240 -9.50 39.80 -12.98
C SER D 240 -9.63 38.65 -11.97
N ILE D 241 -10.06 39.01 -10.75
CA ILE D 241 -10.30 38.08 -9.65
C ILE D 241 -11.79 38.05 -9.38
N THR D 242 -12.41 36.90 -9.62
CA THR D 242 -13.88 36.81 -9.65
C THR D 242 -14.44 35.54 -9.00
N ASN D 243 -13.55 34.71 -8.48
CA ASN D 243 -13.93 33.43 -7.88
C ASN D 243 -12.86 33.00 -6.91
N MET D 244 -13.08 31.87 -6.24
CA MET D 244 -12.21 31.50 -5.14
C MET D 244 -10.82 31.12 -5.60
N LEU D 245 -10.75 30.43 -6.73
CA LEU D 245 -9.48 29.97 -7.25
C LEU D 245 -8.61 31.17 -7.64
N ASP D 246 -9.24 32.22 -8.14
CA ASP D 246 -8.53 33.47 -8.43
C ASP D 246 -7.93 34.03 -7.15
N THR D 247 -8.75 34.05 -6.11
CA THR D 247 -8.34 34.57 -4.82
C THR D 247 -7.14 33.80 -4.30
N LEU D 248 -7.20 32.49 -4.41
CA LEU D 248 -6.15 31.62 -3.90
C LEU D 248 -4.89 31.77 -4.72
N MET D 249 -5.06 31.84 -6.04
CA MET D 249 -3.92 32.01 -6.94
C MET D 249 -3.33 33.41 -6.89
N GLN D 250 -4.15 34.42 -6.64
CA GLN D 250 -3.66 35.76 -6.48
C GLN D 250 -2.80 35.83 -5.21
N ALA D 251 -3.27 35.17 -4.15
CA ALA D 251 -2.55 35.18 -2.87
C ALA D 251 -1.18 34.50 -2.98
N LYS D 252 -1.09 33.43 -3.76
CA LYS D 252 0.20 32.79 -4.00
C LYS D 252 1.09 33.74 -4.78
N MET D 253 0.54 34.29 -5.86
CA MET D 253 1.27 35.20 -6.73
C MET D 253 1.84 36.37 -5.93
N ASN D 254 0.99 36.96 -5.08
CA ASN D 254 1.38 38.09 -4.24
C ASN D 254 2.49 37.73 -3.25
N SER D 255 2.42 36.51 -2.73
CA SER D 255 3.42 36.05 -1.78
C SER D 255 4.82 36.03 -2.42
N ASP D 256 4.85 36.01 -3.75
CA ASP D 256 6.09 36.14 -4.53
C ASP D 256 6.29 37.63 -4.91
N ASN D 257 6.96 38.36 -4.02
CA ASN D 257 6.96 39.85 -3.96
C ASN D 257 5.66 40.40 -3.39
N ASP D 263 5.44 37.35 2.66
CA ASP D 263 6.38 36.55 1.88
C ASP D 263 6.55 35.15 2.48
N GLN D 264 6.02 34.95 3.69
CA GLN D 264 6.11 33.66 4.37
C GLN D 264 5.08 32.65 3.85
N ASP D 265 3.93 33.19 3.44
CA ASP D 265 2.75 32.37 3.19
C ASP D 265 2.86 31.54 1.91
N SER D 266 3.97 31.65 1.18
CA SER D 266 4.11 31.02 -0.13
C SER D 266 4.01 29.51 -0.02
N GLU D 267 4.69 28.96 0.98
CA GLU D 267 4.73 27.52 1.24
C GLU D 267 3.37 26.98 1.74
N LEU D 268 2.42 27.87 1.95
CA LEU D 268 1.09 27.49 2.45
C LEU D 268 0.03 27.52 1.37
N LEU D 269 0.42 27.91 0.17
CA LEU D 269 -0.56 28.03 -0.91
C LEU D 269 -0.21 27.11 -2.03
N SER D 270 0.49 26.02 -1.70
CA SER D 270 0.85 25.01 -2.67
C SER D 270 -0.41 24.52 -3.36
N ASP D 271 -0.26 23.94 -4.55
CA ASP D 271 -1.39 23.39 -5.28
C ASP D 271 -2.17 22.41 -4.42
N ASN D 272 -1.47 21.59 -3.64
CA ASN D 272 -2.14 20.64 -2.78
C ASN D 272 -2.94 21.29 -1.65
N HIS D 273 -2.45 22.39 -1.10
CA HIS D 273 -3.23 23.19 -0.17
C HIS D 273 -4.47 23.81 -0.85
N ILE D 274 -4.27 24.42 -2.01
CA ILE D 274 -5.37 25.01 -2.78
C ILE D 274 -6.41 23.97 -3.14
N LEU D 275 -5.94 22.85 -3.66
CA LEU D 275 -6.80 21.74 -4.06
C LEU D 275 -7.68 21.28 -2.88
N THR D 276 -7.05 20.99 -1.75
CA THR D 276 -7.74 20.48 -0.56
C THR D 276 -8.83 21.45 -0.08
N THR D 277 -8.49 22.73 -0.03
CA THR D 277 -9.45 23.76 0.33
C THR D 277 -10.64 23.83 -0.63
N ILE D 278 -10.39 23.94 -1.94
CA ILE D 278 -11.46 23.84 -2.93
C ILE D 278 -12.36 22.62 -2.62
N GLY D 279 -11.75 21.46 -2.39
CA GLY D 279 -12.48 20.24 -2.10
C GLY D 279 -13.39 20.38 -0.89
N ASP D 280 -12.89 21.06 0.14
CA ASP D 280 -13.67 21.34 1.35
C ASP D 280 -14.90 22.19 1.05
N ILE D 281 -14.69 23.30 0.33
CA ILE D 281 -15.77 24.21 -0.05
C ILE D 281 -16.83 23.54 -0.94
N PHE D 282 -16.37 22.73 -1.88
CA PHE D 282 -17.23 22.02 -2.81
C PHE D 282 -18.10 20.97 -2.14
N GLY D 283 -17.48 20.14 -1.32
CA GLY D 283 -18.23 19.11 -0.63
C GLY D 283 -19.19 19.69 0.40
N ALA D 284 -18.70 20.61 1.22
CA ALA D 284 -19.51 21.22 2.25
C ALA D 284 -20.69 21.94 1.62
N GLY D 285 -20.40 22.66 0.53
CA GLY D 285 -21.40 23.42 -0.16
C GLY D 285 -22.53 22.58 -0.71
N VAL D 286 -22.30 21.30 -0.94
CA VAL D 286 -23.26 20.47 -1.65
C VAL D 286 -24.01 19.45 -0.77
N GLU D 287 -23.25 18.60 -0.09
CA GLU D 287 -23.83 17.49 0.67
C GLU D 287 -24.63 17.93 1.90
N THR D 288 -24.27 19.09 2.46
CA THR D 288 -25.00 19.65 3.59
C THR D 288 -26.37 20.18 3.16
N THR D 289 -26.35 21.15 2.25
CA THR D 289 -27.55 21.84 1.78
C THR D 289 -28.53 20.91 1.11
N THR D 290 -28.02 20.00 0.28
CA THR D 290 -28.86 18.98 -0.34
C THR D 290 -29.49 18.09 0.73
N SER D 291 -28.73 17.74 1.77
CA SER D 291 -29.26 16.86 2.80
C SER D 291 -30.34 17.54 3.63
N VAL D 292 -30.16 18.82 3.93
CA VAL D 292 -31.16 19.60 4.63
C VAL D 292 -32.45 19.81 3.83
N VAL D 293 -32.32 19.99 2.52
CA VAL D 293 -33.51 20.11 1.67
C VAL D 293 -34.31 18.81 1.73
N LYS D 294 -33.61 17.70 1.55
CA LYS D 294 -34.24 16.38 1.56
C LYS D 294 -34.98 16.19 2.87
N TRP D 295 -34.31 16.49 3.98
CA TRP D 295 -34.91 16.33 5.32
C TRP D 295 -36.19 17.15 5.47
N THR D 296 -36.19 18.35 4.90
CA THR D 296 -37.31 19.27 5.05
C THR D 296 -38.52 18.77 4.27
N LEU D 297 -38.30 18.13 3.13
CA LEU D 297 -39.41 17.55 2.36
C LEU D 297 -40.05 16.38 3.07
N ALA D 298 -39.22 15.49 3.62
CA ALA D 298 -39.74 14.35 4.35
C ALA D 298 -40.57 14.79 5.56
N PHE D 299 -40.24 15.94 6.15
CA PHE D 299 -40.99 16.41 7.29
C PHE D 299 -42.36 16.94 6.88
N LEU D 300 -42.45 17.52 5.68
CA LEU D 300 -43.71 18.07 5.21
C LEU D 300 -44.68 16.98 4.76
N LEU D 301 -44.15 15.86 4.27
CA LEU D 301 -44.99 14.74 3.91
C LEU D 301 -45.61 14.14 5.16
N HIS D 302 -44.97 14.37 6.30
CA HIS D 302 -45.47 13.87 7.58
C HIS D 302 -46.39 14.88 8.30
N ASN D 303 -46.30 16.16 7.92
CA ASN D 303 -47.05 17.21 8.59
C ASN D 303 -47.76 18.10 7.56
N PRO D 304 -48.76 17.55 6.87
CA PRO D 304 -49.39 18.27 5.75
C PRO D 304 -50.07 19.55 6.21
N GLN D 305 -50.37 19.61 7.52
CA GLN D 305 -51.08 20.76 8.08
C GLN D 305 -50.14 21.97 8.08
N VAL D 306 -48.85 21.72 8.30
CA VAL D 306 -47.84 22.76 8.22
C VAL D 306 -47.58 23.07 6.75
N LYS D 307 -47.71 22.06 5.90
CA LYS D 307 -47.46 22.21 4.47
C LYS D 307 -48.47 23.19 3.88
N LYS D 308 -49.72 23.04 4.28
CA LYS D 308 -50.81 23.89 3.80
C LYS D 308 -50.57 25.35 4.14
N LYS D 309 -50.27 25.62 5.40
CA LYS D 309 -50.08 27.00 5.84
C LYS D 309 -48.88 27.65 5.13
N LEU D 310 -47.91 26.85 4.71
CA LEU D 310 -46.77 27.37 3.97
C LEU D 310 -47.22 27.78 2.58
N TYR D 311 -48.00 26.92 1.93
CA TYR D 311 -48.61 27.23 0.64
C TYR D 311 -49.43 28.50 0.71
N GLU D 312 -50.32 28.56 1.71
CA GLU D 312 -51.19 29.71 1.91
C GLU D 312 -50.35 30.97 2.17
N GLU D 313 -49.31 30.85 2.98
CA GLU D 313 -48.48 31.99 3.31
C GLU D 313 -47.81 32.56 2.08
N ILE D 314 -47.19 31.69 1.28
CA ILE D 314 -46.45 32.15 0.11
C ILE D 314 -47.42 32.75 -0.92
N ASP D 315 -48.63 32.23 -0.98
CA ASP D 315 -49.66 32.73 -1.89
C ASP D 315 -50.13 34.13 -1.48
N GLN D 316 -50.24 34.36 -0.17
CA GLN D 316 -50.73 35.63 0.37
C GLN D 316 -49.69 36.75 0.22
N ASN D 317 -48.42 36.41 0.35
CA ASN D 317 -47.34 37.40 0.43
C ASN D 317 -46.54 37.59 -0.88
N VAL D 318 -46.58 36.59 -1.76
CA VAL D 318 -45.81 36.62 -3.01
C VAL D 318 -46.72 36.50 -4.24
N GLY D 319 -47.59 35.49 -4.24
CA GLY D 319 -48.45 35.26 -5.37
C GLY D 319 -47.63 34.69 -6.50
N PHE D 320 -48.20 34.71 -7.70
CA PHE D 320 -47.60 34.06 -8.87
C PHE D 320 -47.25 35.07 -9.96
N SER D 321 -47.04 36.31 -9.53
CA SER D 321 -46.69 37.39 -10.44
C SER D 321 -45.19 37.40 -10.72
N ARG D 322 -44.42 37.15 -9.66
CA ARG D 322 -42.96 37.15 -9.70
C ARG D 322 -42.40 35.92 -9.01
N THR D 323 -41.12 35.65 -9.25
CA THR D 323 -40.44 34.57 -8.57
C THR D 323 -40.08 35.09 -7.18
N PRO D 324 -39.89 34.17 -6.19
CA PRO D 324 -39.48 34.55 -4.83
C PRO D 324 -38.10 35.17 -4.74
N THR D 325 -37.91 36.08 -3.79
CA THR D 325 -36.68 36.85 -3.61
C THR D 325 -36.16 36.68 -2.19
N ILE D 326 -34.90 37.05 -1.93
CA ILE D 326 -34.32 37.00 -0.59
C ILE D 326 -35.15 37.83 0.39
N SER D 327 -35.67 38.96 -0.09
CA SER D 327 -36.45 39.85 0.75
C SER D 327 -37.73 39.21 1.26
N ASP D 328 -38.12 38.08 0.67
CA ASP D 328 -39.29 37.34 1.11
C ASP D 328 -39.08 36.66 2.47
N ARG D 329 -37.87 36.76 3.02
CA ARG D 329 -37.53 36.17 4.31
C ARG D 329 -37.98 37.04 5.50
N ASN D 330 -38.65 38.16 5.20
CA ASN D 330 -39.22 39.01 6.23
C ASN D 330 -40.74 38.95 6.25
N ARG D 331 -41.30 38.18 5.32
CA ARG D 331 -42.75 37.98 5.22
C ARG D 331 -43.11 36.49 5.27
N LEU D 332 -42.24 35.65 4.73
CA LEU D 332 -42.39 34.20 4.82
C LEU D 332 -41.75 33.68 6.11
N LEU D 333 -42.42 33.88 7.23
CA LEU D 333 -41.86 33.54 8.54
C LEU D 333 -42.04 32.07 8.89
N LEU D 334 -43.14 31.46 8.45
CA LEU D 334 -43.40 30.07 8.78
C LEU D 334 -42.37 29.17 8.10
N LEU D 335 -42.08 29.46 6.84
CA LEU D 335 -41.08 28.72 6.09
C LEU D 335 -39.72 28.86 6.77
N GLU D 336 -39.34 30.09 7.08
CA GLU D 336 -38.06 30.37 7.70
C GLU D 336 -37.98 29.63 9.04
N ALA D 337 -39.15 29.35 9.63
CA ALA D 337 -39.22 28.66 10.91
C ALA D 337 -39.18 27.15 10.70
N THR D 338 -39.73 26.69 9.59
CA THR D 338 -39.66 25.29 9.23
C THR D 338 -38.18 24.88 9.06
N ILE D 339 -37.38 25.77 8.47
CA ILE D 339 -35.96 25.51 8.28
C ILE D 339 -35.22 25.42 9.61
N ARG D 340 -35.57 26.31 10.54
CA ARG D 340 -34.95 26.34 11.85
C ARG D 340 -35.29 25.09 12.64
N GLU D 341 -36.54 24.66 12.55
CA GLU D 341 -36.99 23.49 13.29
C GLU D 341 -36.36 22.23 12.70
N VAL D 342 -36.06 22.27 11.41
CA VAL D 342 -35.44 21.13 10.74
C VAL D 342 -33.97 20.98 11.14
N LEU D 343 -33.25 22.11 11.25
CA LEU D 343 -31.86 22.10 11.69
C LEU D 343 -31.77 21.86 13.19
N ARG D 344 -32.87 22.09 13.90
CA ARG D 344 -32.95 21.71 15.30
C ARG D 344 -33.09 20.19 15.43
N LEU D 345 -34.12 19.63 14.79
CA LEU D 345 -34.46 18.21 14.93
C LEU D 345 -33.44 17.29 14.30
N ARG D 346 -32.85 17.73 13.20
CA ARG D 346 -31.85 16.94 12.48
C ARG D 346 -30.70 17.81 11.99
N PRO D 347 -29.70 18.06 12.85
CA PRO D 347 -28.57 18.89 12.43
C PRO D 347 -27.73 18.16 11.42
N VAL D 348 -27.24 18.87 10.41
CA VAL D 348 -26.32 18.33 9.43
C VAL D 348 -25.20 17.57 10.15
N ALA D 349 -24.67 18.21 11.19
CA ALA D 349 -23.57 17.66 11.95
C ALA D 349 -24.01 17.58 13.39
N PRO D 350 -24.63 16.45 13.77
CA PRO D 350 -25.16 16.31 15.13
C PRO D 350 -24.09 16.35 16.22
N MET D 351 -22.83 16.19 15.85
CA MET D 351 -21.74 16.33 16.83
C MET D 351 -20.67 17.25 16.26
N LEU D 352 -21.10 18.15 15.39
CA LEU D 352 -20.20 19.11 14.75
C LEU D 352 -19.05 18.38 14.07
N ILE D 353 -17.84 18.89 14.28
CA ILE D 353 -16.62 18.20 13.96
C ILE D 353 -15.81 18.26 15.24
N PRO D 354 -15.01 17.23 15.54
CA PRO D 354 -14.32 17.28 16.84
C PRO D 354 -13.44 18.51 17.03
N HIS D 355 -13.30 18.95 18.27
CA HIS D 355 -12.36 20.01 18.61
C HIS D 355 -11.22 19.44 19.43
N LYS D 356 -10.24 20.29 19.74
CA LYS D 356 -9.07 19.86 20.49
C LYS D 356 -8.47 21.04 21.25
N ALA D 357 -8.16 20.83 22.53
CA ALA D 357 -7.50 21.85 23.34
C ALA D 357 -6.03 22.03 22.94
N ASN D 358 -5.70 23.23 22.45
CA ASN D 358 -4.34 23.57 22.04
C ASN D 358 -3.46 23.85 23.23
N VAL D 359 -4.11 24.14 24.36
CA VAL D 359 -3.43 24.52 25.59
C VAL D 359 -4.21 23.96 26.77
N ASP D 360 -3.56 23.88 27.94
CA ASP D 360 -4.26 23.52 29.16
C ASP D 360 -5.34 24.56 29.39
N SER D 361 -6.56 24.12 29.65
CA SER D 361 -7.67 25.05 29.78
C SER D 361 -8.74 24.45 30.69
N SER D 362 -9.96 24.91 30.52
CA SER D 362 -11.03 24.50 31.41
C SER D 362 -12.37 24.68 30.74
N ILE D 363 -13.35 23.91 31.19
CA ILE D 363 -14.72 24.09 30.77
C ILE D 363 -15.60 24.12 32.00
N GLY D 364 -16.14 25.30 32.32
CA GLY D 364 -17.11 25.48 33.37
C GLY D 364 -16.70 24.82 34.67
N GLU D 365 -15.51 25.17 35.16
CA GLU D 365 -15.00 24.66 36.44
C GLU D 365 -14.51 23.21 36.37
N PHE D 366 -14.16 22.74 35.16
CA PHE D 366 -13.52 21.44 34.96
C PHE D 366 -12.25 21.61 34.13
N ALA D 367 -11.11 21.12 34.62
CA ALA D 367 -9.85 21.29 33.90
C ALA D 367 -9.81 20.41 32.64
N VAL D 368 -9.04 20.84 31.64
CA VAL D 368 -8.87 20.06 30.41
C VAL D 368 -7.45 20.17 29.88
N ASP D 369 -6.76 19.04 29.82
CA ASP D 369 -5.37 19.01 29.39
C ASP D 369 -5.20 19.28 27.90
N LYS D 370 -4.08 19.92 27.57
CA LYS D 370 -3.62 20.07 26.19
C LYS D 370 -3.71 18.74 25.42
N GLY D 371 -4.29 18.81 24.21
CA GLY D 371 -4.39 17.64 23.33
C GLY D 371 -5.68 16.84 23.45
N THR D 372 -6.42 17.07 24.52
CA THR D 372 -7.67 16.37 24.75
C THR D 372 -8.64 16.68 23.64
N GLU D 373 -9.37 15.66 23.21
CA GLU D 373 -10.37 15.81 22.17
C GLU D 373 -11.65 16.25 22.86
N VAL D 374 -12.33 17.23 22.27
CA VAL D 374 -13.62 17.68 22.78
C VAL D 374 -14.69 17.51 21.70
N ILE D 375 -15.83 16.97 22.08
CA ILE D 375 -16.96 16.77 21.17
C ILE D 375 -18.20 17.46 21.73
N ILE D 376 -18.79 18.36 20.95
CA ILE D 376 -20.02 19.04 21.33
C ILE D 376 -21.18 18.27 20.78
N ASN D 377 -22.07 17.84 21.67
CA ASN D 377 -23.19 17.01 21.28
C ASN D 377 -24.40 17.88 20.99
N LEU D 378 -24.55 18.29 19.74
CA LEU D 378 -25.62 19.20 19.31
C LEU D 378 -26.99 18.58 19.49
N TRP D 379 -27.05 17.25 19.41
CA TRP D 379 -28.29 16.54 19.59
C TRP D 379 -28.81 16.72 21.01
N ALA D 380 -27.90 16.82 21.97
CA ALA D 380 -28.29 17.03 23.35
C ALA D 380 -28.79 18.46 23.55
N LEU D 381 -28.14 19.40 22.88
CA LEU D 381 -28.54 20.79 22.99
C LEU D 381 -29.92 20.98 22.37
N HIS D 382 -30.21 20.20 21.32
CA HIS D 382 -31.43 20.40 20.54
C HIS D 382 -32.63 19.58 21.02
N HIS D 383 -32.41 18.59 21.88
CA HIS D 383 -33.52 17.75 22.36
C HIS D 383 -33.70 17.75 23.88
N ASN D 384 -33.00 18.65 24.57
CA ASN D 384 -33.10 18.75 26.02
C ASN D 384 -34.51 19.13 26.47
N GLU D 385 -35.12 18.26 27.26
CA GLU D 385 -36.53 18.38 27.67
C GLU D 385 -36.79 19.63 28.52
N LYS D 386 -35.72 20.23 29.04
CA LYS D 386 -35.84 21.43 29.88
C LYS D 386 -35.73 22.73 29.08
N GLU D 387 -35.08 22.66 27.92
CA GLU D 387 -34.89 23.82 27.05
C GLU D 387 -35.94 23.88 25.95
N TRP D 388 -36.58 22.76 25.67
CA TRP D 388 -37.48 22.64 24.52
C TRP D 388 -38.77 21.92 24.90
N HIS D 389 -39.89 22.56 24.62
CA HIS D 389 -41.20 21.97 24.84
C HIS D 389 -41.43 20.93 23.76
N GLN D 390 -41.67 19.67 24.17
CA GLN D 390 -41.84 18.54 23.23
C GLN D 390 -40.71 18.47 22.19
N PRO D 391 -39.49 18.16 22.66
CA PRO D 391 -38.30 18.25 21.81
C PRO D 391 -38.35 17.35 20.60
N ASP D 392 -39.10 16.24 20.68
CA ASP D 392 -39.07 15.21 19.64
C ASP D 392 -40.19 15.37 18.59
N GLN D 393 -40.88 16.50 18.61
CA GLN D 393 -41.97 16.74 17.67
C GLN D 393 -41.69 17.96 16.77
N PHE D 394 -42.12 17.85 15.52
CA PHE D 394 -41.92 18.90 14.51
C PHE D 394 -42.91 20.04 14.68
N MET D 395 -42.48 21.10 15.38
CA MET D 395 -43.34 22.26 15.65
C MET D 395 -42.65 23.59 15.28
N PRO D 396 -42.62 23.91 13.97
CA PRO D 396 -41.98 25.13 13.50
C PRO D 396 -42.56 26.38 14.15
N GLU D 397 -43.77 26.24 14.69
CA GLU D 397 -44.48 27.34 15.32
C GLU D 397 -43.74 27.83 16.55
N ARG D 398 -42.99 26.92 17.19
CA ARG D 398 -42.23 27.24 18.40
C ARG D 398 -41.29 28.44 18.20
N PHE D 399 -40.89 28.68 16.95
CA PHE D 399 -39.97 29.75 16.60
C PHE D 399 -40.72 31.03 16.21
N LEU D 400 -41.98 31.12 16.63
CA LEU D 400 -42.81 32.28 16.33
C LEU D 400 -43.60 32.75 17.54
N ASN D 401 -43.89 34.05 17.57
CA ASN D 401 -44.83 34.59 18.53
C ASN D 401 -46.20 33.94 18.30
N PRO D 402 -47.12 34.07 19.28
CA PRO D 402 -48.42 33.42 19.16
C PRO D 402 -49.19 33.79 17.87
N ALA D 403 -49.14 35.07 17.50
CA ALA D 403 -49.87 35.55 16.32
C ALA D 403 -49.17 35.19 15.01
N GLY D 404 -47.91 34.80 15.11
CA GLY D 404 -47.11 34.48 13.94
C GLY D 404 -46.80 35.73 13.16
N THR D 405 -46.09 36.66 13.79
CA THR D 405 -45.85 37.99 13.24
C THR D 405 -44.38 38.42 13.37
N GLN D 406 -43.60 37.69 14.15
CA GLN D 406 -42.15 37.84 14.16
C GLN D 406 -41.48 36.56 14.68
N LEU D 407 -40.18 36.42 14.45
CA LEU D 407 -39.45 35.22 14.86
C LEU D 407 -38.81 35.44 16.22
N ILE D 408 -38.82 34.39 17.04
CA ILE D 408 -38.23 34.44 18.36
C ILE D 408 -37.36 33.22 18.66
N SER D 409 -36.63 33.28 19.76
CA SER D 409 -35.76 32.19 20.20
C SER D 409 -36.24 31.65 21.56
N PRO D 410 -37.09 30.59 21.55
CA PRO D 410 -37.58 30.05 22.83
C PRO D 410 -36.45 29.44 23.64
N SER D 411 -35.33 29.20 22.96
CA SER D 411 -34.16 28.61 23.59
C SER D 411 -32.93 29.05 22.80
N VAL D 412 -31.79 29.12 23.48
CA VAL D 412 -30.50 29.43 22.86
C VAL D 412 -29.63 28.18 22.84
N SER D 413 -30.26 27.03 23.05
CA SER D 413 -29.59 25.73 23.00
C SER D 413 -29.68 25.24 21.55
N TYR D 414 -28.94 25.91 20.67
CA TYR D 414 -29.17 25.81 19.24
C TYR D 414 -27.96 26.34 18.50
N LEU D 415 -27.10 25.44 18.01
CA LEU D 415 -25.88 25.83 17.29
C LEU D 415 -25.62 25.05 15.99
N PRO D 416 -26.61 24.98 15.11
CA PRO D 416 -26.50 24.13 13.91
C PRO D 416 -25.29 24.48 13.03
N PHE D 417 -24.81 25.72 13.09
CA PHE D 417 -23.67 26.13 12.28
C PHE D 417 -22.41 26.28 13.11
N GLY D 418 -22.46 25.78 14.33
CA GLY D 418 -21.35 25.92 15.25
C GLY D 418 -21.28 27.35 15.76
N ALA D 419 -20.08 27.77 16.17
CA ALA D 419 -19.84 29.14 16.67
C ALA D 419 -18.35 29.38 16.94
N GLY D 420 -17.92 30.63 16.88
CA GLY D 420 -16.54 30.98 17.20
C GLY D 420 -15.58 30.73 16.07
N PRO D 421 -14.29 30.54 16.41
CA PRO D 421 -13.23 30.43 15.40
C PRO D 421 -13.43 29.35 14.33
N ARG D 422 -14.16 28.26 14.64
CA ARG D 422 -14.38 27.16 13.69
C ARG D 422 -15.81 27.14 13.17
N SER D 423 -16.56 28.21 13.37
CA SER D 423 -17.95 28.26 12.93
C SER D 423 -18.01 28.07 11.42
N CYS D 424 -19.19 27.69 10.94
CA CYS D 424 -19.42 27.54 9.51
C CYS D 424 -19.16 28.86 8.78
N ILE D 425 -18.43 28.79 7.67
CA ILE D 425 -18.09 29.99 6.90
C ILE D 425 -19.00 30.22 5.70
N GLY D 426 -20.01 29.37 5.55
CA GLY D 426 -20.94 29.46 4.45
C GLY D 426 -22.36 29.38 4.93
N GLU D 427 -22.59 29.90 6.14
CA GLU D 427 -23.91 29.86 6.79
C GLU D 427 -24.87 30.73 6.01
N ILE D 428 -24.40 31.91 5.61
CA ILE D 428 -25.23 32.85 4.88
C ILE D 428 -25.66 32.19 3.58
N LEU D 429 -24.69 31.72 2.80
CA LEU D 429 -24.98 31.03 1.56
C LEU D 429 -26.00 29.91 1.76
N ALA D 430 -25.76 29.09 2.77
CA ALA D 430 -26.61 27.94 3.05
C ALA D 430 -28.02 28.38 3.39
N ARG D 431 -28.15 29.37 4.26
CA ARG D 431 -29.47 29.82 4.67
C ARG D 431 -30.25 30.33 3.46
N GLN D 432 -29.58 31.10 2.60
CA GLN D 432 -30.20 31.66 1.41
C GLN D 432 -30.57 30.60 0.36
N GLU D 433 -29.70 29.62 0.17
CA GLU D 433 -30.01 28.48 -0.69
C GLU D 433 -31.24 27.72 -0.20
N LEU D 434 -31.29 27.44 1.09
CA LEU D 434 -32.38 26.62 1.65
C LEU D 434 -33.71 27.35 1.61
N PHE D 435 -33.66 28.68 1.74
CA PHE D 435 -34.86 29.48 1.71
C PHE D 435 -35.42 29.60 0.30
N LEU D 436 -34.54 29.87 -0.65
CA LEU D 436 -34.96 30.10 -2.03
C LEU D 436 -35.42 28.80 -2.67
N ILE D 437 -34.77 27.69 -2.34
CA ILE D 437 -35.15 26.41 -2.93
C ILE D 437 -36.57 26.06 -2.47
N MET D 438 -36.82 26.15 -1.17
CA MET D 438 -38.11 25.77 -0.62
C MET D 438 -39.23 26.71 -1.07
N ALA D 439 -38.90 27.98 -1.24
CA ALA D 439 -39.87 28.98 -1.67
C ALA D 439 -40.29 28.79 -3.13
N TRP D 440 -39.35 28.43 -3.99
CA TRP D 440 -39.62 28.20 -5.40
C TRP D 440 -40.38 26.90 -5.61
N LEU D 441 -40.03 25.89 -4.82
CA LEU D 441 -40.69 24.59 -4.88
C LEU D 441 -42.15 24.69 -4.47
N LEU D 442 -42.38 25.25 -3.29
CA LEU D 442 -43.72 25.39 -2.75
C LEU D 442 -44.60 26.24 -3.65
N GLN D 443 -44.01 27.27 -4.25
CA GLN D 443 -44.74 28.14 -5.18
C GLN D 443 -45.22 27.37 -6.41
N ARG D 444 -44.29 26.73 -7.11
CA ARG D 444 -44.59 26.07 -8.39
C ARG D 444 -45.21 24.69 -8.25
N PHE D 445 -44.89 23.97 -7.17
CA PHE D 445 -45.22 22.55 -7.11
C PHE D 445 -46.08 22.12 -5.94
N ASP D 446 -46.91 21.12 -6.19
CA ASP D 446 -47.55 20.34 -5.15
C ASP D 446 -46.64 19.16 -4.82
N LEU D 447 -46.45 18.89 -3.54
CA LEU D 447 -45.44 17.93 -3.09
C LEU D 447 -46.08 16.94 -2.13
N GLU D 448 -46.69 15.90 -2.67
CA GLU D 448 -47.48 14.98 -1.85
C GLU D 448 -46.83 13.61 -1.72
N VAL D 449 -47.44 12.78 -0.88
CA VAL D 449 -47.00 11.41 -0.70
C VAL D 449 -47.14 10.69 -2.03
N PRO D 450 -46.22 9.77 -2.34
CA PRO D 450 -46.37 8.99 -3.57
C PRO D 450 -47.56 8.02 -3.52
N ASP D 451 -48.04 7.64 -4.71
CA ASP D 451 -49.17 6.72 -4.79
C ASP D 451 -48.85 5.38 -4.14
N ASP D 452 -47.56 5.06 -4.08
CA ASP D 452 -47.08 3.89 -3.35
C ASP D 452 -47.05 4.25 -1.85
N GLY D 453 -48.22 4.18 -1.22
CA GLY D 453 -48.46 4.69 0.12
C GLY D 453 -47.30 5.09 1.02
N GLN D 454 -46.21 4.33 0.97
CA GLN D 454 -45.14 4.39 1.98
C GLN D 454 -44.54 5.79 2.18
N LEU D 455 -44.15 6.07 3.43
CA LEU D 455 -43.58 7.36 3.85
C LEU D 455 -42.08 7.25 4.15
N PRO D 456 -41.38 8.41 4.15
CA PRO D 456 -39.93 8.41 4.40
C PRO D 456 -39.57 8.17 5.87
N SER D 457 -38.51 7.41 6.12
CA SER D 457 -38.05 7.19 7.49
C SER D 457 -37.23 8.38 7.98
N LEU D 458 -37.64 8.92 9.13
CA LEU D 458 -36.97 10.09 9.70
C LEU D 458 -35.89 9.67 10.71
N GLU D 459 -35.68 8.35 10.83
CA GLU D 459 -34.73 7.81 11.80
C GLU D 459 -33.34 8.40 11.54
N GLY D 460 -32.97 8.48 10.27
CA GLY D 460 -31.69 9.05 9.88
C GLY D 460 -30.55 8.03 9.86
N ILE D 461 -29.58 8.28 8.97
CA ILE D 461 -28.31 7.58 8.98
C ILE D 461 -27.21 8.57 9.39
N PRO D 462 -26.80 8.53 10.67
CA PRO D 462 -25.73 9.44 11.14
C PRO D 462 -24.35 9.06 10.62
N LYS D 463 -23.75 9.98 9.88
CA LYS D 463 -22.37 9.84 9.43
C LYS D 463 -21.72 11.21 9.62
N VAL D 464 -20.73 11.53 8.81
CA VAL D 464 -20.13 12.85 8.88
C VAL D 464 -21.19 13.90 8.52
N VAL D 465 -22.21 13.45 7.81
CA VAL D 465 -23.39 14.25 7.55
C VAL D 465 -24.56 13.41 8.06
N PHE D 466 -25.59 14.07 8.61
CA PHE D 466 -26.78 13.34 9.08
C PHE D 466 -27.77 13.15 7.94
N LEU D 467 -27.71 11.97 7.34
CA LEU D 467 -28.39 11.69 6.08
C LEU D 467 -29.72 11.06 6.33
N ILE D 468 -30.65 11.25 5.39
CA ILE D 468 -31.92 10.56 5.45
C ILE D 468 -31.93 9.53 4.34
N ASP D 469 -32.62 8.42 4.58
CA ASP D 469 -32.77 7.39 3.57
C ASP D 469 -33.43 7.95 2.31
N SER D 470 -32.88 7.56 1.15
CA SER D 470 -33.45 7.97 -0.14
C SER D 470 -34.93 7.61 -0.15
N PHE D 471 -35.75 8.58 -0.55
CA PHE D 471 -37.22 8.44 -0.51
C PHE D 471 -37.82 9.14 -1.71
N LYS D 472 -39.04 8.74 -2.06
CA LYS D 472 -39.72 9.26 -3.26
C LYS D 472 -40.80 10.27 -2.91
N VAL D 473 -41.02 11.22 -3.81
CA VAL D 473 -42.09 12.20 -3.63
C VAL D 473 -42.90 12.36 -4.92
N LYS D 474 -44.21 12.46 -4.78
CA LYS D 474 -45.08 12.77 -5.89
C LYS D 474 -45.07 14.27 -6.09
N ILE D 475 -44.74 14.69 -7.30
CA ILE D 475 -44.60 16.10 -7.62
C ILE D 475 -45.56 16.50 -8.75
N LYS D 476 -46.38 17.52 -8.48
CA LYS D 476 -47.35 18.04 -9.44
C LYS D 476 -47.22 19.55 -9.53
N VAL D 477 -47.50 20.09 -10.71
CA VAL D 477 -47.52 21.53 -10.92
C VAL D 477 -48.83 22.10 -10.41
N ARG D 478 -48.73 23.09 -9.52
CA ARG D 478 -49.89 23.63 -8.81
C ARG D 478 -50.88 24.29 -9.74
N GLN D 479 -52.16 24.12 -9.43
CA GLN D 479 -53.23 24.72 -10.20
C GLN D 479 -53.04 26.23 -10.33
N ALA D 480 -52.64 26.86 -9.23
CA ALA D 480 -52.48 28.30 -9.20
C ALA D 480 -51.34 28.76 -10.08
N TRP D 481 -50.37 27.87 -10.30
CA TRP D 481 -49.22 28.20 -11.14
C TRP D 481 -49.64 28.27 -12.61
N ARG D 482 -50.42 27.29 -13.03
CA ARG D 482 -50.86 27.18 -14.42
C ARG D 482 -51.71 28.38 -14.78
N GLU D 483 -52.66 28.70 -13.90
CA GLU D 483 -53.66 29.73 -14.15
C GLU D 483 -53.05 31.15 -14.09
N ALA D 484 -51.74 31.25 -13.88
CA ALA D 484 -51.04 32.53 -13.85
C ALA D 484 -50.02 32.65 -14.99
N GLN D 485 -50.06 31.70 -15.93
CA GLN D 485 -49.20 31.69 -17.12
C GLN D 485 -47.72 31.98 -16.81
#